data_8QVN
#
_entry.id   8QVN
#
_cell.length_a   1.00
_cell.length_b   1.00
_cell.length_c   1.00
_cell.angle_alpha   90.00
_cell.angle_beta   90.00
_cell.angle_gamma   90.00
#
_symmetry.space_group_name_H-M   'P 1'
#
loop_
_entity.id
_entity.type
_entity.pdbx_description
1 polymer 'Gap junction protein'
2 non-polymer DODECYL-BETA-D-MALTOSIDE
3 non-polymer PHOSPHATIDYLETHANOLAMINE
4 water water
#
_entity_poly.entity_id   1
_entity_poly.type   'polypeptide(L)'
_entity_poly.pdbx_seq_one_letter_code
;MDWGTLQAVLGGVNKHSTSIGKIWLTVLFIFRIMILVVAAERVWGDEQQDFVCNTLQPGCRNVCYDHFFPISHIRLWALQ
LIFVSTPALLVAMHVAYTRHERKRRFRSGDKINIEELKNEKIHIRGPLWWTYTCSIFFRIVFEAVFMYVFYYMYDGYQMP
RLVKCDAWPCPNVVDCFVSRPTEKTTFTIFMLAVSGICMMLNLAELCYLVIKVCLKDSGKTTVLK
;
_entity_poly.pdbx_strand_id   A,B,C,D,E,F,G,H,I,J,K,L
#
# COMPACT_ATOMS: atom_id res chain seq x y z
N VAL A 9 -31.74 35.60 -25.95
CA VAL A 9 -31.79 36.64 -26.97
C VAL A 9 -33.22 37.14 -27.13
N LEU A 10 -34.14 36.21 -27.39
CA LEU A 10 -35.54 36.58 -27.59
C LEU A 10 -36.13 37.19 -26.31
N GLY A 11 -35.79 36.64 -25.15
CA GLY A 11 -36.30 37.15 -23.90
C GLY A 11 -35.55 38.36 -23.40
N GLY A 12 -35.17 39.26 -24.30
CA GLY A 12 -34.49 40.48 -23.93
C GLY A 12 -34.89 41.66 -24.79
N VAL A 13 -36.04 41.55 -25.47
CA VAL A 13 -36.52 42.57 -26.39
C VAL A 13 -37.88 43.06 -25.90
N ASN A 14 -38.00 44.37 -25.72
CA ASN A 14 -39.27 45.00 -25.38
C ASN A 14 -39.39 46.30 -26.17
N LYS A 15 -40.63 46.75 -26.34
CA LYS A 15 -40.87 47.97 -27.12
C LYS A 15 -40.35 49.22 -26.43
N HIS A 16 -40.02 49.15 -25.14
CA HIS A 16 -39.44 50.27 -24.43
C HIS A 16 -37.93 50.16 -24.26
N SER A 17 -37.31 49.11 -24.80
CA SER A 17 -35.88 48.90 -24.63
C SER A 17 -35.08 49.73 -25.62
N THR A 18 -34.03 50.38 -25.13
CA THR A 18 -33.15 51.19 -25.96
C THR A 18 -32.08 50.29 -26.60
N SER A 19 -31.08 50.91 -27.21
CA SER A 19 -30.00 50.15 -27.83
C SER A 19 -29.18 49.39 -26.80
N ILE A 20 -29.02 49.97 -25.61
CA ILE A 20 -28.22 49.32 -24.57
C ILE A 20 -28.82 47.99 -24.18
N GLY A 21 -30.13 47.97 -23.92
CA GLY A 21 -30.78 46.72 -23.54
C GLY A 21 -30.84 45.72 -24.68
N LYS A 22 -31.04 46.21 -25.90
CA LYS A 22 -31.23 45.30 -27.04
C LYS A 22 -29.93 44.61 -27.43
N ILE A 23 -28.82 45.33 -27.39
CA ILE A 23 -27.56 44.86 -27.96
C ILE A 23 -26.53 44.55 -26.88
N TRP A 24 -26.11 45.58 -26.12
CA TRP A 24 -24.96 45.43 -25.24
C TRP A 24 -25.23 44.46 -24.10
N LEU A 25 -26.40 44.59 -23.45
CA LEU A 25 -26.72 43.70 -22.35
C LEU A 25 -26.91 42.27 -22.82
N THR A 26 -27.51 42.09 -24.00
CA THR A 26 -27.71 40.74 -24.53
C THR A 26 -26.37 40.07 -24.83
N VAL A 27 -25.43 40.82 -25.41
CA VAL A 27 -24.13 40.24 -25.75
C VAL A 27 -23.37 39.87 -24.48
N LEU A 28 -23.40 40.74 -23.47
CA LEU A 28 -22.69 40.47 -22.22
C LEU A 28 -23.26 39.25 -21.52
N PHE A 29 -24.58 39.07 -21.56
CA PHE A 29 -25.18 37.89 -20.96
C PHE A 29 -24.73 36.61 -21.66
N ILE A 30 -24.68 36.62 -22.98
CA ILE A 30 -24.15 35.48 -23.72
C ILE A 30 -22.67 35.30 -23.42
N PHE A 31 -21.95 36.42 -23.25
CA PHE A 31 -20.53 36.35 -22.92
C PHE A 31 -20.30 35.63 -21.60
N ARG A 32 -21.11 35.94 -20.59
CA ARG A 32 -20.94 35.31 -19.28
C ARG A 32 -21.30 33.84 -19.34
N ILE A 33 -22.33 33.47 -20.10
CA ILE A 33 -22.71 32.06 -20.22
C ILE A 33 -21.61 31.27 -20.90
N MET A 34 -21.04 31.81 -21.98
CA MET A 34 -20.02 31.09 -22.72
C MET A 34 -18.79 30.82 -21.85
N ILE A 35 -18.36 31.83 -21.09
CA ILE A 35 -17.20 31.67 -20.22
C ILE A 35 -17.47 30.61 -19.16
N LEU A 36 -18.69 30.61 -18.60
N LEU A 36 -18.67 30.63 -18.58
CA LEU A 36 -19.04 29.65 -17.56
CA LEU A 36 -19.00 29.71 -17.50
C LEU A 36 -19.03 28.22 -18.11
C LEU A 36 -19.15 28.28 -18.01
N VAL A 37 -19.49 28.03 -19.35
N VAL A 37 -19.72 28.11 -19.20
CA VAL A 37 -19.57 26.69 -19.93
CA VAL A 37 -20.10 26.79 -19.68
C VAL A 37 -18.17 26.08 -20.08
C VAL A 37 -18.92 26.06 -20.32
N VAL A 38 -17.21 26.87 -20.58
N VAL A 38 -18.29 26.65 -21.32
CA VAL A 38 -15.88 26.33 -20.84
CA VAL A 38 -17.31 25.95 -22.13
C VAL A 38 -15.03 26.19 -19.59
C VAL A 38 -15.88 26.17 -21.62
N ALA A 39 -15.42 26.82 -18.47
N ALA A 39 -15.70 27.06 -20.64
CA ALA A 39 -14.59 26.86 -17.28
CA ALA A 39 -14.35 27.30 -20.14
C ALA A 39 -15.21 26.12 -16.10
C ALA A 39 -14.21 26.97 -18.66
N ALA A 40 -16.31 25.40 -16.30
N ALA A 40 -15.09 27.52 -17.84
CA ALA A 40 -16.99 24.75 -15.18
CA ALA A 40 -14.86 27.50 -16.38
C ALA A 40 -16.54 23.31 -14.98
C ALA A 40 -15.15 26.14 -15.77
N GLU A 41 -16.74 22.47 -16.00
N GLU A 41 -16.16 25.43 -16.28
CA GLU A 41 -16.46 21.04 -15.85
CA GLU A 41 -16.64 24.24 -15.58
C GLU A 41 -14.98 20.73 -15.82
C GLU A 41 -15.56 23.16 -15.49
N ARG A 42 -14.13 21.64 -16.26
N ARG A 42 -14.66 23.10 -16.48
CA ARG A 42 -12.70 21.36 -16.39
CA ARG A 42 -13.59 22.10 -16.45
C ARG A 42 -11.85 22.07 -15.36
C ARG A 42 -12.51 22.44 -15.44
N VAL A 43 -12.20 23.29 -14.96
N VAL A 43 -12.43 23.68 -14.99
CA VAL A 43 -11.36 24.01 -14.00
CA VAL A 43 -11.40 24.08 -14.03
C VAL A 43 -11.74 23.65 -12.58
C VAL A 43 -11.75 23.63 -12.61
N TRP A 44 -13.04 23.63 -12.27
CA TRP A 44 -13.51 23.31 -10.92
C TRP A 44 -13.89 21.84 -10.77
N GLY A 45 -13.55 21.00 -11.75
CA GLY A 45 -13.99 19.61 -11.69
C GLY A 45 -13.40 18.83 -10.53
N ASP A 46 -12.11 19.02 -10.27
CA ASP A 46 -11.39 18.27 -9.24
C ASP A 46 -11.11 19.11 -8.00
N GLU A 47 -12.05 19.97 -7.61
CA GLU A 47 -11.82 20.88 -6.50
C GLU A 47 -11.58 20.13 -5.19
N GLN A 48 -12.39 19.11 -4.91
CA GLN A 48 -12.20 18.32 -3.69
C GLN A 48 -11.33 17.11 -3.90
N GLN A 49 -11.37 16.50 -5.08
CA GLN A 49 -10.58 15.31 -5.33
C GLN A 49 -9.08 15.59 -5.23
N ASP A 50 -8.65 16.77 -5.72
CA ASP A 50 -7.24 17.16 -5.69
C ASP A 50 -6.94 18.12 -4.54
N PHE A 51 -7.78 18.15 -3.51
CA PHE A 51 -7.52 18.92 -2.31
C PHE A 51 -6.67 18.07 -1.38
N VAL A 52 -5.40 18.43 -1.24
CA VAL A 52 -4.40 17.60 -0.55
C VAL A 52 -4.07 18.24 0.79
N CYS A 53 -4.19 17.47 1.86
CA CYS A 53 -3.88 17.90 3.20
C CYS A 53 -2.77 17.04 3.80
N ASN A 54 -1.85 17.69 4.51
CA ASN A 54 -0.69 17.02 5.11
C ASN A 54 -1.08 16.51 6.49
N THR A 55 -1.73 15.35 6.50
CA THR A 55 -2.19 14.76 7.76
C THR A 55 -2.51 13.28 7.53
N LEU A 56 -2.60 12.55 8.63
CA LEU A 56 -3.06 11.16 8.62
C LEU A 56 -4.42 10.99 9.29
N GLN A 57 -5.08 12.10 9.65
CA GLN A 57 -6.34 12.02 10.36
C GLN A 57 -7.48 11.75 9.38
N PRO A 58 -8.25 10.68 9.55
CA PRO A 58 -9.42 10.48 8.70
C PRO A 58 -10.46 11.56 8.92
N GLY A 59 -11.06 12.03 7.83
CA GLY A 59 -12.09 13.03 7.88
C GLY A 59 -11.61 14.46 7.88
N CYS A 60 -10.30 14.69 7.97
CA CYS A 60 -9.79 16.06 7.98
C CYS A 60 -9.91 16.70 6.61
N ARG A 61 -9.77 15.91 5.54
CA ARG A 61 -9.93 16.45 4.18
C ARG A 61 -11.34 16.99 3.95
N ASN A 62 -12.34 16.25 4.41
CA ASN A 62 -13.72 16.66 4.19
C ASN A 62 -14.06 17.95 4.94
N VAL A 63 -13.68 18.03 6.21
CA VAL A 63 -14.06 19.19 7.01
C VAL A 63 -13.29 20.43 6.60
N CYS A 64 -12.02 20.27 6.21
CA CYS A 64 -11.22 21.45 5.84
C CYS A 64 -11.66 22.01 4.50
N TYR A 65 -11.99 21.15 3.54
CA TYR A 65 -12.49 21.64 2.27
C TYR A 65 -13.83 22.35 2.44
N ASP A 66 -14.72 21.78 3.24
CA ASP A 66 -16.02 22.39 3.46
C ASP A 66 -15.91 23.69 4.23
N HIS A 67 -14.89 23.83 5.08
CA HIS A 67 -14.73 25.04 5.86
C HIS A 67 -14.29 26.22 5.00
N PHE A 68 -13.41 25.96 4.02
CA PHE A 68 -12.85 27.04 3.23
C PHE A 68 -13.61 27.31 1.93
N PHE A 69 -14.40 26.35 1.46
CA PHE A 69 -15.21 26.52 0.25
C PHE A 69 -16.64 26.08 0.55
N PRO A 70 -17.36 26.87 1.36
CA PRO A 70 -18.76 26.49 1.68
C PRO A 70 -19.66 26.40 0.47
N ILE A 71 -19.45 27.28 -0.52
CA ILE A 71 -20.14 27.19 -1.80
C ILE A 71 -19.09 27.37 -2.90
N SER A 72 -19.12 26.50 -3.90
CA SER A 72 -18.16 26.57 -4.98
C SER A 72 -18.38 27.85 -5.81
N HIS A 73 -17.29 28.33 -6.40
CA HIS A 73 -17.37 29.56 -7.20
C HIS A 73 -18.31 29.41 -8.38
N ILE A 74 -18.23 28.26 -9.08
CA ILE A 74 -19.06 28.07 -10.26
C ILE A 74 -20.54 27.97 -9.88
N ARG A 75 -20.84 27.37 -8.73
CA ARG A 75 -22.23 27.31 -8.31
C ARG A 75 -22.79 28.67 -7.96
N LEU A 76 -21.96 29.55 -7.40
CA LEU A 76 -22.40 30.91 -7.11
C LEU A 76 -22.72 31.67 -8.39
N TRP A 77 -21.88 31.54 -9.41
CA TRP A 77 -22.12 32.23 -10.67
C TRP A 77 -23.32 31.66 -11.39
N ALA A 78 -23.53 30.34 -11.31
CA ALA A 78 -24.71 29.74 -11.92
C ALA A 78 -25.99 30.26 -11.27
N LEU A 79 -25.99 30.38 -9.94
CA LEU A 79 -27.15 30.94 -9.26
C LEU A 79 -27.39 32.39 -9.66
N GLN A 80 -26.32 33.18 -9.79
CA GLN A 80 -26.48 34.58 -10.15
C GLN A 80 -27.07 34.73 -11.55
N LEU A 81 -26.61 33.91 -12.51
CA LEU A 81 -27.14 34.00 -13.86
C LEU A 81 -28.63 33.64 -13.89
N ILE A 82 -29.04 32.65 -13.10
CA ILE A 82 -30.44 32.27 -13.04
C ILE A 82 -31.27 33.41 -12.46
N PHE A 83 -30.77 34.07 -11.41
CA PHE A 83 -31.54 35.12 -10.75
C PHE A 83 -31.68 36.35 -11.64
N VAL A 84 -30.58 36.78 -12.27
CA VAL A 84 -30.63 38.01 -13.06
C VAL A 84 -31.40 37.84 -14.36
N SER A 85 -31.61 36.60 -14.80
CA SER A 85 -32.39 36.35 -16.00
C SER A 85 -33.87 36.10 -15.70
N THR A 86 -34.23 35.94 -14.44
CA THR A 86 -35.64 35.74 -14.08
C THR A 86 -36.51 36.95 -14.40
N PRO A 87 -36.13 38.19 -14.05
CA PRO A 87 -37.01 39.33 -14.40
C PRO A 87 -37.26 39.48 -15.88
N ALA A 88 -36.26 39.17 -16.72
CA ALA A 88 -36.47 39.22 -18.16
C ALA A 88 -37.48 38.17 -18.60
N LEU A 89 -37.43 36.98 -18.00
CA LEU A 89 -38.39 35.94 -18.34
C LEU A 89 -39.80 36.32 -17.89
N LEU A 90 -39.92 36.96 -16.72
CA LEU A 90 -41.23 37.37 -16.24
C LEU A 90 -41.86 38.42 -17.15
N VAL A 91 -41.05 39.35 -17.66
CA VAL A 91 -41.58 40.40 -18.53
C VAL A 91 -42.10 39.79 -19.83
N ALA A 92 -41.38 38.82 -20.38
CA ALA A 92 -41.79 38.23 -21.65
C ALA A 92 -43.15 37.54 -21.54
N MET A 93 -43.37 36.80 -20.44
CA MET A 93 -44.66 36.15 -20.24
C MET A 93 -45.78 37.17 -20.08
N HIS A 94 -45.51 38.26 -19.36
CA HIS A 94 -46.53 39.30 -19.19
C HIS A 94 -46.89 39.94 -20.52
N VAL A 95 -45.91 40.12 -21.40
CA VAL A 95 -46.18 40.69 -22.72
C VAL A 95 -47.09 39.77 -23.52
N ALA A 96 -46.78 38.47 -23.52
CA ALA A 96 -47.59 37.51 -24.26
C ALA A 96 -49.00 37.43 -23.71
N TYR A 97 -49.15 37.44 -22.38
CA TYR A 97 -50.46 37.40 -21.77
C TYR A 97 -51.26 38.66 -22.11
N THR A 98 -50.62 39.83 -22.06
CA THR A 98 -51.32 41.06 -22.43
C THR A 98 -51.65 41.08 -23.91
N ARG A 99 -50.72 40.62 -24.76
CA ARG A 99 -50.98 40.58 -26.19
C ARG A 99 -52.12 39.63 -26.55
N HIS A 100 -52.19 38.48 -25.88
CA HIS A 100 -53.31 37.56 -26.10
C HIS A 100 -54.62 38.19 -25.65
N GLU A 101 -54.63 38.85 -24.50
CA GLU A 101 -55.87 39.43 -23.98
C GLU A 101 -56.35 40.57 -24.87
N ARG A 102 -55.44 41.41 -25.35
CA ARG A 102 -55.84 42.56 -26.16
C ARG A 102 -56.52 42.13 -27.45
N LYS A 103 -55.98 41.11 -28.12
CA LYS A 103 -56.60 40.61 -29.34
C LYS A 103 -57.93 39.94 -29.04
N ARG A 104 -58.00 39.17 -27.95
CA ARG A 104 -59.22 38.44 -27.63
C ARG A 104 -60.39 39.37 -27.36
N ARG A 105 -60.15 40.45 -26.61
CA ARG A 105 -61.21 41.40 -26.31
C ARG A 105 -61.38 42.40 -27.45
N ARG A 125 -46.25 54.60 -22.80
CA ARG A 125 -46.18 54.17 -21.41
C ARG A 125 -47.21 53.08 -21.12
N GLY A 126 -47.90 53.21 -19.99
CA GLY A 126 -48.91 52.27 -19.61
C GLY A 126 -48.41 51.21 -18.65
N PRO A 127 -48.97 50.00 -18.73
CA PRO A 127 -48.55 48.93 -17.82
C PRO A 127 -47.22 48.31 -18.22
N LEU A 128 -46.93 48.29 -19.52
CA LEU A 128 -45.68 47.72 -19.99
C LEU A 128 -44.48 48.55 -19.55
N TRP A 129 -44.64 49.87 -19.44
CA TRP A 129 -43.54 50.72 -19.00
C TRP A 129 -43.12 50.40 -17.57
N TRP A 130 -44.10 50.18 -16.69
CA TRP A 130 -43.78 49.91 -15.29
C TRP A 130 -43.15 48.53 -15.12
N THR A 131 -43.64 47.54 -15.87
CA THR A 131 -43.07 46.20 -15.76
C THR A 131 -41.63 46.17 -16.22
N TYR A 132 -41.31 46.85 -17.33
CA TYR A 132 -39.94 46.89 -17.81
C TYR A 132 -39.04 47.65 -16.85
N THR A 133 -39.53 48.77 -16.31
CA THR A 133 -38.74 49.54 -15.35
C THR A 133 -38.47 48.75 -14.08
N CYS A 134 -39.48 48.03 -13.59
CA CYS A 134 -39.29 47.24 -12.38
C CYS A 134 -38.29 46.11 -12.60
N SER A 135 -38.31 45.49 -13.78
CA SER A 135 -37.38 44.40 -14.06
C SER A 135 -35.93 44.89 -14.06
N ILE A 136 -35.70 46.10 -14.55
CA ILE A 136 -34.34 46.65 -14.55
C ILE A 136 -33.87 46.87 -13.11
N PHE A 137 -34.75 47.36 -12.25
CA PHE A 137 -34.38 47.59 -10.86
C PHE A 137 -33.98 46.30 -10.16
N PHE A 138 -34.73 45.22 -10.39
CA PHE A 138 -34.42 43.96 -9.74
C PHE A 138 -33.14 43.33 -10.29
N ARG A 139 -32.81 43.60 -11.55
CA ARG A 139 -31.56 43.11 -12.10
C ARG A 139 -30.35 43.76 -11.41
N ILE A 140 -30.46 45.04 -11.10
CA ILE A 140 -29.39 45.72 -10.38
C ILE A 140 -29.24 45.15 -8.97
N VAL A 141 -30.36 44.91 -8.29
CA VAL A 141 -30.31 44.44 -6.91
C VAL A 141 -29.69 43.04 -6.86
N PHE A 142 -30.11 42.15 -7.75
CA PHE A 142 -29.57 40.80 -7.77
C PHE A 142 -28.09 40.80 -8.10
N GLU A 143 -27.68 41.66 -9.05
CA GLU A 143 -26.27 41.76 -9.38
C GLU A 143 -25.44 42.23 -8.19
N ALA A 144 -25.93 43.27 -7.48
CA ALA A 144 -25.17 43.80 -6.36
C ALA A 144 -25.11 42.81 -5.20
N VAL A 145 -26.20 42.10 -4.94
CA VAL A 145 -26.25 41.18 -3.81
C VAL A 145 -25.24 40.06 -3.98
N PHE A 146 -25.11 39.52 -5.19
CA PHE A 146 -24.26 38.36 -5.38
C PHE A 146 -22.78 38.71 -5.30
N MET A 147 -22.39 39.91 -5.71
CA MET A 147 -20.99 40.30 -5.54
C MET A 147 -20.68 40.63 -4.10
N TYR A 148 -21.63 41.17 -3.35
CA TYR A 148 -21.41 41.38 -1.92
C TYR A 148 -21.26 40.05 -1.20
N VAL A 149 -22.08 39.06 -1.56
CA VAL A 149 -21.95 37.73 -0.97
C VAL A 149 -20.57 37.15 -1.28
N PHE A 150 -20.07 37.40 -2.48
CA PHE A 150 -18.75 36.92 -2.85
C PHE A 150 -17.66 37.52 -1.97
N TYR A 151 -17.75 38.83 -1.71
CA TYR A 151 -16.73 39.48 -0.90
C TYR A 151 -16.89 39.15 0.59
N TYR A 152 -18.12 38.94 1.04
CA TYR A 152 -18.34 38.54 2.42
C TYR A 152 -17.82 37.13 2.68
N MET A 153 -17.80 36.29 1.65
CA MET A 153 -17.50 34.87 1.78
C MET A 153 -16.06 34.52 1.44
N TYR A 154 -15.47 35.19 0.45
CA TYR A 154 -14.12 34.89 -0.01
C TYR A 154 -13.19 36.09 0.06
N ASP A 155 -13.61 37.19 0.68
CA ASP A 155 -12.85 38.41 0.96
C ASP A 155 -11.81 38.76 -0.11
N GLY A 156 -12.22 38.75 -1.36
CA GLY A 156 -11.36 39.14 -2.45
C GLY A 156 -11.51 38.21 -3.63
N TYR A 157 -10.65 38.40 -4.63
CA TYR A 157 -10.66 37.58 -5.83
C TYR A 157 -9.47 36.62 -5.91
N GLN A 158 -8.51 36.73 -5.00
CA GLN A 158 -7.29 35.93 -5.06
C GLN A 158 -7.49 34.63 -4.30
N MET A 159 -7.37 33.51 -5.00
CA MET A 159 -7.45 32.19 -4.38
C MET A 159 -6.07 31.78 -3.85
N PRO A 160 -5.95 31.44 -2.58
CA PRO A 160 -4.63 31.11 -2.03
C PRO A 160 -4.16 29.72 -2.43
N ARG A 161 -2.83 29.55 -2.41
CA ARG A 161 -2.25 28.23 -2.63
C ARG A 161 -2.38 27.35 -1.39
N LEU A 162 -2.29 27.94 -0.21
CA LEU A 162 -2.29 27.21 1.05
C LEU A 162 -3.39 27.74 1.96
N VAL A 163 -4.07 26.81 2.62
CA VAL A 163 -5.04 27.15 3.65
C VAL A 163 -4.67 26.38 4.92
N LYS A 164 -4.79 27.05 6.07
CA LYS A 164 -4.49 26.45 7.36
C LYS A 164 -5.79 26.22 8.11
N CYS A 165 -6.07 24.96 8.43
CA CYS A 165 -7.37 24.54 8.93
C CYS A 165 -7.21 23.89 10.29
N ASP A 166 -8.04 24.29 11.25
CA ASP A 166 -7.97 23.76 12.60
C ASP A 166 -9.32 23.25 13.10
N ALA A 167 -10.25 22.97 12.20
CA ALA A 167 -11.54 22.44 12.61
C ALA A 167 -11.41 20.98 13.06
N TRP A 168 -12.22 20.61 14.03
CA TRP A 168 -12.26 19.23 14.48
C TRP A 168 -12.68 18.32 13.32
N PRO A 169 -12.08 17.13 13.17
CA PRO A 169 -11.11 16.46 14.04
C PRO A 169 -9.64 16.71 13.69
N CYS A 170 -9.31 17.72 12.91
CA CYS A 170 -7.92 17.94 12.53
C CYS A 170 -7.10 18.34 13.75
N PRO A 171 -5.97 17.68 14.01
CA PRO A 171 -5.18 18.00 15.20
C PRO A 171 -4.32 19.23 14.98
N ASN A 172 -4.39 20.17 15.92
CA ASN A 172 -3.64 21.44 15.89
C ASN A 172 -4.01 22.15 14.59
N VAL A 173 -3.05 22.56 13.76
CA VAL A 173 -3.31 23.24 12.51
C VAL A 173 -2.71 22.41 11.38
N VAL A 174 -3.50 22.18 10.33
CA VAL A 174 -3.13 21.30 9.23
C VAL A 174 -2.99 22.12 7.97
N ASP A 175 -1.91 21.89 7.22
CA ASP A 175 -1.71 22.53 5.92
C ASP A 175 -2.46 21.78 4.84
N CYS A 176 -3.24 22.50 4.04
CA CYS A 176 -3.95 21.93 2.91
C CYS A 176 -3.67 22.77 1.67
N PHE A 177 -3.66 22.13 0.51
CA PHE A 177 -3.24 22.75 -0.73
C PHE A 177 -4.37 22.73 -1.75
N VAL A 178 -4.62 23.87 -2.38
CA VAL A 178 -5.73 24.07 -3.30
C VAL A 178 -5.30 23.64 -4.70
N SER A 179 -6.28 23.23 -5.51
CA SER A 179 -6.04 22.80 -6.88
C SER A 179 -6.23 23.96 -7.85
N ARG A 180 -5.23 24.19 -8.70
CA ARG A 180 -5.26 25.23 -9.71
C ARG A 180 -5.65 26.62 -9.18
N PRO A 181 -4.95 27.12 -8.16
CA PRO A 181 -5.32 28.45 -7.63
C PRO A 181 -5.16 29.58 -8.62
N THR A 182 -4.16 29.51 -9.51
CA THR A 182 -3.92 30.63 -10.42
C THR A 182 -4.99 30.71 -11.51
N GLU A 183 -5.36 29.57 -12.09
CA GLU A 183 -6.39 29.57 -13.12
C GLU A 183 -7.74 29.98 -12.56
N LYS A 184 -8.05 29.55 -11.34
CA LYS A 184 -9.31 29.94 -10.72
C LYS A 184 -9.34 31.42 -10.40
N THR A 185 -8.19 32.01 -10.06
CA THR A 185 -8.13 33.45 -9.83
C THR A 185 -8.40 34.22 -11.12
N THR A 186 -7.86 33.75 -12.24
CA THR A 186 -8.03 34.45 -13.51
C THR A 186 -9.49 34.51 -13.92
N PHE A 187 -10.22 33.39 -13.78
CA PHE A 187 -11.62 33.37 -14.17
C PHE A 187 -12.49 34.15 -13.18
N THR A 188 -12.08 34.21 -11.91
CA THR A 188 -12.81 35.02 -10.95
C THR A 188 -12.76 36.49 -11.33
N ILE A 189 -11.61 36.96 -11.82
CA ILE A 189 -11.49 38.35 -12.27
C ILE A 189 -12.41 38.62 -13.45
N PHE A 190 -12.49 37.66 -14.38
CA PHE A 190 -13.33 37.84 -15.57
C PHE A 190 -14.80 38.01 -15.19
N MET A 191 -15.31 37.13 -14.34
CA MET A 191 -16.73 37.18 -13.99
C MET A 191 -17.04 38.42 -13.16
N LEU A 192 -16.14 38.81 -12.25
CA LEU A 192 -16.36 40.01 -11.46
C LEU A 192 -16.37 41.26 -12.33
N ALA A 193 -15.45 41.33 -13.31
CA ALA A 193 -15.39 42.50 -14.17
C ALA A 193 -16.63 42.61 -15.04
N VAL A 194 -17.09 41.51 -15.63
CA VAL A 194 -18.26 41.56 -16.50
C VAL A 194 -19.51 41.85 -15.69
N SER A 195 -19.61 41.28 -14.49
CA SER A 195 -20.75 41.57 -13.63
C SER A 195 -20.79 43.04 -13.23
N GLY A 196 -19.62 43.64 -12.97
CA GLY A 196 -19.59 45.06 -12.68
C GLY A 196 -19.99 45.91 -13.86
N ILE A 197 -19.57 45.52 -15.06
CA ILE A 197 -19.96 46.25 -16.27
C ILE A 197 -21.46 46.13 -16.51
N CYS A 198 -22.02 44.93 -16.26
CA CYS A 198 -23.45 44.73 -16.47
C CYS A 198 -24.28 45.60 -15.52
N MET A 199 -23.81 45.78 -14.29
CA MET A 199 -24.51 46.65 -13.35
C MET A 199 -24.49 48.09 -13.80
N MET A 200 -23.35 48.55 -14.35
CA MET A 200 -23.26 49.92 -14.85
C MET A 200 -24.20 50.14 -16.03
N LEU A 201 -24.26 49.19 -16.95
CA LEU A 201 -25.13 49.33 -18.11
C LEU A 201 -26.60 49.36 -17.69
N ASN A 202 -26.98 48.52 -16.73
CA ASN A 202 -28.35 48.54 -16.23
C ASN A 202 -28.68 49.85 -15.57
N LEU A 203 -27.73 50.42 -14.81
CA LEU A 203 -27.95 51.71 -14.18
C LEU A 203 -28.12 52.82 -15.21
N ALA A 204 -27.32 52.79 -16.28
CA ALA A 204 -27.42 53.80 -17.32
C ALA A 204 -28.78 53.73 -18.01
N GLU A 205 -29.26 52.51 -18.30
CA GLU A 205 -30.56 52.37 -18.95
C GLU A 205 -31.68 52.86 -18.04
N LEU A 206 -31.58 52.59 -16.73
CA LEU A 206 -32.58 53.08 -15.79
C LEU A 206 -32.62 54.60 -15.77
N CYS A 207 -31.46 55.25 -15.78
CA CYS A 207 -31.42 56.70 -15.78
C CYS A 207 -31.96 57.26 -17.09
N TYR A 208 -31.70 56.57 -18.20
CA TYR A 208 -32.18 57.05 -19.50
C TYR A 208 -33.70 57.08 -19.55
N LEU A 209 -34.36 56.07 -18.98
CA LEU A 209 -35.82 56.03 -19.00
C LEU A 209 -36.42 57.05 -18.05
N VAL A 210 -35.81 57.24 -16.89
CA VAL A 210 -36.39 58.12 -15.87
C VAL A 210 -36.34 59.57 -16.34
N ILE A 211 -35.19 60.02 -16.83
CA ILE A 211 -35.07 61.42 -17.24
C ILE A 211 -35.93 61.70 -18.47
N LYS A 212 -36.07 60.73 -19.37
CA LYS A 212 -36.88 60.94 -20.56
C LYS A 212 -38.34 61.16 -20.21
N VAL A 213 -38.87 60.36 -19.28
CA VAL A 213 -40.26 60.54 -18.88
C VAL A 213 -40.42 61.77 -18.00
N CYS A 214 -39.39 62.12 -17.22
CA CYS A 214 -39.49 63.30 -16.35
C CYS A 214 -39.36 64.58 -17.16
N LEU A 215 -38.43 64.63 -18.10
CA LEU A 215 -38.20 65.82 -18.90
C LEU A 215 -38.35 65.53 -20.39
N VAL B 9 -21.65 30.99 -38.98
CA VAL B 9 -21.81 31.18 -40.42
C VAL B 9 -22.71 32.37 -40.70
N LEU B 10 -23.90 32.36 -40.10
CA LEU B 10 -24.85 33.45 -40.32
C LEU B 10 -24.32 34.76 -39.76
N GLY B 11 -23.66 34.72 -38.60
CA GLY B 11 -23.12 35.92 -38.00
C GLY B 11 -21.77 36.32 -38.58
N GLY B 12 -21.63 36.18 -39.90
CA GLY B 12 -20.41 36.58 -40.57
C GLY B 12 -20.67 37.16 -41.95
N VAL B 13 -21.90 37.60 -42.20
CA VAL B 13 -22.31 38.11 -43.50
C VAL B 13 -22.82 39.54 -43.31
N ASN B 14 -22.23 40.47 -44.06
CA ASN B 14 -22.69 41.85 -44.09
C ASN B 14 -22.65 42.34 -45.53
N LYS B 15 -23.44 43.37 -45.82
CA LYS B 15 -23.51 43.89 -47.19
C LYS B 15 -22.22 44.56 -47.63
N HIS B 16 -21.30 44.86 -46.70
CA HIS B 16 -20.01 45.43 -47.04
C HIS B 16 -18.89 44.40 -47.04
N SER B 17 -19.19 43.13 -46.80
CA SER B 17 -18.17 42.11 -46.71
C SER B 17 -17.79 41.59 -48.09
N THR B 18 -16.49 41.46 -48.32
CA THR B 18 -15.97 40.96 -49.59
C THR B 18 -15.95 39.42 -49.56
N SER B 19 -15.29 38.83 -50.55
CA SER B 19 -15.20 37.37 -50.61
C SER B 19 -14.36 36.82 -49.45
N ILE B 20 -13.34 37.57 -49.02
CA ILE B 20 -12.48 37.11 -47.95
C ILE B 20 -13.28 36.92 -46.66
N GLY B 21 -14.07 37.93 -46.30
CA GLY B 21 -14.87 37.83 -45.09
C GLY B 21 -15.97 36.79 -45.20
N LYS B 22 -16.57 36.67 -46.38
CA LYS B 22 -17.72 35.78 -46.54
C LYS B 22 -17.31 34.31 -46.51
N ILE B 23 -16.15 33.98 -47.11
CA ILE B 23 -15.78 32.60 -47.36
C ILE B 23 -14.57 32.19 -46.51
N TRP B 24 -13.42 32.83 -46.74
CA TRP B 24 -12.18 32.33 -46.17
C TRP B 24 -12.15 32.47 -44.65
N LEU B 25 -12.58 33.62 -44.13
CA LEU B 25 -12.57 33.83 -42.69
C LEU B 25 -13.58 32.91 -42.00
N THR B 26 -14.74 32.70 -42.63
CA THR B 26 -15.75 31.82 -42.04
C THR B 26 -15.24 30.39 -41.97
N VAL B 27 -14.60 29.91 -43.03
CA VAL B 27 -14.09 28.54 -43.03
C VAL B 27 -13.00 28.37 -41.98
N LEU B 28 -12.09 29.34 -41.87
CA LEU B 28 -11.02 29.24 -40.88
C LEU B 28 -11.57 29.23 -39.46
N PHE B 29 -12.61 30.02 -39.20
CA PHE B 29 -13.21 30.02 -37.87
C PHE B 29 -13.81 28.66 -37.54
N ILE B 30 -14.52 28.05 -38.49
CA ILE B 30 -15.04 26.70 -38.28
C ILE B 30 -13.89 25.71 -38.14
N PHE B 31 -12.81 25.93 -38.90
CA PHE B 31 -11.64 25.06 -38.80
C PHE B 31 -11.06 25.06 -37.40
N ARG B 32 -10.96 26.24 -36.78
CA ARG B 32 -10.40 26.33 -35.43
C ARG B 32 -11.32 25.68 -34.40
N ILE B 33 -12.64 25.84 -34.56
CA ILE B 33 -13.57 25.25 -33.62
C ILE B 33 -13.51 23.73 -33.68
N MET B 34 -13.47 23.17 -34.89
CA MET B 34 -13.46 21.71 -35.03
C MET B 34 -12.20 21.12 -34.40
N ILE B 35 -11.04 21.73 -34.64
CA ILE B 35 -9.80 21.24 -34.07
C ILE B 35 -9.86 21.29 -32.54
N LEU B 36 -10.41 22.38 -32.00
N LEU B 36 -10.38 22.38 -32.00
CA LEU B 36 -10.51 22.51 -30.54
CA LEU B 36 -10.42 22.55 -30.55
C LEU B 36 -11.41 21.45 -29.94
C LEU B 36 -11.43 21.61 -29.90
N VAL B 37 -12.50 21.09 -30.63
N VAL B 37 -12.56 21.40 -30.54
CA VAL B 37 -13.45 20.14 -30.09
CA VAL B 37 -13.66 20.66 -29.92
C VAL B 37 -12.83 18.76 -29.96
C VAL B 37 -13.48 19.16 -30.03
N VAL B 38 -12.08 18.32 -30.98
N VAL B 38 -13.35 18.63 -31.24
CA VAL B 38 -11.52 16.97 -30.96
CA VAL B 38 -13.39 17.20 -31.47
C VAL B 38 -10.26 16.87 -30.10
C VAL B 38 -12.01 16.57 -31.43
N ALA B 39 -9.68 17.98 -29.69
N ALA B 39 -10.96 17.37 -31.38
CA ALA B 39 -8.40 17.96 -28.98
CA ALA B 39 -9.61 16.81 -31.37
C ALA B 39 -8.50 18.46 -27.55
C ALA B 39 -8.83 17.17 -30.10
N ALA B 40 -9.71 18.72 -27.04
N ALA B 40 -8.76 18.46 -29.78
CA ALA B 40 -9.85 19.31 -25.72
CA ALA B 40 -7.80 18.92 -28.79
C ALA B 40 -10.04 18.25 -24.64
C ALA B 40 -8.25 18.61 -27.36
N GLU B 41 -11.11 17.46 -24.75
N GLU B 41 -9.55 18.68 -27.09
CA GLU B 41 -11.46 16.52 -23.69
CA GLU B 41 -10.02 18.63 -25.71
C GLU B 41 -10.52 15.31 -23.64
C GLU B 41 -9.65 17.32 -25.03
N ARG B 42 -9.77 15.06 -24.71
N ARG B 42 -9.64 16.21 -25.77
CA ARG B 42 -8.95 13.86 -24.78
CA ARG B 42 -9.28 14.92 -25.21
C ARG B 42 -7.46 14.13 -24.64
C ARG B 42 -7.80 14.83 -24.84
N VAL B 43 -6.96 15.24 -25.18
N VAL B 43 -6.95 15.61 -25.48
CA VAL B 43 -5.52 15.51 -25.11
CA VAL B 43 -5.52 15.57 -25.18
C VAL B 43 -5.17 16.19 -23.80
C VAL B 43 -5.19 16.17 -23.81
N TRP B 44 -5.92 17.22 -23.41
CA TRP B 44 -5.63 17.95 -22.18
C TRP B 44 -6.45 17.44 -20.99
N GLY B 45 -7.14 16.31 -21.15
CA GLY B 45 -8.02 15.84 -20.09
C GLY B 45 -7.30 15.47 -18.81
N ASP B 46 -6.15 14.82 -18.91
CA ASP B 46 -5.41 14.33 -17.75
C ASP B 46 -4.15 15.16 -17.49
N GLU B 47 -4.24 16.47 -17.68
CA GLU B 47 -3.05 17.33 -17.55
C GLU B 47 -2.49 17.30 -16.14
N GLN B 48 -3.35 17.38 -15.13
CA GLN B 48 -2.87 17.34 -13.75
C GLN B 48 -2.87 15.94 -13.18
N GLN B 49 -3.82 15.10 -13.59
CA GLN B 49 -3.91 13.73 -13.05
C GLN B 49 -2.66 12.93 -13.37
N ASP B 50 -2.12 13.09 -14.58
CA ASP B 50 -0.93 12.37 -15.00
C ASP B 50 0.33 13.22 -14.92
N PHE B 51 0.32 14.27 -14.08
CA PHE B 51 1.50 15.07 -13.80
C PHE B 51 2.25 14.39 -12.66
N VAL B 52 3.41 13.81 -12.97
CA VAL B 52 4.14 12.96 -12.03
C VAL B 52 5.38 13.69 -11.57
N CYS B 53 5.57 13.78 -10.25
CA CYS B 53 6.73 14.42 -9.64
C CYS B 53 7.46 13.40 -8.77
N ASN B 54 8.80 13.44 -8.84
CA ASN B 54 9.65 12.51 -8.09
C ASN B 54 9.92 13.10 -6.72
N THR B 55 8.97 12.90 -5.81
CA THR B 55 9.08 13.43 -4.46
C THR B 55 8.09 12.70 -3.54
N LEU B 56 8.30 12.86 -2.25
CA LEU B 56 7.37 12.36 -1.24
C LEU B 56 6.71 13.50 -0.46
N GLN B 57 6.95 14.75 -0.86
CA GLN B 57 6.41 15.89 -0.14
C GLN B 57 4.94 16.10 -0.49
N PRO B 58 4.03 16.08 0.47
CA PRO B 58 2.62 16.37 0.16
C PRO B 58 2.45 17.80 -0.33
N GLY B 59 1.61 17.97 -1.34
CA GLY B 59 1.31 19.28 -1.88
C GLY B 59 2.27 19.77 -2.94
N CYS B 60 3.37 19.05 -3.20
CA CYS B 60 4.32 19.49 -4.21
C CYS B 60 3.75 19.33 -5.62
N ARG B 61 2.89 18.33 -5.84
CA ARG B 61 2.28 18.16 -7.15
C ARG B 61 1.37 19.34 -7.49
N ASN B 62 0.61 19.83 -6.52
CA ASN B 62 -0.33 20.92 -6.79
C ASN B 62 0.41 22.21 -7.11
N VAL B 63 1.44 22.56 -6.32
CA VAL B 63 2.10 23.84 -6.51
C VAL B 63 2.96 23.84 -7.76
N CYS B 64 3.57 22.71 -8.11
CA CYS B 64 4.44 22.69 -9.28
C CYS B 64 3.64 22.72 -10.57
N TYR B 65 2.50 22.03 -10.61
CA TYR B 65 1.64 22.11 -11.79
C TYR B 65 1.10 23.52 -11.97
N ASP B 66 0.66 24.15 -10.87
CA ASP B 66 0.13 25.50 -10.96
C ASP B 66 1.20 26.51 -11.35
N HIS B 67 2.45 26.26 -10.97
CA HIS B 67 3.53 27.19 -11.29
C HIS B 67 3.85 27.18 -12.77
N PHE B 68 3.82 26.00 -13.40
CA PHE B 68 4.24 25.88 -14.79
C PHE B 68 3.09 25.98 -15.79
N PHE B 69 1.85 25.79 -15.35
CA PHE B 69 0.68 25.91 -16.20
C PHE B 69 -0.36 26.80 -15.51
N PRO B 70 -0.07 28.10 -15.39
CA PRO B 70 -1.05 28.97 -14.72
C PRO B 70 -2.41 29.01 -15.42
N ILE B 71 -2.43 28.94 -16.74
CA ILE B 71 -3.66 28.78 -17.51
C ILE B 71 -3.44 27.69 -18.54
N SER B 72 -4.39 26.76 -18.64
CA SER B 72 -4.25 25.67 -19.59
C SER B 72 -4.33 26.19 -21.02
N HIS B 73 -3.67 25.47 -21.94
CA HIS B 73 -3.65 25.88 -23.33
C HIS B 73 -5.05 25.93 -23.93
N ILE B 74 -5.85 24.90 -23.66
CA ILE B 74 -7.18 24.83 -24.26
C ILE B 74 -8.08 25.94 -23.73
N ARG B 75 -7.93 26.31 -22.46
CA ARG B 75 -8.72 27.41 -21.92
C ARG B 75 -8.34 28.74 -22.55
N LEU B 76 -7.06 28.92 -22.88
CA LEU B 76 -6.63 30.14 -23.56
C LEU B 76 -7.23 30.23 -24.96
N TRP B 77 -7.25 29.12 -25.69
CA TRP B 77 -7.82 29.14 -27.05
C TRP B 77 -9.33 29.30 -27.01
N ALA B 78 -9.98 28.74 -26.00
CA ALA B 78 -11.42 28.93 -25.86
C ALA B 78 -11.75 30.39 -25.59
N LEU B 79 -10.95 31.06 -24.76
CA LEU B 79 -11.17 32.48 -24.51
C LEU B 79 -10.93 33.30 -25.77
N GLN B 80 -9.90 32.96 -26.54
CA GLN B 80 -9.60 33.71 -27.75
C GLN B 80 -10.73 33.60 -28.76
N LEU B 81 -11.29 32.41 -28.92
CA LEU B 81 -12.39 32.22 -29.87
C LEU B 81 -13.62 33.03 -29.45
N ILE B 82 -13.90 33.09 -28.14
CA ILE B 82 -15.03 33.86 -27.66
C ILE B 82 -14.81 35.35 -27.94
N PHE B 83 -13.60 35.85 -27.71
CA PHE B 83 -13.33 37.27 -27.87
C PHE B 83 -13.40 37.69 -29.34
N VAL B 84 -12.79 36.91 -30.23
CA VAL B 84 -12.72 37.32 -31.63
C VAL B 84 -14.06 37.16 -32.34
N SER B 85 -14.97 36.37 -31.79
CA SER B 85 -16.30 36.24 -32.36
C SER B 85 -17.29 37.24 -31.79
N THR B 86 -16.93 37.95 -30.73
CA THR B 86 -17.81 38.97 -30.16
C THR B 86 -18.09 40.12 -31.11
N PRO B 87 -17.09 40.74 -31.77
CA PRO B 87 -17.43 41.84 -32.69
C PRO B 87 -18.37 41.43 -33.82
N ALA B 88 -18.25 40.20 -34.32
CA ALA B 88 -19.17 39.74 -35.35
C ALA B 88 -20.59 39.64 -34.80
N LEU B 89 -20.74 39.18 -33.55
CA LEU B 89 -22.06 39.09 -32.95
C LEU B 89 -22.65 40.48 -32.72
N LEU B 90 -21.82 41.44 -32.30
CA LEU B 90 -22.32 42.79 -32.07
C LEU B 90 -22.83 43.43 -33.36
N VAL B 91 -22.12 43.22 -34.47
CA VAL B 91 -22.53 43.79 -35.74
C VAL B 91 -23.88 43.22 -36.17
N ALA B 92 -24.08 41.91 -36.00
CA ALA B 92 -25.33 41.29 -36.43
C ALA B 92 -26.53 41.87 -35.70
N MET B 93 -26.40 42.08 -34.39
CA MET B 93 -27.50 42.68 -33.64
C MET B 93 -27.77 44.11 -34.09
N HIS B 94 -26.71 44.88 -34.38
CA HIS B 94 -26.89 46.24 -34.84
C HIS B 94 -27.62 46.27 -36.18
N VAL B 95 -27.33 45.32 -37.06
CA VAL B 95 -28.01 45.26 -38.36
C VAL B 95 -29.49 44.99 -38.17
N ALA B 96 -29.82 44.03 -37.30
CA ALA B 96 -31.22 43.70 -37.05
C ALA B 96 -31.96 44.87 -36.42
N TYR B 97 -31.31 45.55 -35.47
CA TYR B 97 -31.95 46.70 -34.84
C TYR B 97 -32.18 47.83 -35.83
N THR B 98 -31.20 48.09 -36.71
CA THR B 98 -31.38 49.12 -37.73
C THR B 98 -32.43 48.70 -38.75
N ARG B 99 -32.42 47.43 -39.16
CA ARG B 99 -33.41 46.95 -40.12
C ARG B 99 -34.82 47.02 -39.57
N HIS B 100 -35.00 46.70 -38.28
CA HIS B 100 -36.32 46.84 -37.66
C HIS B 100 -36.75 48.30 -37.59
N GLU B 101 -35.83 49.19 -37.24
CA GLU B 101 -36.18 50.61 -37.10
C GLU B 101 -36.53 51.21 -38.46
N ARG B 102 -35.78 50.85 -39.51
CA ARG B 102 -36.02 51.44 -40.82
C ARG B 102 -37.41 51.09 -41.34
N LYS B 103 -37.82 49.84 -41.19
CA LYS B 103 -39.16 49.44 -41.62
C LYS B 103 -40.23 50.10 -40.77
N ARG B 104 -40.01 50.18 -39.46
CA ARG B 104 -41.03 50.73 -38.56
C ARG B 104 -41.31 52.20 -38.87
N ARG B 105 -40.27 52.98 -39.12
CA ARG B 105 -40.46 54.40 -39.43
C ARG B 105 -40.77 54.59 -40.90
N ARG B 125 -22.13 53.34 -48.02
CA ARG B 125 -21.49 53.65 -46.75
C ARG B 125 -22.54 53.85 -45.66
N GLY B 126 -22.35 54.90 -44.86
CA GLY B 126 -23.28 55.22 -43.79
C GLY B 126 -22.83 54.68 -42.45
N PRO B 127 -23.80 54.33 -41.60
CA PRO B 127 -23.45 53.82 -40.26
C PRO B 127 -22.98 52.38 -40.30
N LEU B 128 -23.51 51.58 -41.23
CA LEU B 128 -23.12 50.19 -41.36
C LEU B 128 -21.65 50.04 -41.76
N TRP B 129 -21.15 50.97 -42.58
CA TRP B 129 -19.75 50.89 -43.00
C TRP B 129 -18.80 51.06 -41.82
N TRP B 130 -19.10 51.99 -40.91
CA TRP B 130 -18.22 52.22 -39.78
C TRP B 130 -18.26 51.06 -38.78
N THR B 131 -19.45 50.50 -38.56
CA THR B 131 -19.56 49.38 -37.61
C THR B 131 -18.79 48.17 -38.11
N TYR B 132 -18.91 47.85 -39.41
CA TYR B 132 -18.16 46.72 -39.95
C TYR B 132 -16.67 46.98 -39.92
N THR B 133 -16.24 48.19 -40.25
CA THR B 133 -14.82 48.50 -40.23
C THR B 133 -14.26 48.43 -38.81
N CYS B 134 -15.01 48.91 -37.83
CA CYS B 134 -14.55 48.88 -36.45
C CYS B 134 -14.45 47.45 -35.94
N SER B 135 -15.37 46.58 -36.35
CA SER B 135 -15.33 45.19 -35.91
C SER B 135 -14.09 44.48 -36.42
N ILE B 136 -13.67 44.78 -37.65
CA ILE B 136 -12.46 44.18 -38.20
C ILE B 136 -11.24 44.61 -37.41
N PHE B 137 -11.20 45.88 -37.00
CA PHE B 137 -10.06 46.37 -36.24
C PHE B 137 -9.94 45.66 -34.90
N PHE B 138 -11.06 45.44 -34.21
CA PHE B 138 -11.03 44.78 -32.91
C PHE B 138 -10.66 43.30 -33.03
N ARG B 139 -11.01 42.68 -34.16
CA ARG B 139 -10.62 41.29 -34.37
C ARG B 139 -9.11 41.15 -34.48
N ILE B 140 -8.46 42.10 -35.15
CA ILE B 140 -7.00 42.08 -35.24
C ILE B 140 -6.37 42.27 -33.88
N VAL B 141 -6.91 43.19 -33.08
CA VAL B 141 -6.33 43.49 -31.77
C VAL B 141 -6.43 42.28 -30.85
N PHE B 142 -7.60 41.64 -30.82
CA PHE B 142 -7.79 40.48 -29.95
C PHE B 142 -6.91 39.32 -30.39
N GLU B 143 -6.78 39.10 -31.70
CA GLU B 143 -5.92 38.04 -32.19
C GLU B 143 -4.47 38.26 -31.81
N ALA B 144 -3.99 39.50 -31.94
CA ALA B 144 -2.60 39.80 -31.61
C ALA B 144 -2.34 39.72 -30.12
N VAL B 145 -3.30 40.17 -29.31
CA VAL B 145 -3.10 40.19 -27.85
C VAL B 145 -2.96 38.78 -27.31
N PHE B 146 -3.80 37.86 -27.79
CA PHE B 146 -3.82 36.52 -27.21
C PHE B 146 -2.55 35.73 -27.56
N MET B 147 -1.98 35.94 -28.75
CA MET B 147 -0.74 35.23 -29.06
C MET B 147 0.45 35.83 -28.32
N TYR B 148 0.45 37.14 -28.09
CA TYR B 148 1.50 37.74 -27.27
C TYR B 148 1.43 37.22 -25.84
N VAL B 149 0.22 37.06 -25.31
CA VAL B 149 0.06 36.47 -23.99
C VAL B 149 0.60 35.05 -23.98
N PHE B 150 0.40 34.31 -25.07
CA PHE B 150 0.92 32.95 -25.16
C PHE B 150 2.45 32.95 -25.13
N TYR B 151 3.09 33.87 -25.85
CA TYR B 151 4.55 33.90 -25.86
C TYR B 151 5.11 34.47 -24.56
N TYR B 152 4.39 35.40 -23.93
CA TYR B 152 4.84 35.92 -22.64
C TYR B 152 4.73 34.86 -21.55
N MET B 153 3.82 33.90 -21.70
CA MET B 153 3.50 32.94 -20.66
C MET B 153 4.18 31.59 -20.85
N TYR B 154 4.39 31.16 -22.10
CA TYR B 154 4.97 29.85 -22.38
C TYR B 154 6.19 29.93 -23.28
N ASP B 155 6.69 31.14 -23.56
CA ASP B 155 7.92 31.44 -24.31
C ASP B 155 8.22 30.47 -25.45
N GLY B 156 7.21 30.17 -26.26
CA GLY B 156 7.39 29.32 -27.43
C GLY B 156 6.23 28.36 -27.57
N TYR B 157 6.38 27.45 -28.54
CA TYR B 157 5.36 26.45 -28.82
C TYR B 157 5.74 25.05 -28.36
N GLN B 158 6.98 24.85 -27.90
CA GLN B 158 7.48 23.52 -27.56
C GLN B 158 7.21 23.23 -26.09
N MET B 159 6.40 22.22 -25.82
CA MET B 159 6.15 21.77 -24.45
C MET B 159 7.27 20.85 -24.00
N PRO B 160 7.91 21.13 -22.86
CA PRO B 160 9.00 20.28 -22.40
C PRO B 160 8.51 18.98 -21.79
N ARG B 161 9.38 17.97 -21.84
CA ARG B 161 9.10 16.70 -21.16
C ARG B 161 9.31 16.83 -19.66
N LEU B 162 10.29 17.63 -19.25
CA LEU B 162 10.68 17.76 -17.84
C LEU B 162 10.62 19.21 -17.42
N VAL B 163 10.09 19.45 -16.22
CA VAL B 163 10.11 20.76 -15.59
C VAL B 163 10.74 20.61 -14.22
N LYS B 164 11.58 21.57 -13.85
CA LYS B 164 12.26 21.57 -12.55
C LYS B 164 11.64 22.66 -11.68
N CYS B 165 11.06 22.27 -10.56
CA CYS B 165 10.23 23.13 -9.74
C CYS B 165 10.83 23.25 -8.35
N ASP B 166 10.95 24.48 -7.86
CA ASP B 166 11.53 24.73 -6.53
C ASP B 166 10.63 25.57 -5.65
N ALA B 167 9.35 25.67 -5.97
CA ALA B 167 8.42 26.43 -5.15
C ALA B 167 8.13 25.70 -3.85
N TRP B 168 7.91 26.47 -2.79
CA TRP B 168 7.53 25.89 -1.51
C TRP B 168 6.21 25.15 -1.66
N PRO B 169 6.03 23.99 -1.01
CA PRO B 169 6.91 23.32 -0.05
C PRO B 169 7.87 22.30 -0.65
N CYS B 170 8.13 22.33 -1.94
CA CYS B 170 8.99 21.31 -2.53
C CYS B 170 10.42 21.51 -2.06
N PRO B 171 11.09 20.47 -1.56
CA PRO B 171 12.45 20.63 -1.04
C PRO B 171 13.47 20.64 -2.16
N ASN B 172 14.35 21.65 -2.15
CA ASN B 172 15.40 21.83 -3.14
C ASN B 172 14.71 21.93 -4.51
N VAL B 173 15.13 21.14 -5.50
CA VAL B 173 14.53 21.16 -6.83
C VAL B 173 13.96 19.78 -7.11
N VAL B 174 12.73 19.72 -7.59
CA VAL B 174 11.99 18.48 -7.81
C VAL B 174 11.75 18.31 -9.29
N ASP B 175 12.02 17.10 -9.80
CA ASP B 175 11.75 16.78 -11.19
C ASP B 175 10.29 16.38 -11.37
N CYS B 176 9.62 16.96 -12.35
CA CYS B 176 8.24 16.65 -12.67
C CYS B 176 8.11 16.41 -14.16
N PHE B 177 7.19 15.50 -14.53
CA PHE B 177 7.08 15.02 -15.90
C PHE B 177 5.69 15.35 -16.45
N VAL B 178 5.66 15.94 -17.63
CA VAL B 178 4.45 16.40 -18.29
C VAL B 178 3.80 15.25 -19.04
N SER B 179 2.48 15.31 -19.18
CA SER B 179 1.71 14.29 -19.87
C SER B 179 1.52 14.67 -21.34
N ARG B 180 1.85 13.74 -22.23
CA ARG B 180 1.73 13.91 -23.67
C ARG B 180 2.33 15.22 -24.20
N PRO B 181 3.61 15.49 -23.92
CA PRO B 181 4.20 16.74 -24.41
C PRO B 181 4.26 16.84 -25.92
N THR B 182 4.46 15.72 -26.63
CA THR B 182 4.62 15.79 -28.08
C THR B 182 3.30 16.09 -28.77
N GLU B 183 2.22 15.44 -28.36
CA GLU B 183 0.92 15.70 -28.98
C GLU B 183 0.45 17.11 -28.69
N LYS B 184 0.69 17.61 -27.48
CA LYS B 184 0.32 18.98 -27.15
C LYS B 184 1.10 19.99 -27.98
N THR B 185 2.37 19.70 -28.27
CA THR B 185 3.17 20.59 -29.10
C THR B 185 2.61 20.66 -30.52
N THR B 186 2.16 19.52 -31.06
CA THR B 186 1.64 19.49 -32.42
C THR B 186 0.40 20.35 -32.56
N PHE B 187 -0.52 20.25 -31.60
CA PHE B 187 -1.75 21.04 -31.68
C PHE B 187 -1.49 22.52 -31.40
N THR B 188 -0.44 22.83 -30.63
CA THR B 188 -0.07 24.22 -30.43
C THR B 188 0.37 24.88 -31.74
N ILE B 189 1.13 24.15 -32.55
CA ILE B 189 1.58 24.68 -33.84
C ILE B 189 0.39 24.91 -34.75
N PHE B 190 -0.61 24.01 -34.71
CA PHE B 190 -1.78 24.16 -35.57
C PHE B 190 -2.55 25.43 -35.22
N MET B 191 -2.83 25.65 -33.94
CA MET B 191 -3.61 26.82 -33.55
C MET B 191 -2.85 28.11 -33.79
N LEU B 192 -1.54 28.11 -33.54
CA LEU B 192 -0.74 29.30 -33.79
C LEU B 192 -0.71 29.64 -35.28
N ALA B 193 -0.56 28.62 -36.13
CA ALA B 193 -0.51 28.86 -37.57
C ALA B 193 -1.82 29.42 -38.09
N VAL B 194 -2.95 28.86 -37.65
CA VAL B 194 -4.25 29.32 -38.15
C VAL B 194 -4.56 30.71 -37.61
N SER B 195 -4.22 30.98 -36.35
CA SER B 195 -4.43 32.31 -35.80
C SER B 195 -3.61 33.35 -36.53
N GLY B 196 -2.38 33.01 -36.91
CA GLY B 196 -1.56 33.94 -37.68
C GLY B 196 -2.14 34.21 -39.06
N ILE B 197 -2.69 33.18 -39.69
CA ILE B 197 -3.33 33.34 -40.99
C ILE B 197 -4.59 34.20 -40.87
N CYS B 198 -5.31 34.05 -39.76
CA CYS B 198 -6.55 34.80 -39.58
C CYS B 198 -6.26 36.30 -39.48
N MET B 199 -5.18 36.68 -38.82
CA MET B 199 -4.83 38.10 -38.75
C MET B 199 -4.50 38.65 -40.13
N MET B 200 -3.75 37.89 -40.92
CA MET B 200 -3.34 38.36 -42.25
C MET B 200 -4.55 38.56 -43.15
N LEU B 201 -5.52 37.65 -43.08
CA LEU B 201 -6.76 37.83 -43.84
C LEU B 201 -7.55 39.03 -43.36
N ASN B 202 -7.61 39.23 -42.03
CA ASN B 202 -8.30 40.39 -41.49
C ASN B 202 -7.59 41.69 -41.88
N LEU B 203 -6.26 41.67 -41.86
CA LEU B 203 -5.52 42.87 -42.27
C LEU B 203 -5.73 43.17 -43.74
N ALA B 204 -5.77 42.13 -44.59
CA ALA B 204 -5.98 42.34 -46.01
C ALA B 204 -7.36 42.94 -46.28
N GLU B 205 -8.38 42.45 -45.57
CA GLU B 205 -9.73 42.98 -45.77
C GLU B 205 -9.81 44.43 -45.32
N LEU B 206 -9.13 44.78 -44.22
CA LEU B 206 -9.11 46.16 -43.77
C LEU B 206 -8.47 47.07 -44.80
N CYS B 207 -7.37 46.62 -45.42
CA CYS B 207 -6.71 47.42 -46.45
C CYS B 207 -7.59 47.54 -47.69
N TYR B 208 -8.32 46.48 -48.04
CA TYR B 208 -9.18 46.52 -49.22
C TYR B 208 -10.28 47.56 -49.08
N LEU B 209 -10.87 47.66 -47.89
CA LEU B 209 -11.95 48.63 -47.69
C LEU B 209 -11.42 50.06 -47.64
N VAL B 210 -10.25 50.26 -47.02
CA VAL B 210 -9.73 51.61 -46.83
C VAL B 210 -9.33 52.23 -48.16
N ILE B 211 -8.58 51.50 -48.98
CA ILE B 211 -8.13 52.05 -50.25
C ILE B 211 -9.30 52.26 -51.21
N LYS B 212 -10.31 51.39 -51.16
CA LYS B 212 -11.46 51.54 -52.05
C LYS B 212 -12.22 52.83 -51.76
N VAL B 213 -12.44 53.13 -50.47
CA VAL B 213 -13.13 54.36 -50.12
C VAL B 213 -12.23 55.58 -50.34
N CYS B 214 -10.92 55.42 -50.16
CA CYS B 214 -10.01 56.55 -50.34
C CYS B 214 -9.81 56.85 -51.82
N LEU B 215 -9.64 55.82 -52.64
CA LEU B 215 -9.41 56.00 -54.07
C LEU B 215 -10.46 55.28 -54.90
N VAL C 9 -23.59 15.74 -46.31
CA VAL C 9 -24.40 15.33 -47.44
C VAL C 9 -24.68 16.51 -48.36
N LEU C 10 -25.22 17.59 -47.78
CA LEU C 10 -25.54 18.77 -48.57
C LEU C 10 -24.27 19.39 -49.16
N GLY C 11 -23.19 19.44 -48.38
CA GLY C 11 -21.95 20.01 -48.86
C GLY C 11 -21.15 19.05 -49.73
N GLY C 12 -21.83 18.30 -50.58
CA GLY C 12 -21.17 17.40 -51.49
C GLY C 12 -21.85 17.31 -52.84
N VAL C 13 -22.68 18.30 -53.16
CA VAL C 13 -23.47 18.31 -54.39
C VAL C 13 -23.11 19.56 -55.18
N ASN C 14 -22.71 19.37 -56.43
CA ASN C 14 -22.45 20.45 -57.36
C ASN C 14 -23.03 20.08 -58.72
N LYS C 15 -23.30 21.09 -59.54
CA LYS C 15 -23.89 20.84 -60.85
C LYS C 15 -22.92 20.15 -61.81
N HIS C 16 -21.63 20.08 -61.48
CA HIS C 16 -20.66 19.36 -62.29
C HIS C 16 -20.31 17.99 -61.71
N SER C 17 -20.93 17.60 -60.59
CA SER C 17 -20.60 16.33 -59.95
C SER C 17 -21.31 15.18 -60.63
N THR C 18 -20.57 14.09 -60.86
CA THR C 18 -21.12 12.89 -61.49
C THR C 18 -21.75 12.01 -60.42
N SER C 19 -22.09 10.77 -60.79
CA SER C 19 -22.68 9.84 -59.83
C SER C 19 -21.70 9.45 -58.74
N ILE C 20 -20.41 9.36 -59.09
CA ILE C 20 -19.40 8.95 -58.11
C ILE C 20 -19.33 9.95 -56.97
N GLY C 21 -19.21 11.24 -57.30
CA GLY C 21 -19.14 12.26 -56.26
C GLY C 21 -20.44 12.40 -55.49
N LYS C 22 -21.58 12.22 -56.17
CA LYS C 22 -22.86 12.46 -55.53
C LYS C 22 -23.23 11.35 -54.56
N ILE C 23 -22.89 10.11 -54.88
CA ILE C 23 -23.36 8.94 -54.14
C ILE C 23 -22.22 8.24 -53.40
N TRP C 24 -21.24 7.72 -54.15
CA TRP C 24 -20.26 6.81 -53.55
C TRP C 24 -19.36 7.55 -52.57
N LEU C 25 -18.87 8.73 -52.94
CA LEU C 25 -17.99 9.47 -52.06
C LEU C 25 -18.72 9.95 -50.82
N THR C 26 -19.99 10.35 -50.96
CA THR C 26 -20.76 10.78 -49.81
C THR C 26 -20.99 9.64 -48.82
N VAL C 27 -21.30 8.45 -49.33
CA VAL C 27 -21.52 7.30 -48.45
C VAL C 27 -20.24 6.92 -47.72
N LEU C 28 -19.12 6.91 -48.44
CA LEU C 28 -17.85 6.54 -47.81
C LEU C 28 -17.46 7.53 -46.72
N PHE C 29 -17.71 8.82 -46.95
CA PHE C 29 -17.41 9.83 -45.94
C PHE C 29 -18.23 9.60 -44.68
N ILE C 30 -19.53 9.32 -44.84
CA ILE C 30 -20.36 8.99 -43.69
C ILE C 30 -19.91 7.69 -43.06
N PHE C 31 -19.46 6.75 -43.88
CA PHE C 31 -18.94 5.48 -43.37
C PHE C 31 -17.76 5.69 -42.44
N ARG C 32 -16.81 6.55 -42.86
CA ARG C 32 -15.64 6.80 -42.02
C ARG C 32 -16.01 7.51 -40.73
N ILE C 33 -16.94 8.46 -40.79
CA ILE C 33 -17.34 9.17 -39.58
C ILE C 33 -18.00 8.23 -38.59
N MET C 34 -18.89 7.35 -39.08
CA MET C 34 -19.59 6.44 -38.17
C MET C 34 -18.63 5.50 -37.48
N ILE C 35 -17.66 4.95 -38.21
CA ILE C 35 -16.67 4.07 -37.61
C ILE C 35 -15.86 4.81 -36.56
N LEU C 36 -15.46 6.05 -36.85
N LEU C 36 -15.44 6.04 -36.87
CA LEU C 36 -14.68 6.83 -35.90
CA LEU C 36 -14.60 6.79 -35.94
C LEU C 36 -15.45 7.10 -34.62
C LEU C 36 -15.36 7.21 -34.69
N VAL C 37 -16.75 7.36 -34.73
N VAL C 37 -16.63 7.60 -34.85
CA VAL C 37 -17.55 7.71 -33.56
CA VAL C 37 -17.38 8.22 -33.76
C VAL C 37 -17.62 6.53 -32.59
C VAL C 37 -17.93 7.17 -32.80
N VAL C 38 -17.83 5.32 -33.10
N VAL C 38 -18.75 6.25 -33.30
CA VAL C 38 -18.00 4.16 -32.22
CA VAL C 38 -19.51 5.36 -32.43
C VAL C 38 -16.68 3.61 -31.70
C VAL C 38 -18.78 4.04 -32.18
N ALA C 39 -15.56 4.02 -32.27
N ALA C 39 -17.64 3.82 -32.85
CA ALA C 39 -14.26 3.44 -31.92
CA ALA C 39 -16.93 2.56 -32.63
C ALA C 39 -13.33 4.43 -31.24
C ALA C 39 -15.52 2.78 -32.09
N ALA C 40 -13.79 5.63 -30.92
N ALA C 40 -14.73 3.62 -32.76
CA ALA C 40 -12.90 6.65 -30.37
CA ALA C 40 -13.30 3.66 -32.49
C ALA C 40 -12.89 6.65 -28.84
C ALA C 40 -12.97 4.42 -31.22
N GLU C 41 -14.06 6.89 -28.24
N GLU C 41 -13.71 5.49 -30.92
CA GLU C 41 -14.12 7.05 -26.79
CA GLU C 41 -13.32 6.39 -29.84
C GLU C 41 -13.93 5.74 -26.04
C GLU C 41 -13.26 5.68 -28.49
N ARG C 42 -14.11 4.61 -26.70
N ARG C 42 -14.11 4.68 -28.28
CA ARG C 42 -14.07 3.32 -26.02
CA ARG C 42 -14.11 3.94 -27.03
C ARG C 42 -12.81 2.53 -26.30
C ARG C 42 -12.92 3.01 -26.89
N VAL C 43 -12.29 2.55 -27.53
N VAL C 43 -12.27 2.64 -28.00
CA VAL C 43 -11.11 1.75 -27.84
CA VAL C 43 -11.12 1.75 -27.94
C VAL C 43 -9.83 2.47 -27.43
C VAL C 43 -9.87 2.48 -27.43
N TRP C 44 -9.73 3.77 -27.73
CA TRP C 44 -8.55 4.54 -27.39
C TRP C 44 -8.70 5.33 -26.10
N GLY C 45 -9.76 5.07 -25.33
CA GLY C 45 -10.00 5.87 -24.13
C GLY C 45 -8.92 5.72 -23.07
N ASP C 46 -8.45 4.50 -22.85
CA ASP C 46 -7.49 4.20 -21.79
C ASP C 46 -6.10 3.94 -22.34
N GLU C 47 -5.70 4.67 -23.38
CA GLU C 47 -4.44 4.38 -24.04
C GLU C 47 -3.25 4.59 -23.12
N GLN C 48 -3.22 5.71 -22.39
CA GLN C 48 -2.14 5.95 -21.44
C GLN C 48 -2.43 5.40 -20.05
N GLN C 49 -3.70 5.39 -19.64
CA GLN C 49 -4.05 4.92 -18.30
C GLN C 49 -3.70 3.45 -18.12
N ASP C 50 -3.92 2.63 -19.15
CA ASP C 50 -3.61 1.21 -19.09
C ASP C 50 -2.30 0.86 -19.78
N PHE C 51 -1.41 1.84 -19.95
CA PHE C 51 -0.06 1.61 -20.45
C PHE C 51 0.80 1.21 -19.25
N VAL C 52 1.22 -0.05 -19.22
CA VAL C 52 1.89 -0.63 -18.05
C VAL C 52 3.35 -0.88 -18.39
N CYS C 53 4.24 -0.36 -17.54
CA CYS C 53 5.68 -0.52 -17.71
C CYS C 53 6.25 -1.24 -16.49
N ASN C 54 7.18 -2.16 -16.74
CA ASN C 54 7.79 -2.95 -15.68
C ASN C 54 9.01 -2.21 -15.14
N THR C 55 8.74 -1.28 -14.22
CA THR C 55 9.79 -0.46 -13.63
C THR C 55 9.27 0.20 -12.37
N LEU C 56 10.20 0.71 -11.57
CA LEU C 56 9.89 1.51 -10.39
C LEU C 56 10.33 2.96 -10.55
N GLN C 57 10.80 3.34 -11.74
CA GLN C 57 11.31 4.68 -11.96
C GLN C 57 10.16 5.67 -12.16
N PRO C 58 10.06 6.71 -11.36
CA PRO C 58 9.02 7.72 -11.58
C PRO C 58 9.24 8.46 -12.88
N GLY C 59 8.17 8.67 -13.63
CA GLY C 59 8.21 9.39 -14.87
C GLY C 59 8.52 8.56 -16.10
N CYS C 60 8.86 7.28 -15.93
CA CYS C 60 9.17 6.44 -17.07
C CYS C 60 7.92 6.13 -17.88
N ARG C 61 6.76 6.04 -17.23
CA ARG C 61 5.52 5.80 -17.96
C ARG C 61 5.19 6.94 -18.91
N ASN C 62 5.41 8.18 -18.47
CA ASN C 62 5.07 9.34 -19.30
C ASN C 62 5.97 9.44 -20.52
N VAL C 63 7.28 9.28 -20.32
CA VAL C 63 8.21 9.47 -21.43
C VAL C 63 8.12 8.33 -22.44
N CYS C 64 7.88 7.10 -21.98
CA CYS C 64 7.83 5.97 -22.89
C CYS C 64 6.56 5.98 -23.73
N TYR C 65 5.42 6.34 -23.12
CA TYR C 65 4.20 6.46 -23.90
C TYR C 65 4.31 7.57 -24.93
N ASP C 66 4.86 8.72 -24.54
CA ASP C 66 4.99 9.83 -25.46
C ASP C 66 5.99 9.52 -26.57
N HIS C 67 6.95 8.64 -26.31
CA HIS C 67 7.96 8.32 -27.32
C HIS C 67 7.39 7.42 -28.40
N PHE C 68 6.52 6.48 -28.04
CA PHE C 68 6.01 5.50 -29.00
C PHE C 68 4.68 5.90 -29.62
N PHE C 69 3.96 6.84 -29.02
CA PHE C 69 2.69 7.34 -29.55
C PHE C 69 2.72 8.86 -29.55
N PRO C 70 3.53 9.48 -30.40
CA PRO C 70 3.60 10.95 -30.40
C PRO C 70 2.26 11.60 -30.74
N ILE C 71 1.47 11.00 -31.61
CA ILE C 71 0.11 11.43 -31.89
C ILE C 71 -0.78 10.20 -31.89
N SER C 72 -1.90 10.28 -31.19
CA SER C 72 -2.83 9.16 -31.12
C SER C 72 -3.43 8.88 -32.49
N HIS C 73 -3.77 7.61 -32.72
CA HIS C 73 -4.32 7.22 -34.01
C HIS C 73 -5.64 7.92 -34.29
N ILE C 74 -6.51 8.02 -33.29
CA ILE C 74 -7.81 8.64 -33.49
C ILE C 74 -7.67 10.13 -33.78
N ARG C 75 -6.71 10.80 -33.16
CA ARG C 75 -6.49 12.21 -33.44
C ARG C 75 -6.00 12.43 -34.87
N LEU C 76 -5.18 11.51 -35.38
CA LEU C 76 -4.74 11.61 -36.76
C LEU C 76 -5.90 11.47 -37.74
N TRP C 77 -6.81 10.53 -37.47
CA TRP C 77 -7.95 10.34 -38.37
C TRP C 77 -8.93 11.50 -38.27
N ALA C 78 -9.10 12.06 -37.07
CA ALA C 78 -9.95 13.23 -36.92
C ALA C 78 -9.41 14.42 -37.71
N LEU C 79 -8.10 14.62 -37.67
CA LEU C 79 -7.49 15.69 -38.45
C LEU C 79 -7.66 15.45 -39.95
N GLN C 80 -7.50 14.20 -40.39
CA GLN C 80 -7.63 13.90 -41.81
C GLN C 80 -9.05 14.17 -42.31
N LEU C 81 -10.06 13.81 -41.52
CA LEU C 81 -11.44 14.05 -41.93
C LEU C 81 -11.73 15.54 -42.04
N ILE C 82 -11.21 16.33 -41.11
CA ILE C 82 -11.40 17.78 -41.16
C ILE C 82 -10.77 18.36 -42.41
N PHE C 83 -9.55 17.90 -42.74
CA PHE C 83 -8.83 18.46 -43.89
C PHE C 83 -9.50 18.09 -45.21
N VAL C 84 -9.89 16.82 -45.36
CA VAL C 84 -10.44 16.39 -46.65
C VAL C 84 -11.86 16.91 -46.87
N SER C 85 -12.54 17.35 -45.82
CA SER C 85 -13.86 17.94 -45.97
C SER C 85 -13.83 19.44 -46.13
N THR C 86 -12.67 20.08 -45.92
CA THR C 86 -12.57 21.53 -46.10
C THR C 86 -12.79 21.96 -47.54
N PRO C 87 -12.17 21.35 -48.56
CA PRO C 87 -12.44 21.81 -49.94
C PRO C 87 -13.91 21.72 -50.34
N ALA C 88 -14.62 20.71 -49.85
CA ALA C 88 -16.05 20.62 -50.13
C ALA C 88 -16.81 21.79 -49.50
N LEU C 89 -16.41 22.18 -48.29
CA LEU C 89 -17.06 23.31 -47.63
C LEU C 89 -16.74 24.62 -48.34
N LEU C 90 -15.52 24.77 -48.84
CA LEU C 90 -15.15 25.99 -49.54
C LEU C 90 -15.95 26.15 -50.84
N VAL C 91 -16.17 25.05 -51.55
CA VAL C 91 -16.92 25.10 -52.80
C VAL C 91 -18.35 25.53 -52.56
N ALA C 92 -18.97 25.00 -51.50
CA ALA C 92 -20.37 25.32 -51.22
C ALA C 92 -20.56 26.80 -50.95
N MET C 93 -19.65 27.41 -50.19
CA MET C 93 -19.76 28.84 -49.92
C MET C 93 -19.57 29.65 -51.19
N HIS C 94 -18.65 29.24 -52.06
CA HIS C 94 -18.44 29.95 -53.32
C HIS C 94 -19.68 29.88 -54.19
N VAL C 95 -20.37 28.75 -54.19
CA VAL C 95 -21.60 28.62 -54.98
C VAL C 95 -22.66 29.58 -54.46
N ALA C 96 -22.84 29.65 -53.14
CA ALA C 96 -23.83 30.54 -52.56
C ALA C 96 -23.50 32.00 -52.84
N TYR C 97 -22.21 32.36 -52.72
CA TYR C 97 -21.80 33.73 -53.00
C TYR C 97 -22.03 34.09 -54.47
N THR C 98 -21.70 33.17 -55.38
CA THR C 98 -21.93 33.43 -56.80
C THR C 98 -23.43 33.47 -57.10
N ARG C 99 -24.21 32.56 -56.51
CA ARG C 99 -25.65 32.56 -56.72
C ARG C 99 -26.30 33.83 -56.20
N HIS C 100 -25.86 34.33 -55.05
CA HIS C 100 -26.38 35.59 -54.54
C HIS C 100 -26.01 36.76 -55.45
N GLU C 101 -24.78 36.79 -55.94
CA GLU C 101 -24.35 37.91 -56.78
C GLU C 101 -25.08 37.90 -58.12
N ARG C 102 -25.27 36.71 -58.70
CA ARG C 102 -25.92 36.64 -60.01
C ARG C 102 -27.35 37.16 -59.97
N LYS C 103 -28.10 36.81 -58.93
CA LYS C 103 -29.46 37.31 -58.81
C LYS C 103 -29.48 38.80 -58.51
N ARG C 104 -28.55 39.27 -57.67
CA ARG C 104 -28.54 40.68 -57.28
C ARG C 104 -28.28 41.58 -58.48
N ARG C 105 -27.34 41.21 -59.34
CA ARG C 105 -27.03 42.02 -60.52
C ARG C 105 -27.98 41.71 -61.66
N ARG C 125 -19.25 24.93 -68.19
CA ARG C 125 -17.96 25.23 -67.59
C ARG C 125 -18.01 26.55 -66.82
N GLY C 126 -16.98 27.37 -67.00
CA GLY C 126 -16.92 28.67 -66.35
C GLY C 126 -16.10 28.64 -65.08
N PRO C 127 -16.47 29.47 -64.11
CA PRO C 127 -15.71 29.53 -62.86
C PRO C 127 -16.02 28.36 -61.93
N LEU C 128 -17.25 27.86 -61.99
CA LEU C 128 -17.64 26.74 -61.14
C LEU C 128 -16.89 25.47 -61.52
N TRP C 129 -16.58 25.29 -62.80
CA TRP C 129 -15.85 24.10 -63.22
C TRP C 129 -14.45 24.05 -62.62
N TRP C 130 -13.77 25.19 -62.59
CA TRP C 130 -12.41 25.22 -62.06
C TRP C 130 -12.40 25.03 -60.54
N THR C 131 -13.37 25.62 -59.84
CA THR C 131 -13.42 25.47 -58.39
C THR C 131 -13.67 24.02 -58.00
N TYR C 132 -14.60 23.36 -58.69
CA TYR C 132 -14.87 21.95 -58.38
C TYR C 132 -13.67 21.08 -58.73
N THR C 133 -13.02 21.33 -59.85
CA THR C 133 -11.85 20.55 -60.23
C THR C 133 -10.71 20.74 -59.24
N CYS C 134 -10.49 21.99 -58.79
CA CYS C 134 -9.43 22.25 -57.84
C CYS C 134 -9.69 21.58 -56.50
N SER C 135 -10.95 21.54 -56.06
CA SER C 135 -11.28 20.91 -54.79
C SER C 135 -10.98 19.41 -54.82
N ILE C 136 -11.24 18.76 -55.96
CA ILE C 136 -10.93 17.33 -56.09
C ILE C 136 -9.44 17.09 -55.98
N PHE C 137 -8.64 17.96 -56.59
CA PHE C 137 -7.19 17.80 -56.54
C PHE C 137 -6.67 17.89 -55.11
N PHE C 138 -7.20 18.83 -54.33
CA PHE C 138 -6.73 18.99 -52.96
C PHE C 138 -7.18 17.84 -52.07
N ARG C 139 -8.34 17.25 -52.38
CA ARG C 139 -8.78 16.08 -51.61
C ARG C 139 -7.83 14.92 -51.79
N ILE C 140 -7.32 14.70 -53.00
CA ILE C 140 -6.35 13.64 -53.24
C ILE C 140 -5.06 13.93 -52.48
N VAL C 141 -4.60 15.18 -52.50
CA VAL C 141 -3.33 15.51 -51.86
C VAL C 141 -3.41 15.30 -50.36
N PHE C 142 -4.50 15.78 -49.74
CA PHE C 142 -4.65 15.61 -48.29
C PHE C 142 -4.76 14.15 -47.91
N GLU C 143 -5.48 13.36 -48.71
CA GLU C 143 -5.60 11.94 -48.43
C GLU C 143 -4.25 11.23 -48.49
N ALA C 144 -3.45 11.56 -49.51
CA ALA C 144 -2.14 10.93 -49.65
C ALA C 144 -1.18 11.37 -48.56
N VAL C 145 -1.21 12.66 -48.19
CA VAL C 145 -0.28 13.17 -47.20
C VAL C 145 -0.51 12.50 -45.84
N PHE C 146 -1.78 12.34 -45.44
CA PHE C 146 -2.05 11.77 -44.14
C PHE C 146 -1.73 10.28 -44.09
N MET C 147 -1.87 9.57 -45.21
CA MET C 147 -1.48 8.16 -45.23
C MET C 147 0.03 8.00 -45.20
N TYR C 148 0.77 8.89 -45.85
CA TYR C 148 2.23 8.84 -45.78
C TYR C 148 2.72 9.16 -44.38
N VAL C 149 2.10 10.13 -43.71
CA VAL C 149 2.48 10.47 -42.35
C VAL C 149 2.29 9.27 -41.43
N PHE C 150 1.22 8.50 -41.67
CA PHE C 150 0.97 7.33 -40.84
C PHE C 150 2.07 6.29 -41.00
N TYR C 151 2.53 6.05 -42.23
CA TYR C 151 3.58 5.07 -42.44
C TYR C 151 4.94 5.59 -42.01
N TYR C 152 5.15 6.91 -42.09
CA TYR C 152 6.40 7.47 -41.60
C TYR C 152 6.49 7.42 -40.08
N MET C 153 5.36 7.40 -39.41
CA MET C 153 5.29 7.52 -37.95
C MET C 153 5.09 6.19 -37.24
N TYR C 154 4.35 5.26 -37.84
CA TYR C 154 4.06 3.98 -37.21
C TYR C 154 4.47 2.78 -38.06
N ASP C 155 5.16 3.02 -39.18
CA ASP C 155 5.72 2.01 -40.08
C ASP C 155 4.87 0.75 -40.26
N GLY C 156 3.58 0.92 -40.46
CA GLY C 156 2.70 -0.18 -40.76
C GLY C 156 1.40 -0.06 -39.99
N TYR C 157 0.56 -1.08 -40.11
CA TYR C 157 -0.74 -1.10 -39.48
C TYR C 157 -0.79 -1.97 -38.23
N GLN C 158 0.26 -2.73 -37.93
CA GLN C 158 0.25 -3.68 -36.83
C GLN C 158 0.73 -3.00 -35.56
N MET C 159 -0.13 -2.93 -34.55
CA MET C 159 0.23 -2.41 -33.23
C MET C 159 0.90 -3.50 -32.41
N PRO C 160 2.09 -3.26 -31.88
CA PRO C 160 2.78 -4.29 -31.10
C PRO C 160 2.19 -4.46 -29.71
N ARG C 161 2.36 -5.66 -29.17
CA ARG C 161 1.98 -5.92 -27.79
C ARG C 161 2.99 -5.33 -26.81
N LEU C 162 4.26 -5.34 -27.18
CA LEU C 162 5.34 -4.92 -26.30
C LEU C 162 6.21 -3.90 -26.99
N VAL C 163 6.62 -2.87 -26.25
CA VAL C 163 7.55 -1.85 -26.74
C VAL C 163 8.69 -1.74 -25.74
N LYS C 164 9.91 -1.61 -26.26
CA LYS C 164 11.11 -1.49 -25.44
C LYS C 164 11.61 -0.06 -25.52
N CYS C 165 11.66 0.61 -24.37
CA CYS C 165 11.90 2.04 -24.30
C CYS C 165 13.14 2.31 -23.47
N ASP C 166 14.03 3.17 -23.98
CA ASP C 166 15.28 3.49 -23.30
C ASP C 166 15.50 5.00 -23.13
N ALA C 167 14.45 5.80 -23.25
CA ALA C 167 14.57 7.24 -23.08
C ALA C 167 14.78 7.58 -21.60
N TRP C 168 15.52 8.64 -21.36
CA TRP C 168 15.71 9.12 -20.00
C TRP C 168 14.36 9.55 -19.42
N PRO C 169 14.08 9.26 -18.14
CA PRO C 169 14.95 8.68 -17.10
C PRO C 169 14.85 7.18 -16.94
N CYS C 170 14.37 6.44 -17.92
CA CYS C 170 14.21 5.00 -17.76
C CYS C 170 15.58 4.32 -17.75
N PRO C 171 15.89 3.51 -16.74
CA PRO C 171 17.20 2.88 -16.66
C PRO C 171 17.32 1.69 -17.61
N ASN C 172 18.39 1.66 -18.39
CA ASN C 172 18.67 0.60 -19.37
C ASN C 172 17.49 0.54 -20.33
N VAL C 173 16.87 -0.63 -20.54
CA VAL C 173 15.72 -0.78 -21.42
C VAL C 173 14.56 -1.31 -20.58
N VAL C 174 13.40 -0.69 -20.72
CA VAL C 174 12.23 -1.00 -19.91
C VAL C 174 11.14 -1.59 -20.81
N ASP C 175 10.54 -2.68 -20.35
CA ASP C 175 9.42 -3.29 -21.06
C ASP C 175 8.12 -2.58 -20.72
N CYS C 176 7.35 -2.21 -21.75
CA CYS C 176 6.06 -1.59 -21.57
C CYS C 176 5.04 -2.30 -22.45
N PHE C 177 3.79 -2.37 -21.97
CA PHE C 177 2.75 -3.16 -22.60
C PHE C 177 1.59 -2.27 -23.02
N VAL C 178 1.16 -2.44 -24.27
CA VAL C 178 0.13 -1.62 -24.89
C VAL C 178 -1.25 -2.17 -24.54
N SER C 179 -2.25 -1.30 -24.53
CA SER C 179 -3.62 -1.68 -24.21
C SER C 179 -4.40 -1.96 -25.49
N ARG C 180 -5.06 -3.12 -25.52
CA ARG C 180 -5.88 -3.56 -26.66
C ARG C 180 -5.17 -3.46 -28.01
N PRO C 181 -4.00 -4.07 -28.16
CA PRO C 181 -3.30 -3.97 -29.46
C PRO C 181 -4.04 -4.62 -30.61
N THR C 182 -4.77 -5.70 -30.38
CA THR C 182 -5.42 -6.40 -31.49
C THR C 182 -6.63 -5.63 -32.00
N GLU C 183 -7.44 -5.06 -31.10
CA GLU C 183 -8.59 -4.29 -31.54
C GLU C 183 -8.16 -3.02 -32.26
N LYS C 184 -7.08 -2.40 -31.80
CA LYS C 184 -6.59 -1.19 -32.46
C LYS C 184 -6.04 -1.50 -33.85
N THR C 185 -5.43 -2.67 -34.03
CA THR C 185 -4.95 -3.07 -35.35
C THR C 185 -6.11 -3.26 -36.31
N THR C 186 -7.21 -3.86 -35.85
CA THR C 186 -8.35 -4.12 -36.72
C THR C 186 -8.95 -2.82 -37.24
N PHE C 187 -9.11 -1.82 -36.37
CA PHE C 187 -9.68 -0.56 -36.81
C PHE C 187 -8.72 0.24 -37.67
N THR C 188 -7.41 0.04 -37.47
CA THR C 188 -6.43 0.69 -38.35
C THR C 188 -6.55 0.19 -39.77
N ILE C 189 -6.77 -1.11 -39.95
CA ILE C 189 -6.95 -1.67 -41.29
C ILE C 189 -8.20 -1.11 -41.94
N PHE C 190 -9.28 -0.97 -41.18
CA PHE C 190 -10.52 -0.43 -41.73
C PHE C 190 -10.33 0.98 -42.25
N MET C 191 -9.71 1.85 -41.44
CA MET C 191 -9.55 3.25 -41.85
C MET C 191 -8.58 3.38 -43.01
N LEU C 192 -7.52 2.58 -43.03
CA LEU C 192 -6.58 2.62 -44.14
C LEU C 192 -7.22 2.15 -45.43
N ALA C 193 -8.03 1.08 -45.36
CA ALA C 193 -8.66 0.56 -46.57
C ALA C 193 -9.66 1.55 -47.16
N VAL C 194 -10.48 2.18 -46.31
CA VAL C 194 -11.47 3.13 -46.81
C VAL C 194 -10.79 4.38 -47.35
N SER C 195 -9.72 4.83 -46.71
CA SER C 195 -8.99 5.98 -47.20
C SER C 195 -8.37 5.70 -48.57
N GLY C 196 -7.86 4.49 -48.77
CA GLY C 196 -7.33 4.13 -50.07
C GLY C 196 -8.40 4.07 -51.14
N ILE C 197 -9.58 3.57 -50.79
CA ILE C 197 -10.69 3.54 -51.74
C ILE C 197 -11.14 4.95 -52.08
N CYS C 198 -11.20 5.84 -51.08
CA CYS C 198 -11.63 7.21 -51.33
C CYS C 198 -10.66 7.93 -52.26
N MET C 199 -9.36 7.63 -52.14
CA MET C 199 -8.39 8.25 -53.04
C MET C 199 -8.59 7.76 -54.47
N MET C 200 -8.87 6.47 -54.65
CA MET C 200 -9.10 5.94 -55.99
C MET C 200 -10.34 6.54 -56.63
N LEU C 201 -11.43 6.67 -55.86
CA LEU C 201 -12.66 7.25 -56.41
C LEU C 201 -12.44 8.71 -56.81
N ASN C 202 -11.71 9.46 -56.00
CA ASN C 202 -11.42 10.86 -56.34
C ASN C 202 -10.58 10.94 -57.61
N LEU C 203 -9.61 10.03 -57.76
CA LEU C 203 -8.80 10.00 -58.97
C LEU C 203 -9.65 9.67 -60.20
N ALA C 204 -10.57 8.72 -60.07
CA ALA C 204 -11.43 8.36 -61.18
C ALA C 204 -12.31 9.52 -61.61
N GLU C 205 -12.87 10.24 -60.64
CA GLU C 205 -13.72 11.39 -60.98
C GLU C 205 -12.91 12.49 -61.65
N LEU C 206 -11.67 12.71 -61.20
CA LEU C 206 -10.81 13.69 -61.83
C LEU C 206 -10.52 13.34 -63.29
N CYS C 207 -10.26 12.05 -63.55
CA CYS C 207 -10.00 11.63 -64.92
C CYS C 207 -11.25 11.75 -65.78
N TYR C 208 -12.42 11.49 -65.20
CA TYR C 208 -13.67 11.58 -65.96
C TYR C 208 -13.91 13.00 -66.44
N LEU C 209 -13.64 14.00 -65.60
CA LEU C 209 -13.87 15.38 -65.99
C LEU C 209 -12.85 15.86 -67.01
N VAL C 210 -11.59 15.44 -66.86
CA VAL C 210 -10.53 15.93 -67.74
C VAL C 210 -10.72 15.42 -69.16
N ILE C 211 -10.97 14.11 -69.32
CA ILE C 211 -11.10 13.55 -70.65
C ILE C 211 -12.37 14.07 -71.34
N LYS C 212 -13.44 14.29 -70.56
CA LYS C 212 -14.68 14.78 -71.16
C LYS C 212 -14.49 16.18 -71.76
N VAL C 213 -13.80 17.06 -71.03
CA VAL C 213 -13.57 18.40 -71.55
C VAL C 213 -12.52 18.37 -72.67
N CYS C 214 -11.55 17.46 -72.59
CA CYS C 214 -10.52 17.39 -73.62
C CYS C 214 -11.06 16.78 -74.90
N LEU C 215 -11.85 15.72 -74.79
CA LEU C 215 -12.39 15.03 -75.96
C LEU C 215 -13.91 14.97 -75.91
N VAL D 9 -35.67 4.99 -40.64
CA VAL D 9 -37.05 4.82 -41.05
C VAL D 9 -37.25 5.30 -42.49
N LEU D 10 -36.85 6.55 -42.75
CA LEU D 10 -36.99 7.11 -44.09
C LEU D 10 -36.15 6.35 -45.09
N GLY D 11 -34.94 5.96 -44.72
CA GLY D 11 -34.07 5.23 -45.62
C GLY D 11 -34.38 3.75 -45.69
N GLY D 12 -35.66 3.40 -45.68
CA GLY D 12 -36.08 2.02 -45.78
C GLY D 12 -37.35 1.85 -46.58
N VAL D 13 -37.69 2.85 -47.38
CA VAL D 13 -38.92 2.87 -48.16
C VAL D 13 -38.57 3.00 -49.63
N ASN D 14 -39.07 2.06 -50.44
CA ASN D 14 -38.92 2.11 -51.89
C ASN D 14 -40.24 1.67 -52.52
N LYS D 15 -40.45 2.09 -53.77
CA LYS D 15 -41.69 1.77 -54.46
C LYS D 15 -41.83 0.29 -54.78
N HIS D 16 -40.75 -0.49 -54.67
CA HIS D 16 -40.81 -1.93 -54.87
C HIS D 16 -40.83 -2.71 -53.56
N SER D 17 -40.84 -2.03 -52.42
CA SER D 17 -40.79 -2.72 -51.13
C SER D 17 -42.17 -3.19 -50.72
N THR D 18 -42.24 -4.43 -50.24
CA THR D 18 -43.49 -5.02 -49.77
C THR D 18 -43.72 -4.63 -48.32
N SER D 19 -44.70 -5.27 -47.67
CA SER D 19 -45.00 -4.96 -46.27
C SER D 19 -43.85 -5.40 -45.36
N ILE D 20 -43.17 -6.49 -45.71
CA ILE D 20 -42.08 -6.99 -44.87
C ILE D 20 -40.97 -5.94 -44.77
N GLY D 21 -40.55 -5.40 -45.90
CA GLY D 21 -39.50 -4.40 -45.89
C GLY D 21 -39.93 -3.09 -45.24
N LYS D 22 -41.19 -2.70 -45.45
CA LYS D 22 -41.65 -1.41 -44.97
C LYS D 22 -41.82 -1.39 -43.46
N ILE D 23 -42.30 -2.50 -42.88
CA ILE D 23 -42.72 -2.52 -41.48
C ILE D 23 -41.81 -3.40 -40.64
N TRP D 24 -41.76 -4.70 -40.93
CA TRP D 24 -41.11 -5.64 -40.03
C TRP D 24 -39.60 -5.42 -39.97
N LEU D 25 -38.96 -5.23 -41.12
CA LEU D 25 -37.52 -5.02 -41.12
C LEU D 25 -37.16 -3.68 -40.47
N THR D 26 -37.97 -2.66 -40.69
CA THR D 26 -37.70 -1.36 -40.08
C THR D 26 -37.80 -1.42 -38.56
N VAL D 27 -38.82 -2.12 -38.05
CA VAL D 27 -38.99 -2.23 -36.60
C VAL D 27 -37.83 -3.01 -35.99
N LEU D 28 -37.42 -4.11 -36.62
CA LEU D 28 -36.33 -4.92 -36.08
C LEU D 28 -35.03 -4.14 -36.06
N PHE D 29 -34.78 -3.32 -37.08
CA PHE D 29 -33.58 -2.50 -37.09
C PHE D 29 -33.57 -1.51 -35.95
N ILE D 30 -34.70 -0.86 -35.69
CA ILE D 30 -34.81 0.04 -34.54
C ILE D 30 -34.68 -0.76 -33.25
N PHE D 31 -35.22 -1.98 -33.23
CA PHE D 31 -35.11 -2.84 -32.05
C PHE D 31 -33.66 -3.14 -31.71
N ARG D 32 -32.85 -3.45 -32.72
CA ARG D 32 -31.45 -3.76 -32.47
C ARG D 32 -30.68 -2.53 -32.02
N ILE D 33 -30.98 -1.36 -32.57
CA ILE D 33 -30.31 -0.14 -32.16
C ILE D 33 -30.64 0.19 -30.71
N MET D 34 -31.91 0.08 -30.33
CA MET D 34 -32.31 0.43 -28.97
C MET D 34 -31.62 -0.46 -27.95
N ILE D 35 -31.56 -1.77 -28.22
CA ILE D 35 -30.90 -2.70 -27.30
C ILE D 35 -29.42 -2.36 -27.17
N LEU D 36 -28.77 -2.03 -28.29
N LEU D 36 -28.77 -2.06 -28.29
CA LEU D 36 -27.35 -1.71 -28.26
CA LEU D 36 -27.34 -1.81 -28.28
C LEU D 36 -27.09 -0.45 -27.44
C LEU D 36 -27.01 -0.48 -27.60
N VAL D 37 -27.96 0.54 -27.53
N VAL D 37 -27.85 0.53 -27.79
CA VAL D 37 -27.75 1.80 -26.82
CA VAL D 37 -27.52 1.89 -27.36
C VAL D 37 -27.77 1.59 -25.30
C VAL D 37 -27.85 2.10 -25.88
N VAL D 38 -28.73 0.80 -24.81
N VAL D 38 -29.09 1.88 -25.49
CA VAL D 38 -28.87 0.62 -23.37
CA VAL D 38 -29.55 2.27 -24.17
C VAL D 38 -27.87 -0.36 -22.79
C VAL D 38 -29.45 1.13 -23.16
N ALA D 39 -27.19 -1.16 -23.62
N ALA D 39 -29.11 -0.08 -23.62
CA ALA D 39 -26.32 -2.22 -23.13
CA ALA D 39 -29.00 -1.19 -22.69
C ALA D 39 -24.85 -1.99 -23.47
C ALA D 39 -27.60 -1.79 -22.64
N ALA D 40 -24.49 -0.82 -24.01
N ALA D 40 -27.06 -2.14 -23.80
CA ALA D 40 -23.12 -0.60 -24.44
CA ALA D 40 -25.86 -2.99 -23.83
C ALA D 40 -22.27 0.06 -23.36
C ALA D 40 -24.60 -2.21 -23.49
N GLU D 41 -22.67 1.26 -22.93
N GLU D 41 -24.51 -0.94 -23.90
CA GLU D 41 -21.85 2.03 -22.00
CA GLU D 41 -23.24 -0.22 -23.81
C GLU D 41 -21.88 1.46 -20.59
C GLU D 41 -22.77 -0.08 -22.37
N ARG D 42 -22.84 0.62 -20.26
N ARG D 42 -23.69 0.00 -21.42
CA ARG D 42 -23.02 0.14 -18.89
CA ARG D 42 -23.32 0.13 -20.02
C ARG D 42 -22.63 -1.31 -18.70
C ARG D 42 -22.79 -1.18 -19.43
N VAL D 43 -22.87 -2.17 -19.69
N VAL D 43 -23.07 -2.31 -20.07
CA VAL D 43 -22.55 -3.58 -19.50
CA VAL D 43 -22.60 -3.60 -19.56
C VAL D 43 -21.11 -3.87 -19.88
C VAL D 43 -21.13 -3.83 -19.87
N TRP D 44 -20.65 -3.34 -21.01
CA TRP D 44 -19.28 -3.56 -21.46
C TRP D 44 -18.34 -2.44 -21.07
N GLY D 45 -18.78 -1.53 -20.19
CA GLY D 45 -17.95 -0.37 -19.86
C GLY D 45 -16.66 -0.73 -19.16
N ASP D 46 -16.72 -1.66 -18.21
CA ASP D 46 -15.57 -2.04 -17.39
C ASP D 46 -15.00 -3.39 -17.79
N GLU D 47 -14.97 -3.69 -19.09
CA GLU D 47 -14.54 -5.01 -19.53
C GLU D 47 -13.08 -5.28 -19.17
N GLN D 48 -12.20 -4.30 -19.37
CA GLN D 48 -10.79 -4.48 -19.02
C GLN D 48 -10.46 -3.99 -17.63
N GLN D 49 -11.15 -2.94 -17.16
CA GLN D 49 -10.86 -2.40 -15.84
C GLN D 49 -11.14 -3.42 -14.74
N ASP D 50 -12.22 -4.20 -14.90
CA ASP D 50 -12.60 -5.21 -13.91
C ASP D 50 -12.17 -6.62 -14.33
N PHE D 51 -11.19 -6.73 -15.23
CA PHE D 51 -10.61 -8.01 -15.60
C PHE D 51 -9.51 -8.32 -14.60
N VAL D 52 -9.76 -9.30 -13.73
CA VAL D 52 -8.90 -9.60 -12.59
C VAL D 52 -8.15 -10.89 -12.86
N CYS D 53 -6.82 -10.84 -12.74
CA CYS D 53 -5.96 -11.98 -12.92
C CYS D 53 -5.19 -12.27 -11.64
N ASN D 54 -5.04 -13.55 -11.31
CA ASN D 54 -4.36 -13.98 -10.09
C ASN D 54 -2.87 -14.14 -10.38
N THR D 55 -2.16 -13.01 -10.36
CA THR D 55 -0.73 -13.00 -10.64
C THR D 55 -0.13 -11.71 -10.12
N LEU D 56 1.20 -11.71 -10.01
CA LEU D 56 1.97 -10.53 -9.68
C LEU D 56 2.82 -10.04 -10.86
N GLN D 57 2.66 -10.64 -12.03
CA GLN D 57 3.47 -10.30 -13.19
C GLN D 57 2.95 -9.03 -13.85
N PRO D 58 3.77 -7.99 -13.98
CA PRO D 58 3.32 -6.81 -14.73
C PRO D 58 3.10 -7.13 -16.19
N GLY D 59 2.02 -6.60 -16.75
CA GLY D 59 1.70 -6.78 -18.15
C GLY D 59 0.88 -8.01 -18.47
N CYS D 60 0.66 -8.89 -17.49
CA CYS D 60 -0.12 -10.10 -17.76
C CYS D 60 -1.59 -9.78 -17.96
N ARG D 61 -2.10 -8.76 -17.27
CA ARG D 61 -3.50 -8.36 -17.45
C ARG D 61 -3.76 -7.90 -18.87
N ASN D 62 -2.86 -7.10 -19.43
CA ASN D 62 -3.06 -6.55 -20.76
C ASN D 62 -3.04 -7.66 -21.83
N VAL D 63 -2.06 -8.56 -21.75
CA VAL D 63 -1.92 -9.56 -22.80
C VAL D 63 -3.02 -10.61 -22.71
N CYS D 64 -3.46 -10.96 -21.50
CA CYS D 64 -4.49 -11.99 -21.36
C CYS D 64 -5.85 -11.47 -21.80
N TYR D 65 -6.17 -10.22 -21.47
CA TYR D 65 -7.43 -9.64 -21.93
C TYR D 65 -7.45 -9.54 -23.45
N ASP D 66 -6.35 -9.08 -24.05
CA ASP D 66 -6.29 -8.95 -25.49
C ASP D 66 -6.32 -10.30 -26.19
N HIS D 67 -5.83 -11.35 -25.54
CA HIS D 67 -5.81 -12.67 -26.16
C HIS D 67 -7.21 -13.27 -26.24
N PHE D 68 -8.04 -13.05 -25.21
CA PHE D 68 -9.34 -13.68 -25.15
C PHE D 68 -10.46 -12.81 -25.71
N PHE D 69 -10.25 -11.50 -25.81
CA PHE D 69 -11.24 -10.58 -26.39
C PHE D 69 -10.56 -9.70 -27.42
N PRO D 70 -10.18 -10.28 -28.57
CA PRO D 70 -9.51 -9.47 -29.60
C PRO D 70 -10.36 -8.33 -30.12
N ILE D 71 -11.68 -8.53 -30.22
CA ILE D 71 -12.61 -7.47 -30.55
C ILE D 71 -13.78 -7.57 -29.58
N SER D 72 -14.17 -6.44 -28.99
CA SER D 72 -15.27 -6.44 -28.04
C SER D 72 -16.59 -6.79 -28.74
N HIS D 73 -17.50 -7.38 -27.96
CA HIS D 73 -18.79 -7.78 -28.53
C HIS D 73 -19.58 -6.59 -29.04
N ILE D 74 -19.59 -5.49 -28.28
CA ILE D 74 -20.37 -4.33 -28.68
C ILE D 74 -19.78 -3.69 -29.95
N ARG D 75 -18.46 -3.70 -30.09
CA ARG D 75 -17.86 -3.16 -31.30
C ARG D 75 -18.20 -3.99 -32.53
N LEU D 76 -18.29 -5.31 -32.37
CA LEU D 76 -18.69 -6.17 -33.48
C LEU D 76 -20.11 -5.88 -33.92
N TRP D 77 -21.03 -5.69 -32.97
CA TRP D 77 -22.41 -5.42 -33.32
C TRP D 77 -22.56 -4.03 -33.94
N ALA D 78 -21.77 -3.06 -33.45
CA ALA D 78 -21.81 -1.72 -34.04
C ALA D 78 -21.34 -1.75 -35.49
N LEU D 79 -20.28 -2.52 -35.77
CA LEU D 79 -19.82 -2.65 -37.15
C LEU D 79 -20.88 -3.31 -38.02
N GLN D 80 -21.55 -4.35 -37.50
CA GLN D 80 -22.55 -5.05 -38.28
C GLN D 80 -23.73 -4.13 -38.63
N LEU D 81 -24.18 -3.32 -37.67
CA LEU D 81 -25.29 -2.42 -37.94
C LEU D 81 -24.91 -1.39 -39.01
N ILE D 82 -23.68 -0.90 -38.97
CA ILE D 82 -23.23 0.05 -39.98
C ILE D 82 -23.22 -0.60 -41.36
N PHE D 83 -22.73 -1.85 -41.44
CA PHE D 83 -22.60 -2.51 -42.74
C PHE D 83 -23.97 -2.84 -43.34
N VAL D 84 -24.89 -3.38 -42.52
CA VAL D 84 -26.17 -3.80 -43.06
C VAL D 84 -27.07 -2.63 -43.40
N SER D 85 -26.77 -1.44 -42.88
CA SER D 85 -27.55 -0.25 -43.21
C SER D 85 -26.96 0.53 -44.38
N THR D 86 -25.75 0.19 -44.81
CA THR D 86 -25.15 0.87 -45.97
C THR D 86 -25.91 0.64 -47.26
N PRO D 87 -26.31 -0.59 -47.63
CA PRO D 87 -27.06 -0.74 -48.90
C PRO D 87 -28.35 0.05 -48.94
N ALA D 88 -29.04 0.17 -47.81
CA ALA D 88 -30.26 0.97 -47.77
C ALA D 88 -29.95 2.44 -48.02
N LEU D 89 -28.83 2.94 -47.46
CA LEU D 89 -28.45 4.32 -47.69
C LEU D 89 -28.06 4.55 -49.15
N LEU D 90 -27.38 3.57 -49.76
CA LEU D 90 -26.99 3.73 -51.17
C LEU D 90 -28.21 3.79 -52.08
N VAL D 91 -29.24 2.99 -51.78
CA VAL D 91 -30.44 2.98 -52.61
C VAL D 91 -31.15 4.32 -52.54
N ALA D 92 -31.22 4.91 -51.35
CA ALA D 92 -31.92 6.18 -51.18
C ALA D 92 -31.28 7.29 -51.99
N MET D 93 -29.95 7.35 -51.98
CA MET D 93 -29.26 8.37 -52.77
C MET D 93 -29.47 8.16 -54.27
N HIS D 94 -29.47 6.90 -54.72
CA HIS D 94 -29.71 6.62 -56.13
C HIS D 94 -31.11 7.05 -56.55
N VAL D 95 -32.09 6.87 -55.66
CA VAL D 95 -33.46 7.28 -55.97
C VAL D 95 -33.53 8.79 -56.13
N ALA D 96 -32.90 9.53 -55.21
CA ALA D 96 -32.91 10.99 -55.28
C ALA D 96 -32.20 11.49 -56.53
N TYR D 97 -31.06 10.88 -56.87
CA TYR D 97 -30.34 11.27 -58.07
C TYR D 97 -31.16 10.99 -59.33
N THR D 98 -31.81 9.83 -59.39
CA THR D 98 -32.66 9.53 -60.54
C THR D 98 -33.87 10.44 -60.58
N ARG D 99 -34.49 10.72 -59.43
CA ARG D 99 -35.64 11.60 -59.39
C ARG D 99 -35.28 13.02 -59.81
N HIS D 100 -34.12 13.51 -59.40
CA HIS D 100 -33.67 14.83 -59.83
C HIS D 100 -33.41 14.86 -61.34
N GLU D 101 -32.78 13.82 -61.88
CA GLU D 101 -32.47 13.79 -63.30
C GLU D 101 -33.73 13.71 -64.14
N ARG D 102 -34.70 12.91 -63.71
CA ARG D 102 -35.92 12.73 -64.50
C ARG D 102 -36.69 14.04 -64.65
N LYS D 103 -36.82 14.79 -63.56
CA LYS D 103 -37.50 16.08 -63.63
C LYS D 103 -36.70 17.08 -64.46
N ARG D 104 -35.37 17.09 -64.30
CA ARG D 104 -34.55 18.06 -65.01
C ARG D 104 -34.63 17.88 -66.52
N ARG D 105 -34.59 16.64 -66.99
CA ARG D 105 -34.67 16.37 -68.43
C ARG D 105 -36.12 16.35 -68.89
N ARG D 125 -40.67 -2.22 -63.09
CA ARG D 125 -39.29 -2.68 -63.04
C ARG D 125 -38.32 -1.55 -63.40
N GLY D 126 -37.34 -1.85 -64.25
CA GLY D 126 -36.39 -0.86 -64.68
C GLY D 126 -35.11 -0.89 -63.87
N PRO D 127 -34.48 0.27 -63.72
CA PRO D 127 -33.21 0.33 -62.97
C PRO D 127 -33.43 0.28 -61.46
N LEU D 128 -34.56 0.81 -60.99
CA LEU D 128 -34.85 0.79 -59.57
C LEU D 128 -35.07 -0.63 -59.05
N TRP D 129 -35.63 -1.50 -59.88
CA TRP D 129 -35.86 -2.88 -59.45
C TRP D 129 -34.55 -3.61 -59.18
N TRP D 130 -33.55 -3.41 -60.04
CA TRP D 130 -32.28 -4.09 -59.85
C TRP D 130 -31.51 -3.55 -58.66
N THR D 131 -31.57 -2.24 -58.43
CA THR D 131 -30.87 -1.66 -57.29
C THR D 131 -31.46 -2.15 -55.97
N TYR D 132 -32.78 -2.22 -55.88
CA TYR D 132 -33.41 -2.71 -54.66
C TYR D 132 -33.12 -4.19 -54.45
N THR D 133 -33.17 -4.99 -55.52
CA THR D 133 -32.88 -6.41 -55.40
C THR D 133 -31.43 -6.65 -54.98
N CYS D 134 -30.50 -5.88 -55.54
CA CYS D 134 -29.10 -6.04 -55.19
C CYS D 134 -28.84 -5.67 -53.73
N SER D 135 -29.52 -4.64 -53.24
CA SER D 135 -29.33 -4.22 -51.85
C SER D 135 -29.79 -5.30 -50.88
N ILE D 136 -30.87 -6.01 -51.21
CA ILE D 136 -31.34 -7.09 -50.36
C ILE D 136 -30.32 -8.21 -50.30
N PHE D 137 -29.70 -8.53 -51.43
CA PHE D 137 -28.70 -9.60 -51.47
C PHE D 137 -27.51 -9.26 -50.59
N PHE D 138 -27.04 -8.01 -50.63
CA PHE D 138 -25.88 -7.64 -49.83
C PHE D 138 -26.21 -7.59 -48.35
N ARG D 139 -27.46 -7.30 -48.00
CA ARG D 139 -27.86 -7.33 -46.59
C ARG D 139 -27.77 -8.74 -46.02
N ILE D 140 -28.17 -9.73 -46.82
CA ILE D 140 -28.06 -11.12 -46.38
C ILE D 140 -26.60 -11.52 -46.20
N VAL D 141 -25.74 -11.12 -47.13
CA VAL D 141 -24.33 -11.51 -47.08
C VAL D 141 -23.66 -10.91 -45.86
N PHE D 142 -23.90 -9.62 -45.61
CA PHE D 142 -23.28 -8.96 -44.46
C PHE D 142 -23.79 -9.56 -43.15
N GLU D 143 -25.09 -9.87 -43.08
CA GLU D 143 -25.63 -10.50 -41.89
C GLU D 143 -24.98 -11.86 -41.63
N ALA D 144 -24.85 -12.68 -42.69
CA ALA D 144 -24.29 -14.01 -42.51
C ALA D 144 -22.80 -13.95 -42.14
N VAL D 145 -22.07 -13.03 -42.74
CA VAL D 145 -20.63 -12.95 -42.50
C VAL D 145 -20.34 -12.61 -41.05
N PHE D 146 -21.10 -11.68 -40.47
CA PHE D 146 -20.79 -11.22 -39.12
C PHE D 146 -21.12 -12.27 -38.07
N MET D 147 -22.14 -13.09 -38.28
CA MET D 147 -22.40 -14.17 -37.33
C MET D 147 -21.39 -15.30 -37.46
N TYR D 148 -20.90 -15.56 -38.68
CA TYR D 148 -19.83 -16.53 -38.83
C TYR D 148 -18.56 -16.07 -38.14
N VAL D 149 -18.24 -14.78 -38.27
CA VAL D 149 -17.07 -14.22 -37.58
C VAL D 149 -17.23 -14.37 -36.07
N PHE D 150 -18.46 -14.20 -35.58
CA PHE D 150 -18.71 -14.36 -34.15
C PHE D 150 -18.43 -15.78 -33.69
N TYR D 151 -18.87 -16.78 -34.47
CA TYR D 151 -18.68 -18.16 -34.08
C TYR D 151 -17.23 -18.61 -34.29
N TYR D 152 -16.56 -18.06 -35.30
CA TYR D 152 -15.15 -18.37 -35.51
C TYR D 152 -14.28 -17.79 -34.39
N MET D 153 -14.72 -16.69 -33.78
CA MET D 153 -13.92 -15.94 -32.82
C MET D 153 -14.24 -16.27 -31.37
N TYR D 154 -15.51 -16.53 -31.05
CA TYR D 154 -15.93 -16.79 -29.68
C TYR D 154 -16.63 -18.13 -29.51
N ASP D 155 -16.61 -18.99 -30.54
CA ASP D 155 -17.11 -20.37 -30.57
C ASP D 155 -18.34 -20.61 -29.69
N GLY D 156 -19.33 -19.74 -29.82
CA GLY D 156 -20.59 -19.90 -29.11
C GLY D 156 -21.08 -18.58 -28.57
N TYR D 157 -22.15 -18.65 -27.77
CA TYR D 157 -22.74 -17.47 -27.16
C TYR D 157 -22.49 -17.38 -25.66
N GLN D 158 -21.91 -18.41 -25.05
CA GLN D 158 -21.73 -18.46 -23.61
C GLN D 158 -20.38 -17.85 -23.23
N MET D 159 -20.42 -16.77 -22.45
CA MET D 159 -19.20 -16.15 -21.96
C MET D 159 -18.75 -16.84 -20.67
N PRO D 160 -17.52 -17.31 -20.59
CA PRO D 160 -17.07 -18.04 -19.40
C PRO D 160 -16.76 -17.12 -18.24
N ARG D 161 -16.85 -17.70 -17.03
CA ARG D 161 -16.44 -16.98 -15.83
C ARG D 161 -14.92 -16.93 -15.70
N LEU D 162 -14.24 -17.98 -16.12
CA LEU D 162 -12.81 -18.13 -15.95
C LEU D 162 -12.15 -18.39 -17.30
N VAL D 163 -11.01 -17.73 -17.52
CA VAL D 163 -10.16 -17.98 -18.68
C VAL D 163 -8.76 -18.29 -18.19
N LYS D 164 -8.12 -19.28 -18.82
CA LYS D 164 -6.76 -19.68 -18.47
C LYS D 164 -5.81 -19.24 -19.57
N CYS D 165 -4.86 -18.38 -19.22
CA CYS D 165 -4.03 -17.67 -20.19
C CYS D 165 -2.57 -18.01 -19.95
N ASP D 166 -1.85 -18.34 -21.02
CA ASP D 166 -0.44 -18.70 -20.91
C ASP D 166 0.44 -17.91 -21.87
N ALA D 167 -0.04 -16.78 -22.37
CA ALA D 167 0.76 -15.95 -23.25
C ALA D 167 1.87 -15.25 -22.47
N TRP D 168 3.00 -15.06 -23.13
CA TRP D 168 4.10 -14.32 -22.54
C TRP D 168 3.65 -12.89 -22.24
N PRO D 169 4.05 -12.30 -21.10
CA PRO D 169 4.98 -12.78 -20.08
C PRO D 169 4.36 -13.53 -18.91
N CYS D 170 3.12 -14.00 -19.02
CA CYS D 170 2.49 -14.67 -17.89
C CYS D 170 3.20 -16.00 -17.60
N PRO D 171 3.59 -16.25 -16.36
CA PRO D 171 4.31 -17.49 -16.04
C PRO D 171 3.36 -18.68 -15.91
N ASN D 172 3.69 -19.76 -16.60
CA ASN D 172 2.91 -21.00 -16.61
C ASN D 172 1.49 -20.65 -17.07
N VAL D 173 0.45 -20.99 -16.33
CA VAL D 173 -0.93 -20.69 -16.69
C VAL D 173 -1.54 -19.85 -15.58
N VAL D 174 -2.19 -18.76 -15.95
CA VAL D 174 -2.72 -17.78 -15.01
C VAL D 174 -4.24 -17.77 -15.10
N ASP D 175 -4.90 -17.79 -13.95
CA ASP D 175 -6.36 -17.67 -13.89
C ASP D 175 -6.77 -16.22 -13.96
N CYS D 176 -7.71 -15.92 -14.85
CA CYS D 176 -8.27 -14.58 -14.98
C CYS D 176 -9.79 -14.67 -14.97
N PHE D 177 -10.43 -13.63 -14.43
CA PHE D 177 -11.87 -13.65 -14.19
C PHE D 177 -12.55 -12.54 -14.97
N VAL D 178 -13.64 -12.87 -15.65
CA VAL D 178 -14.37 -11.98 -16.54
C VAL D 178 -15.39 -11.19 -15.73
N SER D 179 -15.71 -9.98 -16.20
CA SER D 179 -16.68 -9.12 -15.55
C SER D 179 -18.07 -9.33 -16.16
N ARG D 180 -19.05 -9.56 -15.29
CA ARG D 180 -20.44 -9.76 -15.67
C ARG D 180 -20.65 -10.78 -16.80
N PRO D 181 -20.15 -12.01 -16.63
CA PRO D 181 -20.33 -13.00 -17.71
C PRO D 181 -21.77 -13.36 -17.98
N THR D 182 -22.63 -13.37 -16.96
CA THR D 182 -24.02 -13.81 -17.17
C THR D 182 -24.82 -12.76 -17.93
N GLU D 183 -24.67 -11.48 -17.57
CA GLU D 183 -25.39 -10.43 -18.27
C GLU D 183 -24.93 -10.30 -19.72
N LYS D 184 -23.63 -10.47 -19.97
CA LYS D 184 -23.13 -10.40 -21.32
C LYS D 184 -23.62 -11.57 -22.16
N THR D 185 -23.80 -12.75 -21.54
CA THR D 185 -24.36 -13.88 -22.26
C THR D 185 -25.81 -13.62 -22.67
N THR D 186 -26.59 -13.00 -21.78
CA THR D 186 -28.00 -12.75 -22.08
C THR D 186 -28.17 -11.83 -23.28
N PHE D 187 -27.36 -10.76 -23.35
CA PHE D 187 -27.48 -9.82 -24.46
C PHE D 187 -26.92 -10.42 -25.74
N THR D 188 -25.94 -11.31 -25.64
CA THR D 188 -25.43 -11.99 -26.83
C THR D 188 -26.52 -12.83 -27.48
N ILE D 189 -27.35 -13.50 -26.66
CA ILE D 189 -28.45 -14.30 -27.20
C ILE D 189 -29.46 -13.41 -27.91
N PHE D 190 -29.74 -12.23 -27.34
CA PHE D 190 -30.72 -11.32 -27.94
C PHE D 190 -30.27 -10.86 -29.33
N MET D 191 -29.02 -10.42 -29.46
CA MET D 191 -28.55 -9.91 -30.74
C MET D 191 -28.44 -11.03 -31.77
N LEU D 192 -28.00 -12.23 -31.35
CA LEU D 192 -27.93 -13.34 -32.28
C LEU D 192 -29.30 -13.75 -32.78
N ALA D 193 -30.29 -13.78 -31.89
CA ALA D 193 -31.64 -14.18 -32.28
C ALA D 193 -32.25 -13.17 -33.25
N VAL D 194 -32.11 -11.88 -32.97
CA VAL D 194 -32.70 -10.87 -33.85
C VAL D 194 -31.99 -10.84 -35.19
N SER D 195 -30.66 -11.01 -35.18
CA SER D 195 -29.92 -11.05 -36.44
C SER D 195 -30.34 -12.25 -37.28
N GLY D 196 -30.60 -13.40 -36.64
CA GLY D 196 -31.09 -14.54 -37.38
C GLY D 196 -32.47 -14.32 -37.96
N ILE D 197 -33.34 -13.66 -37.21
CA ILE D 197 -34.67 -13.35 -37.72
C ILE D 197 -34.59 -12.36 -38.88
N CYS D 198 -33.69 -11.38 -38.78
CA CYS D 198 -33.55 -10.40 -39.85
C CYS D 198 -33.08 -11.05 -41.14
N MET D 199 -32.20 -12.05 -41.05
CA MET D 199 -31.76 -12.76 -42.24
C MET D 199 -32.89 -13.53 -42.88
N MET D 200 -33.75 -14.16 -42.07
CA MET D 200 -34.89 -14.90 -42.61
C MET D 200 -35.86 -13.97 -43.31
N LEU D 201 -36.15 -12.81 -42.72
CA LEU D 201 -37.07 -11.86 -43.34
C LEU D 201 -36.52 -11.34 -44.67
N ASN D 202 -35.22 -11.06 -44.71
CA ASN D 202 -34.60 -10.61 -45.96
C ASN D 202 -34.68 -11.69 -47.02
N LEU D 203 -34.47 -12.96 -46.63
CA LEU D 203 -34.56 -14.06 -47.58
C LEU D 203 -35.98 -14.20 -48.12
N ALA D 204 -36.99 -14.06 -47.25
CA ALA D 204 -38.37 -14.16 -47.69
C ALA D 204 -38.72 -13.07 -48.68
N GLU D 205 -38.27 -11.84 -48.42
CA GLU D 205 -38.55 -10.74 -49.34
C GLU D 205 -37.87 -10.95 -50.68
N LEU D 206 -36.64 -11.49 -50.67
CA LEU D 206 -35.96 -11.79 -51.92
C LEU D 206 -36.71 -12.83 -52.74
N CYS D 207 -37.22 -13.87 -52.08
CA CYS D 207 -37.99 -14.90 -52.79
C CYS D 207 -39.30 -14.34 -53.32
N TYR D 208 -39.91 -13.43 -52.57
CA TYR D 208 -41.19 -12.85 -53.00
C TYR D 208 -41.02 -12.07 -54.30
N LEU D 209 -39.92 -11.32 -54.43
CA LEU D 209 -39.72 -10.52 -55.64
C LEU D 209 -39.34 -11.41 -56.82
N VAL D 210 -38.55 -12.45 -56.59
CA VAL D 210 -38.06 -13.27 -57.69
C VAL D 210 -39.21 -14.05 -58.33
N ILE D 211 -40.02 -14.72 -57.50
CA ILE D 211 -41.10 -15.53 -58.05
C ILE D 211 -42.16 -14.65 -58.72
N LYS D 212 -42.41 -13.46 -58.19
CA LYS D 212 -43.40 -12.58 -58.78
C LYS D 212 -43.01 -12.15 -60.19
N VAL D 213 -41.73 -11.79 -60.38
CA VAL D 213 -41.28 -11.41 -61.71
C VAL D 213 -41.15 -12.63 -62.62
N CYS D 214 -40.82 -13.79 -62.06
CA CYS D 214 -40.68 -14.98 -62.88
C CYS D 214 -42.03 -15.53 -63.30
N LEU D 215 -42.99 -15.56 -62.38
CA LEU D 215 -44.32 -16.10 -62.67
C LEU D 215 -45.40 -15.06 -62.39
N VAL E 9 -45.74 9.62 -27.62
CA VAL E 9 -47.03 10.29 -27.61
C VAL E 9 -47.77 10.07 -28.93
N LEU E 10 -47.09 10.40 -30.02
CA LEU E 10 -47.69 10.24 -31.35
C LEU E 10 -47.98 8.78 -31.66
N GLY E 11 -47.08 7.88 -31.27
CA GLY E 11 -47.25 6.47 -31.52
C GLY E 11 -48.15 5.80 -30.50
N GLY E 12 -49.21 6.49 -30.08
CA GLY E 12 -50.16 5.93 -29.14
C GLY E 12 -51.59 6.35 -29.44
N VAL E 13 -51.84 6.83 -30.65
CA VAL E 13 -53.15 7.34 -31.05
C VAL E 13 -53.65 6.52 -32.23
N ASN E 14 -54.84 5.95 -32.08
CA ASN E 14 -55.52 5.26 -33.16
C ASN E 14 -57.00 5.63 -33.14
N LYS E 15 -57.66 5.48 -34.29
CA LYS E 15 -59.07 5.85 -34.38
C LYS E 15 -59.98 4.95 -33.57
N HIS E 16 -59.48 3.80 -33.10
CA HIS E 16 -60.25 2.91 -32.24
C HIS E 16 -59.88 3.04 -30.76
N SER E 17 -58.97 3.96 -30.43
CA SER E 17 -58.51 4.09 -29.04
C SER E 17 -59.47 4.95 -28.23
N THR E 18 -59.79 4.50 -27.03
CA THR E 18 -60.67 5.22 -26.13
C THR E 18 -59.86 6.25 -25.33
N SER E 19 -60.49 6.83 -24.30
CA SER E 19 -59.79 7.81 -23.48
C SER E 19 -58.66 7.17 -22.69
N ILE E 20 -58.82 5.91 -22.29
CA ILE E 20 -57.79 5.23 -21.50
C ILE E 20 -56.50 5.13 -22.29
N GLY E 21 -56.59 4.66 -23.53
CA GLY E 21 -55.40 4.53 -24.36
C GLY E 21 -54.80 5.87 -24.74
N LYS E 22 -55.66 6.86 -24.99
CA LYS E 22 -55.18 8.15 -25.48
C LYS E 22 -54.46 8.93 -24.39
N ILE E 23 -54.97 8.88 -23.16
CA ILE E 23 -54.51 9.75 -22.08
C ILE E 23 -53.77 8.99 -20.99
N TRP E 24 -54.46 8.06 -20.32
CA TRP E 24 -53.89 7.48 -19.11
C TRP E 24 -52.69 6.60 -19.41
N LEU E 25 -52.78 5.74 -20.44
CA LEU E 25 -51.67 4.87 -20.77
C LEU E 25 -50.47 5.67 -21.28
N THR E 26 -50.72 6.72 -22.05
CA THR E 26 -49.63 7.55 -22.54
C THR E 26 -48.90 8.25 -21.40
N VAL E 27 -49.64 8.78 -20.44
CA VAL E 27 -49.01 9.47 -19.31
C VAL E 27 -48.19 8.50 -18.47
N LEU E 28 -48.73 7.30 -18.22
CA LEU E 28 -48.00 6.31 -17.43
C LEU E 28 -46.71 5.88 -18.12
N PHE E 29 -46.75 5.74 -19.45
CA PHE E 29 -45.54 5.37 -20.18
C PHE E 29 -44.47 6.45 -20.04
N ILE E 30 -44.87 7.72 -20.18
CA ILE E 30 -43.92 8.81 -19.96
C ILE E 30 -43.46 8.83 -18.51
N PHE E 31 -44.36 8.50 -17.59
CA PHE E 31 -44.00 8.45 -16.17
C PHE E 31 -42.90 7.44 -15.91
N ARG E 32 -43.00 6.26 -16.53
CA ARG E 32 -41.99 5.23 -16.33
C ARG E 32 -40.65 5.62 -16.94
N ILE E 33 -40.68 6.27 -18.11
CA ILE E 33 -39.44 6.68 -18.76
C ILE E 33 -38.72 7.73 -17.91
N MET E 34 -39.45 8.72 -17.40
CA MET E 34 -38.83 9.78 -16.62
C MET E 34 -38.18 9.22 -15.36
N ILE E 35 -38.86 8.32 -14.66
CA ILE E 35 -38.31 7.73 -13.45
C ILE E 35 -37.03 6.95 -13.78
N LEU E 36 -37.05 6.20 -14.89
N LEU E 36 -37.06 6.19 -14.87
CA LEU E 36 -35.88 5.42 -15.28
CA LEU E 36 -35.92 5.35 -15.23
C LEU E 36 -34.69 6.32 -15.60
C LEU E 36 -34.74 6.19 -15.71
N VAL E 37 -34.94 7.47 -16.24
N VAL E 37 -35.01 7.25 -16.45
CA VAL E 37 -33.85 8.34 -16.64
CA VAL E 37 -33.94 8.01 -17.11
C VAL E 37 -33.11 8.91 -15.43
C VAL E 37 -33.29 9.01 -16.17
N VAL E 38 -33.86 9.35 -14.41
N VAL E 38 -34.06 9.92 -15.60
CA VAL E 38 -33.22 9.98 -13.26
CA VAL E 38 -33.50 11.05 -14.88
C VAL E 38 -32.63 8.98 -12.28
C VAL E 38 -33.34 10.75 -13.39
N ALA E 39 -32.95 7.69 -12.41
N ALA E 39 -33.87 9.62 -12.91
CA ALA E 39 -32.52 6.68 -11.45
CA ALA E 39 -33.76 9.32 -11.49
C ALA E 39 -31.55 5.66 -12.03
C ALA E 39 -32.99 8.03 -11.22
N ALA E 40 -31.08 5.85 -13.26
N ALA E 40 -33.39 6.94 -11.88
CA ALA E 40 -30.24 4.84 -13.90
CA ALA E 40 -32.92 5.62 -11.46
C ALA E 40 -28.75 5.12 -13.70
C ALA E 40 -31.49 5.34 -11.91
N GLU E 41 -28.28 6.28 -14.18
N GLU E 41 -31.12 5.82 -13.11
CA GLU E 41 -26.86 6.56 -14.17
CA GLU E 41 -29.86 5.39 -13.70
C GLU E 41 -26.33 6.88 -12.78
C GLU E 41 -28.66 5.77 -12.83
N ARG E 42 -27.21 7.21 -11.84
N ARG E 42 -28.74 6.89 -12.12
CA ARG E 42 -26.77 7.65 -10.52
CA ARG E 42 -27.64 7.31 -11.26
C ARG E 42 -27.01 6.63 -9.42
C ARG E 42 -27.50 6.45 -10.02
N VAL E 43 -28.12 5.88 -9.47
N VAL E 43 -28.56 5.76 -9.60
CA VAL E 43 -28.39 4.93 -8.41
CA VAL E 43 -28.50 4.91 -8.42
C VAL E 43 -27.69 3.60 -8.66
C VAL E 43 -27.70 3.64 -8.68
N TRP E 44 -27.79 3.08 -9.89
CA TRP E 44 -27.17 1.81 -10.22
C TRP E 44 -25.78 1.97 -10.86
N GLY E 45 -25.23 3.18 -10.82
CA GLY E 45 -23.97 3.43 -11.51
C GLY E 45 -22.80 2.65 -10.93
N ASP E 46 -22.72 2.56 -9.61
CA ASP E 46 -21.60 1.92 -8.92
C ASP E 46 -21.98 0.58 -8.32
N GLU E 47 -22.81 -0.19 -9.04
CA GLU E 47 -23.31 -1.45 -8.49
C GLU E 47 -22.19 -2.44 -8.23
N GLN E 48 -21.24 -2.58 -9.17
CA GLN E 48 -20.13 -3.49 -8.98
C GLN E 48 -18.92 -2.81 -8.35
N GLN E 49 -18.71 -1.54 -8.66
CA GLN E 49 -17.55 -0.83 -8.13
C GLN E 49 -17.58 -0.75 -6.61
N ASP E 50 -18.76 -0.52 -6.04
CA ASP E 50 -18.91 -0.42 -4.60
C ASP E 50 -19.47 -1.70 -3.98
N PHE E 51 -19.31 -2.83 -4.66
CA PHE E 51 -19.65 -4.14 -4.12
C PHE E 51 -18.44 -4.64 -3.33
N VAL E 52 -18.57 -4.68 -2.00
CA VAL E 52 -17.45 -4.95 -1.11
C VAL E 52 -17.61 -6.33 -0.51
N CYS E 53 -16.56 -7.15 -0.61
CA CYS E 53 -16.55 -8.49 -0.05
C CYS E 53 -15.40 -8.63 0.93
N ASN E 54 -15.67 -9.31 2.06
CA ASN E 54 -14.68 -9.48 3.12
C ASN E 54 -13.86 -10.73 2.83
N THR E 55 -12.86 -10.57 1.97
CA THR E 55 -12.00 -11.67 1.58
C THR E 55 -10.71 -11.13 0.96
N LEU E 56 -9.73 -12.01 0.84
CA LEU E 56 -8.48 -11.70 0.14
C LEU E 56 -8.32 -12.54 -1.13
N GLN E 57 -9.33 -13.32 -1.49
CA GLN E 57 -9.24 -14.19 -2.65
C GLN E 57 -9.43 -13.41 -3.93
N PRO E 58 -8.48 -13.41 -4.86
CA PRO E 58 -8.68 -12.72 -6.14
C PRO E 58 -9.80 -13.38 -6.93
N GLY E 59 -10.62 -12.55 -7.56
CA GLY E 59 -11.71 -13.02 -8.39
C GLY E 59 -13.00 -13.31 -7.66
N CYS E 60 -13.01 -13.25 -6.32
CA CYS E 60 -14.23 -13.52 -5.58
C CYS E 60 -15.25 -12.41 -5.74
N ARG E 61 -14.79 -11.17 -5.92
CA ARG E 61 -15.73 -10.06 -6.14
C ARG E 61 -16.49 -10.24 -7.44
N ASN E 62 -15.81 -10.67 -8.50
CA ASN E 62 -16.47 -10.81 -9.80
C ASN E 62 -17.51 -11.92 -9.78
N VAL E 63 -17.16 -13.08 -9.22
CA VAL E 63 -18.08 -14.22 -9.28
C VAL E 63 -19.27 -14.02 -8.35
N CYS E 64 -19.07 -13.39 -7.19
CA CYS E 64 -20.17 -13.21 -6.26
C CYS E 64 -21.16 -12.17 -6.74
N TYR E 65 -20.67 -11.08 -7.34
CA TYR E 65 -21.58 -10.10 -7.91
C TYR E 65 -22.38 -10.71 -9.06
N ASP E 66 -21.72 -11.47 -9.93
CA ASP E 66 -22.42 -12.08 -11.05
C ASP E 66 -23.42 -13.13 -10.60
N HIS E 67 -23.15 -13.79 -9.48
CA HIS E 67 -24.06 -14.83 -9.00
C HIS E 67 -25.35 -14.23 -8.46
N PHE E 68 -25.27 -13.08 -7.79
CA PHE E 68 -26.45 -12.51 -7.14
C PHE E 68 -27.16 -11.48 -7.99
N PHE E 69 -26.52 -10.94 -9.03
CA PHE E 69 -27.14 -9.98 -9.93
C PHE E 69 -26.86 -10.41 -11.37
N PRO E 70 -27.47 -11.51 -11.81
CA PRO E 70 -27.21 -11.95 -13.19
C PRO E 70 -27.62 -10.93 -14.24
N ILE E 71 -28.70 -10.19 -14.01
CA ILE E 71 -29.09 -9.06 -14.84
C ILE E 71 -29.43 -7.90 -13.93
N SER E 72 -28.90 -6.72 -14.24
CA SER E 72 -29.17 -5.55 -13.42
C SER E 72 -30.64 -5.15 -13.51
N HIS E 73 -31.12 -4.52 -12.43
CA HIS E 73 -32.52 -4.11 -12.39
C HIS E 73 -32.84 -3.11 -13.50
N ILE E 74 -31.97 -2.12 -13.70
CA ILE E 74 -32.25 -1.08 -14.69
C ILE E 74 -32.24 -1.66 -16.10
N ARG E 75 -31.38 -2.64 -16.38
CA ARG E 75 -31.38 -3.25 -17.70
C ARG E 75 -32.65 -4.06 -17.94
N LEU E 76 -33.21 -4.67 -16.90
CA LEU E 76 -34.47 -5.39 -17.04
C LEU E 76 -35.61 -4.43 -17.37
N TRP E 77 -35.66 -3.28 -16.69
CA TRP E 77 -36.73 -2.31 -16.96
C TRP E 77 -36.56 -1.66 -18.32
N ALA E 78 -35.32 -1.45 -18.76
CA ALA E 78 -35.10 -0.91 -20.09
C ALA E 78 -35.58 -1.89 -21.16
N LEU E 79 -35.33 -3.18 -20.96
CA LEU E 79 -35.82 -4.18 -21.91
C LEU E 79 -37.34 -4.23 -21.92
N GLN E 80 -37.97 -4.13 -20.75
CA GLN E 80 -39.42 -4.20 -20.68
C GLN E 80 -40.05 -3.02 -21.41
N LEU E 81 -39.49 -1.82 -21.25
CA LEU E 81 -40.03 -0.65 -21.93
C LEU E 81 -39.92 -0.78 -23.44
N ILE E 82 -38.81 -1.35 -23.92
CA ILE E 82 -38.64 -1.55 -25.36
C ILE E 82 -39.68 -2.54 -25.89
N PHE E 83 -39.90 -3.62 -25.15
CA PHE E 83 -40.82 -4.66 -25.63
C PHE E 83 -42.26 -4.17 -25.65
N VAL E 84 -42.70 -3.49 -24.59
CA VAL E 84 -44.11 -3.09 -24.50
C VAL E 84 -44.43 -1.94 -25.44
N SER E 85 -43.42 -1.20 -25.90
CA SER E 85 -43.64 -0.13 -26.86
C SER E 85 -43.53 -0.60 -28.30
N THR E 86 -43.07 -1.83 -28.53
CA THR E 86 -42.97 -2.36 -29.89
C THR E 86 -44.34 -2.53 -30.55
N PRO E 87 -45.35 -3.13 -29.92
CA PRO E 87 -46.65 -3.24 -30.61
C PRO E 87 -47.26 -1.91 -31.01
N ALA E 88 -47.07 -0.87 -30.20
CA ALA E 88 -47.55 0.45 -30.57
C ALA E 88 -46.84 0.97 -31.81
N LEU E 89 -45.53 0.73 -31.91
CA LEU E 89 -44.78 1.16 -33.08
C LEU E 89 -45.21 0.39 -34.32
N LEU E 90 -45.48 -0.91 -34.18
CA LEU E 90 -45.91 -1.71 -35.33
C LEU E 90 -47.25 -1.23 -35.87
N VAL E 91 -48.18 -0.88 -34.98
CA VAL E 91 -49.50 -0.42 -35.40
C VAL E 91 -49.37 0.89 -36.19
N ALA E 92 -48.53 1.80 -35.71
CA ALA E 92 -48.38 3.10 -36.38
C ALA E 92 -47.89 2.94 -37.81
N MET E 93 -46.92 2.06 -38.03
CA MET E 93 -46.43 1.83 -39.38
C MET E 93 -47.50 1.22 -40.27
N HIS E 94 -48.30 0.29 -39.71
CA HIS E 94 -49.37 -0.32 -40.49
C HIS E 94 -50.41 0.71 -40.90
N VAL E 95 -50.70 1.66 -40.02
CA VAL E 95 -51.67 2.71 -40.35
C VAL E 95 -51.15 3.57 -41.50
N ALA E 96 -49.88 3.96 -41.43
CA ALA E 96 -49.30 4.79 -42.48
C ALA E 96 -49.26 4.04 -43.81
N TYR E 97 -48.91 2.75 -43.77
CA TYR E 97 -48.87 1.95 -45.00
C TYR E 97 -50.27 1.81 -45.60
N THR E 98 -51.28 1.56 -44.76
CA THR E 98 -52.64 1.47 -45.26
C THR E 98 -53.14 2.81 -45.77
N ARG E 99 -52.83 3.90 -45.05
CA ARG E 99 -53.25 5.23 -45.48
C ARG E 99 -52.62 5.62 -46.80
N HIS E 100 -51.34 5.28 -47.00
CA HIS E 100 -50.70 5.55 -48.29
C HIS E 100 -51.34 4.73 -49.41
N GLU E 101 -51.63 3.45 -49.14
CA GLU E 101 -52.19 2.60 -50.18
C GLU E 101 -53.60 3.04 -50.56
N ARG E 102 -54.41 3.43 -49.57
CA ARG E 102 -55.79 3.83 -49.85
C ARG E 102 -55.84 5.05 -50.75
N LYS E 103 -55.01 6.05 -50.49
CA LYS E 103 -54.98 7.23 -51.35
C LYS E 103 -54.44 6.90 -52.74
N ARG E 104 -53.41 6.05 -52.81
CA ARG E 104 -52.79 5.74 -54.09
C ARG E 104 -53.76 5.03 -55.02
N ARG E 105 -54.52 4.08 -54.51
CA ARG E 105 -55.49 3.36 -55.33
C ARG E 105 -56.80 4.14 -55.45
N ARG E 125 -64.85 -0.95 -37.88
CA ARG E 125 -64.02 -2.14 -37.71
C ARG E 125 -63.06 -2.30 -38.87
N GLY E 126 -62.95 -3.52 -39.39
CA GLY E 126 -62.08 -3.81 -40.51
C GLY E 126 -60.74 -4.35 -40.07
N PRO E 127 -59.70 -4.05 -40.85
CA PRO E 127 -58.36 -4.56 -40.52
C PRO E 127 -57.71 -3.78 -39.39
N LEU E 128 -58.02 -2.49 -39.29
CA LEU E 128 -57.45 -1.67 -38.23
C LEU E 128 -57.92 -2.11 -36.85
N TRP E 129 -59.17 -2.60 -36.75
CA TRP E 129 -59.69 -3.05 -35.46
C TRP E 129 -58.91 -4.25 -34.94
N TRP E 130 -58.58 -5.20 -35.82
CA TRP E 130 -57.88 -6.39 -35.37
C TRP E 130 -56.43 -6.08 -34.99
N THR E 131 -55.77 -5.19 -35.75
CA THR E 131 -54.39 -4.85 -35.43
C THR E 131 -54.29 -4.16 -34.08
N TYR E 132 -55.21 -3.22 -33.81
CA TYR E 132 -55.19 -2.54 -32.51
C TYR E 132 -55.51 -3.50 -31.38
N THR E 133 -56.48 -4.40 -31.58
CA THR E 133 -56.83 -5.36 -30.54
C THR E 133 -55.68 -6.32 -30.27
N CYS E 134 -54.98 -6.77 -31.32
CA CYS E 134 -53.87 -7.67 -31.13
C CYS E 134 -52.71 -7.00 -30.40
N SER E 135 -52.49 -5.71 -30.66
CA SER E 135 -51.40 -5.00 -30.00
C SER E 135 -51.65 -4.88 -28.50
N ILE E 136 -52.90 -4.69 -28.11
CA ILE E 136 -53.23 -4.60 -26.68
C ILE E 136 -52.96 -5.94 -26.00
N PHE E 137 -53.28 -7.04 -26.68
CA PHE E 137 -53.05 -8.36 -26.11
C PHE E 137 -51.56 -8.61 -25.86
N PHE E 138 -50.71 -8.22 -26.81
CA PHE E 138 -49.28 -8.46 -26.65
C PHE E 138 -48.67 -7.56 -25.59
N ARG E 139 -49.25 -6.38 -25.37
CA ARG E 139 -48.78 -5.51 -24.30
C ARG E 139 -49.01 -6.14 -22.93
N ILE E 140 -50.16 -6.80 -22.76
CA ILE E 140 -50.44 -7.48 -21.49
C ILE E 140 -49.48 -8.64 -21.29
N VAL E 141 -49.19 -9.40 -22.35
CA VAL E 141 -48.33 -10.57 -22.21
C VAL E 141 -46.91 -10.15 -21.85
N PHE E 142 -46.39 -9.12 -22.51
CA PHE E 142 -45.03 -8.67 -22.23
C PHE E 142 -44.93 -8.10 -20.82
N GLU E 143 -45.94 -7.35 -20.38
CA GLU E 143 -45.94 -6.80 -19.03
C GLU E 143 -45.94 -7.90 -17.98
N ALA E 144 -46.75 -8.94 -18.19
CA ALA E 144 -46.84 -10.02 -17.22
C ALA E 144 -45.57 -10.86 -17.20
N VAL E 145 -44.99 -11.10 -18.37
CA VAL E 145 -43.81 -11.95 -18.46
C VAL E 145 -42.64 -11.33 -17.71
N PHE E 146 -42.44 -10.02 -17.88
CA PHE E 146 -41.26 -9.38 -17.30
C PHE E 146 -41.33 -9.31 -15.78
N MET E 147 -42.51 -9.13 -15.20
CA MET E 147 -42.57 -9.12 -13.74
C MET E 147 -42.44 -10.54 -13.17
N TYR E 148 -42.93 -11.55 -13.87
CA TYR E 148 -42.70 -12.91 -13.43
C TYR E 148 -41.22 -13.26 -13.45
N VAL E 149 -40.50 -12.80 -14.48
CA VAL E 149 -39.06 -12.98 -14.53
C VAL E 149 -38.40 -12.28 -13.35
N PHE E 150 -38.92 -11.11 -12.97
CA PHE E 150 -38.37 -10.40 -11.83
C PHE E 150 -38.56 -11.20 -10.54
N TYR E 151 -39.74 -11.79 -10.34
CA TYR E 151 -39.97 -12.57 -9.13
C TYR E 151 -39.25 -13.91 -9.16
N TYR E 152 -39.09 -14.50 -10.34
CA TYR E 152 -38.34 -15.74 -10.44
C TYR E 152 -36.86 -15.52 -10.17
N MET E 153 -36.35 -14.32 -10.43
CA MET E 153 -34.93 -14.01 -10.38
C MET E 153 -34.49 -13.34 -9.10
N TYR E 154 -35.36 -12.51 -8.49
CA TYR E 154 -35.01 -11.76 -7.29
C TYR E 154 -35.98 -12.00 -6.15
N ASP E 155 -36.92 -12.94 -6.30
CA ASP E 155 -37.88 -13.39 -5.29
C ASP E 155 -38.39 -12.30 -4.35
N GLY E 156 -38.77 -11.16 -4.91
CA GLY E 156 -39.35 -10.08 -4.15
C GLY E 156 -38.81 -8.75 -4.61
N TYR E 157 -39.17 -7.71 -3.86
CA TYR E 157 -38.75 -6.35 -4.16
C TYR E 157 -37.69 -5.81 -3.20
N GLN E 158 -37.39 -6.54 -2.13
CA GLN E 158 -36.49 -6.05 -1.09
C GLN E 158 -35.06 -6.47 -1.41
N MET E 159 -34.18 -5.47 -1.63
CA MET E 159 -32.76 -5.74 -1.84
C MET E 159 -32.07 -5.92 -0.50
N PRO E 160 -31.35 -7.01 -0.29
CA PRO E 160 -30.67 -7.23 0.99
C PRO E 160 -29.42 -6.39 1.13
N ARG E 161 -29.07 -6.12 2.40
CA ARG E 161 -27.81 -5.44 2.69
C ARG E 161 -26.62 -6.40 2.56
N LEU E 162 -26.82 -7.67 2.91
CA LEU E 162 -25.77 -8.67 2.94
C LEU E 162 -26.16 -9.86 2.08
N VAL E 163 -25.18 -10.36 1.31
CA VAL E 163 -25.33 -11.59 0.56
C VAL E 163 -24.18 -12.51 0.94
N LYS E 164 -24.49 -13.80 1.10
CA LYS E 164 -23.49 -14.81 1.45
C LYS E 164 -23.23 -15.69 0.24
N CYS E 165 -22.00 -15.69 -0.24
CA CYS E 165 -21.64 -16.28 -1.52
C CYS E 165 -20.60 -17.37 -1.30
N ASP E 166 -20.84 -18.54 -1.91
CA ASP E 166 -19.93 -19.67 -1.76
C ASP E 166 -19.49 -20.25 -3.10
N ALA E 167 -19.63 -19.49 -4.18
CA ALA E 167 -19.19 -19.95 -5.48
C ALA E 167 -17.67 -19.96 -5.57
N TRP E 168 -17.14 -20.92 -6.32
CA TRP E 168 -15.71 -20.97 -6.56
C TRP E 168 -15.26 -19.70 -7.28
N PRO E 169 -14.09 -19.14 -6.95
CA PRO E 169 -13.06 -19.62 -6.02
C PRO E 169 -13.18 -19.10 -4.59
N CYS E 170 -14.31 -18.60 -4.18
CA CYS E 170 -14.42 -18.04 -2.83
C CYS E 170 -14.34 -19.16 -1.80
N PRO E 171 -13.47 -19.04 -0.79
CA PRO E 171 -13.31 -20.12 0.20
C PRO E 171 -14.42 -20.08 1.24
N ASN E 172 -15.05 -21.23 1.46
CA ASN E 172 -16.14 -21.40 2.42
C ASN E 172 -17.24 -20.41 2.02
N VAL E 173 -17.73 -19.58 2.93
CA VAL E 173 -18.78 -18.60 2.64
C VAL E 173 -18.21 -17.21 2.91
N VAL E 174 -18.42 -16.30 1.97
CA VAL E 174 -17.86 -14.95 2.02
C VAL E 174 -18.99 -13.95 2.15
N ASP E 175 -18.84 -13.00 3.08
CA ASP E 175 -19.81 -11.93 3.24
C ASP E 175 -19.54 -10.82 2.24
N CYS E 176 -20.57 -10.38 1.54
CA CYS E 176 -20.47 -9.29 0.59
C CYS E 176 -21.60 -8.29 0.85
N PHE E 177 -21.30 -7.01 0.59
CA PHE E 177 -22.20 -5.92 0.97
C PHE E 177 -22.63 -5.15 -0.28
N VAL E 178 -23.93 -4.94 -0.41
CA VAL E 178 -24.55 -4.30 -1.57
C VAL E 178 -24.49 -2.79 -1.40
N SER E 179 -24.45 -2.08 -2.53
CA SER E 179 -24.40 -0.63 -2.54
C SER E 179 -25.81 -0.05 -2.65
N ARG E 180 -26.12 0.88 -1.75
CA ARG E 180 -27.42 1.56 -1.70
C ARG E 180 -28.62 0.61 -1.77
N PRO E 181 -28.70 -0.37 -0.88
CA PRO E 181 -29.86 -1.29 -0.93
C PRO E 181 -31.19 -0.62 -0.68
N THR E 182 -31.25 0.41 0.18
CA THR E 182 -32.53 1.01 0.51
C THR E 182 -33.08 1.84 -0.64
N GLU E 183 -32.24 2.64 -1.28
CA GLU E 183 -32.70 3.44 -2.42
C GLU E 183 -33.12 2.56 -3.58
N LYS E 184 -32.39 1.48 -3.83
CA LYS E 184 -32.77 0.56 -4.90
C LYS E 184 -34.10 -0.12 -4.62
N THR E 185 -34.37 -0.43 -3.35
CA THR E 185 -35.65 -1.02 -2.99
C THR E 185 -36.80 -0.06 -3.27
N THR E 186 -36.61 1.23 -2.97
CA THR E 186 -37.67 2.20 -3.17
C THR E 186 -38.05 2.32 -4.63
N PHE E 187 -37.05 2.38 -5.52
CA PHE E 187 -37.35 2.50 -6.95
C PHE E 187 -37.92 1.21 -7.52
N THR E 188 -37.57 0.07 -6.92
CA THR E 188 -38.18 -1.19 -7.36
C THR E 188 -39.68 -1.21 -7.10
N ILE E 189 -40.10 -0.67 -5.95
CA ILE E 189 -41.53 -0.62 -5.63
C ILE E 189 -42.25 0.30 -6.60
N PHE E 190 -41.61 1.41 -6.99
CA PHE E 190 -42.23 2.35 -7.91
C PHE E 190 -42.49 1.70 -9.27
N MET E 191 -41.48 1.03 -9.83
CA MET E 191 -41.64 0.44 -11.15
C MET E 191 -42.62 -0.73 -11.13
N LEU E 192 -42.59 -1.52 -10.06
CA LEU E 192 -43.54 -2.64 -9.95
C LEU E 192 -44.97 -2.13 -9.85
N ALA E 193 -45.19 -1.07 -9.06
CA ALA E 193 -46.53 -0.53 -8.90
C ALA E 193 -47.08 0.03 -10.21
N VAL E 194 -46.25 0.78 -10.95
CA VAL E 194 -46.71 1.38 -12.20
C VAL E 194 -46.93 0.30 -13.26
N SER E 195 -46.05 -0.70 -13.32
CA SER E 195 -46.24 -1.79 -14.27
C SER E 195 -47.52 -2.56 -13.98
N GLY E 196 -47.84 -2.77 -12.70
CA GLY E 196 -49.09 -3.42 -12.36
C GLY E 196 -50.31 -2.61 -12.76
N ILE E 197 -50.23 -1.29 -12.59
CA ILE E 197 -51.33 -0.42 -12.99
C ILE E 197 -51.48 -0.43 -14.51
N CYS E 198 -50.37 -0.51 -15.24
CA CYS E 198 -50.44 -0.50 -16.70
C CYS E 198 -51.16 -1.72 -17.24
N MET E 199 -50.95 -2.89 -16.62
CA MET E 199 -51.67 -4.07 -17.06
C MET E 199 -53.17 -3.92 -16.82
N MET E 200 -53.56 -3.39 -15.67
CA MET E 200 -54.97 -3.24 -15.36
C MET E 200 -55.66 -2.30 -16.34
N LEU E 201 -54.99 -1.20 -16.71
CA LEU E 201 -55.55 -0.30 -17.71
C LEU E 201 -55.65 -0.97 -19.07
N ASN E 202 -54.61 -1.75 -19.44
CA ASN E 202 -54.66 -2.47 -20.70
C ASN E 202 -55.75 -3.52 -20.70
N LEU E 203 -55.92 -4.22 -19.57
CA LEU E 203 -56.99 -5.21 -19.47
C LEU E 203 -58.36 -4.56 -19.57
N ALA E 204 -58.53 -3.39 -18.93
CA ALA E 204 -59.82 -2.71 -18.99
C ALA E 204 -60.15 -2.27 -20.41
N GLU E 205 -59.16 -1.77 -21.15
CA GLU E 205 -59.40 -1.36 -22.53
C GLU E 205 -59.76 -2.55 -23.41
N LEU E 206 -59.11 -3.70 -23.18
CA LEU E 206 -59.45 -4.89 -23.94
C LEU E 206 -60.89 -5.32 -23.69
N CYS E 207 -61.33 -5.25 -22.43
CA CYS E 207 -62.71 -5.61 -22.12
C CYS E 207 -63.69 -4.61 -22.72
N TYR E 208 -63.32 -3.33 -22.73
CA TYR E 208 -64.22 -2.30 -23.27
C TYR E 208 -64.48 -2.53 -24.75
N LEU E 209 -63.45 -2.90 -25.52
CA LEU E 209 -63.62 -3.11 -26.95
C LEU E 209 -64.39 -4.40 -27.23
N VAL E 210 -64.14 -5.45 -26.45
CA VAL E 210 -64.75 -6.75 -26.73
C VAL E 210 -66.26 -6.70 -26.49
N ILE E 211 -66.67 -6.15 -25.34
CA ILE E 211 -68.09 -6.13 -25.03
C ILE E 211 -68.85 -5.18 -25.96
N LYS E 212 -68.20 -4.08 -26.38
CA LYS E 212 -68.87 -3.15 -27.29
C LYS E 212 -69.18 -3.79 -28.62
N VAL E 213 -68.22 -4.54 -29.18
CA VAL E 213 -68.46 -5.21 -30.45
C VAL E 213 -69.40 -6.40 -30.27
N CYS E 214 -69.35 -7.07 -29.11
CA CYS E 214 -70.23 -8.21 -28.89
C CYS E 214 -71.66 -7.77 -28.62
N LEU E 215 -71.84 -6.72 -27.82
CA LEU E 215 -73.18 -6.24 -27.48
C LEU E 215 -73.35 -4.78 -27.86
N VAL F 9 -43.79 24.84 -20.28
CA VAL F 9 -44.40 26.12 -20.59
C VAL F 9 -45.75 25.93 -21.28
N LEU F 10 -45.73 25.17 -22.37
CA LEU F 10 -46.96 24.93 -23.12
C LEU F 10 -47.97 24.15 -22.28
N GLY F 11 -47.50 23.16 -21.53
CA GLY F 11 -48.38 22.37 -20.69
C GLY F 11 -48.73 23.05 -19.38
N GLY F 12 -48.98 24.35 -19.43
CA GLY F 12 -49.36 25.10 -18.26
C GLY F 12 -50.36 26.20 -18.56
N VAL F 13 -51.02 26.11 -19.72
CA VAL F 13 -51.95 27.14 -20.18
C VAL F 13 -53.31 26.49 -20.38
N ASN F 14 -54.33 27.06 -19.73
CA ASN F 14 -55.70 26.65 -19.92
C ASN F 14 -56.58 27.89 -19.98
N LYS F 15 -57.75 27.75 -20.60
CA LYS F 15 -58.65 28.89 -20.75
C LYS F 15 -59.24 29.36 -19.43
N HIS F 16 -59.12 28.57 -18.36
CA HIS F 16 -59.57 28.97 -17.04
C HIS F 16 -58.43 29.45 -16.14
N SER F 17 -57.20 29.48 -16.64
CA SER F 17 -56.06 29.85 -15.81
C SER F 17 -55.94 31.36 -15.71
N THR F 18 -55.69 31.85 -14.50
CA THR F 18 -55.51 33.27 -14.25
C THR F 18 -54.07 33.66 -14.50
N SER F 19 -53.70 34.88 -14.10
CA SER F 19 -52.33 35.34 -14.29
C SER F 19 -51.34 34.55 -13.44
N ILE F 20 -51.77 34.12 -12.24
CA ILE F 20 -50.89 33.38 -11.36
C ILE F 20 -50.46 32.07 -12.00
N GLY F 21 -51.41 31.32 -12.54
CA GLY F 21 -51.08 30.05 -13.18
C GLY F 21 -50.29 30.23 -14.46
N LYS F 22 -50.60 31.28 -15.22
CA LYS F 22 -49.97 31.45 -16.52
C LYS F 22 -48.52 31.90 -16.40
N ILE F 23 -48.21 32.74 -15.42
CA ILE F 23 -46.92 33.42 -15.34
C ILE F 23 -46.12 32.93 -14.12
N TRP F 24 -46.62 33.17 -12.92
CA TRP F 24 -45.80 32.97 -11.72
C TRP F 24 -45.49 31.51 -11.50
N LEU F 25 -46.49 30.63 -11.62
CA LEU F 25 -46.25 29.21 -11.41
C LEU F 25 -45.33 28.63 -12.48
N THR F 26 -45.48 29.09 -13.72
CA THR F 26 -44.62 28.60 -14.80
C THR F 26 -43.17 29.01 -14.57
N VAL F 27 -42.93 30.25 -14.14
CA VAL F 27 -41.57 30.70 -13.90
C VAL F 27 -40.94 29.94 -12.74
N LEU F 28 -41.70 29.73 -11.66
CA LEU F 28 -41.17 29.01 -10.50
C LEU F 28 -40.83 27.57 -10.86
N PHE F 29 -41.65 26.93 -11.69
CA PHE F 29 -41.35 25.56 -12.11
C PHE F 29 -40.05 25.51 -12.90
N ILE F 30 -39.86 26.45 -13.83
CA ILE F 30 -38.59 26.51 -14.56
C ILE F 30 -37.45 26.86 -13.61
N PHE F 31 -37.72 27.69 -12.61
CA PHE F 31 -36.71 28.04 -11.62
C PHE F 31 -36.22 26.82 -10.88
N ARG F 32 -37.14 25.95 -10.46
CA ARG F 32 -36.74 24.75 -9.72
C ARG F 32 -35.96 23.78 -10.61
N ILE F 33 -36.36 23.64 -11.87
CA ILE F 33 -35.65 22.74 -12.77
C ILE F 33 -34.23 23.23 -13.01
N MET F 34 -34.06 24.53 -13.23
CA MET F 34 -32.73 25.08 -13.52
C MET F 34 -31.79 24.87 -12.33
N ILE F 35 -32.27 25.11 -11.12
CA ILE F 35 -31.46 24.91 -9.93
C ILE F 35 -31.06 23.45 -9.81
N LEU F 36 -32.01 22.54 -10.05
N LEU F 36 -32.01 22.55 -10.02
CA LEU F 36 -31.73 21.12 -9.93
CA LEU F 36 -31.75 21.12 -9.84
C LEU F 36 -30.67 20.67 -10.94
C LEU F 36 -30.80 20.59 -10.91
N VAL F 37 -30.71 21.22 -12.15
N VAL F 37 -30.95 21.06 -12.15
CA VAL F 37 -29.77 20.80 -13.19
CA VAL F 37 -30.23 20.46 -13.27
C VAL F 37 -28.33 21.15 -12.82
C VAL F 37 -28.80 20.99 -13.38
N VAL F 38 -28.12 22.37 -12.30
N VAL F 38 -28.62 22.29 -13.50
CA VAL F 38 -26.76 22.81 -11.99
CA VAL F 38 -27.32 22.86 -13.84
C VAL F 38 -26.23 22.23 -10.69
C VAL F 38 -26.54 23.26 -12.59
N ALA F 39 -27.08 21.66 -9.83
N ALA F 39 -27.15 23.17 -11.41
CA ALA F 39 -26.67 21.21 -8.51
CA ALA F 39 -26.43 23.55 -10.20
C ALA F 39 -26.75 19.71 -8.34
C ALA F 39 -26.29 22.40 -9.22
N ALA F 40 -27.02 18.95 -9.40
N ALA F 40 -27.41 21.75 -8.87
CA ALA F 40 -27.21 17.51 -9.26
CA ALA F 40 -27.41 20.85 -7.73
C ALA F 40 -25.92 16.73 -9.51
C ALA F 40 -26.77 19.51 -8.05
N GLU F 41 -25.36 16.85 -10.71
N GLU F 41 -26.95 19.01 -9.27
CA GLU F 41 -24.21 16.04 -11.08
CA GLU F 41 -26.56 17.63 -9.57
C GLU F 41 -22.93 16.47 -10.39
C GLU F 41 -25.06 17.41 -9.37
N ARG F 42 -22.88 17.68 -9.85
N ARG F 42 -24.25 18.44 -9.62
CA ARG F 42 -21.65 18.21 -9.27
CA ARG F 42 -22.81 18.31 -9.45
C ARG F 42 -21.67 18.23 -7.74
C ARG F 42 -22.38 18.26 -7.99
N VAL F 43 -22.79 18.57 -7.12
N VAL F 43 -23.23 18.74 -7.08
CA VAL F 43 -22.81 18.68 -5.66
CA VAL F 43 -22.90 18.73 -5.67
C VAL F 43 -23.02 17.32 -5.03
C VAL F 43 -23.02 17.34 -5.06
N TRP F 44 -23.96 16.52 -5.55
CA TRP F 44 -24.24 15.21 -5.00
C TRP F 44 -23.54 14.09 -5.74
N GLY F 45 -22.60 14.41 -6.64
CA GLY F 45 -21.97 13.38 -7.44
C GLY F 45 -21.15 12.39 -6.64
N ASP F 46 -20.40 12.87 -5.65
CA ASP F 46 -19.49 12.05 -4.87
C ASP F 46 -20.02 11.79 -3.46
N GLU F 47 -21.34 11.61 -3.33
CA GLU F 47 -21.94 11.50 -2.01
C GLU F 47 -21.43 10.27 -1.26
N GLN F 48 -21.38 9.12 -1.93
CA GLN F 48 -20.87 7.91 -1.30
C GLN F 48 -19.38 7.73 -1.48
N GLN F 49 -18.84 8.18 -2.62
CA GLN F 49 -17.42 8.01 -2.89
C GLN F 49 -16.55 8.75 -1.87
N ASP F 50 -16.96 9.95 -1.47
CA ASP F 50 -16.22 10.73 -0.50
C ASP F 50 -16.82 10.66 0.90
N PHE F 51 -17.60 9.61 1.17
CA PHE F 51 -18.10 9.32 2.51
C PHE F 51 -17.01 8.55 3.25
N VAL F 52 -16.39 9.18 4.24
CA VAL F 52 -15.20 8.65 4.90
C VAL F 52 -15.57 8.23 6.32
N CYS F 53 -15.25 6.99 6.67
CA CYS F 53 -15.52 6.44 7.99
C CYS F 53 -14.20 6.02 8.64
N ASN F 54 -14.08 6.31 9.94
CA ASN F 54 -12.86 6.00 10.69
C ASN F 54 -12.96 4.58 11.24
N THR F 55 -12.62 3.62 10.39
CA THR F 55 -12.70 2.21 10.77
C THR F 55 -11.90 1.38 9.77
N LEU F 56 -11.62 0.14 10.18
CA LEU F 56 -10.99 -0.85 9.31
C LEU F 56 -11.94 -1.99 8.97
N GLN F 57 -13.20 -1.90 9.38
CA GLN F 57 -14.15 -2.97 9.16
C GLN F 57 -14.66 -2.95 7.72
N PRO F 58 -14.51 -4.04 6.96
CA PRO F 58 -15.07 -4.07 5.60
C PRO F 58 -16.58 -4.04 5.64
N GLY F 59 -17.17 -3.25 4.74
CA GLY F 59 -18.60 -3.14 4.62
C GLY F 59 -19.24 -2.11 5.51
N CYS F 60 -18.49 -1.49 6.42
CA CYS F 60 -19.07 -0.48 7.29
C CYS F 60 -19.41 0.79 6.53
N ARG F 61 -18.65 1.12 5.49
CA ARG F 61 -18.96 2.30 4.68
C ARG F 61 -20.31 2.17 3.98
N ASN F 62 -20.61 0.97 3.46
CA ASN F 62 -21.84 0.77 2.72
C ASN F 62 -23.07 0.85 3.63
N VAL F 63 -23.00 0.19 4.79
CA VAL F 63 -24.18 0.15 5.66
C VAL F 63 -24.43 1.49 6.33
N CYS F 64 -23.37 2.22 6.68
CA CYS F 64 -23.55 3.50 7.37
C CYS F 64 -24.08 4.57 6.42
N TYR F 65 -23.59 4.60 5.18
CA TYR F 65 -24.13 5.54 4.21
C TYR F 65 -25.59 5.24 3.91
N ASP F 66 -25.93 3.97 3.73
CA ASP F 66 -27.30 3.60 3.42
C ASP F 66 -28.23 3.87 4.61
N HIS F 67 -27.68 3.85 5.83
CA HIS F 67 -28.52 4.06 7.01
C HIS F 67 -28.89 5.53 7.16
N PHE F 68 -27.97 6.44 6.85
CA PHE F 68 -28.21 7.86 7.07
C PHE F 68 -28.74 8.59 5.85
N PHE F 69 -28.61 8.01 4.66
CA PHE F 69 -29.14 8.59 3.44
C PHE F 69 -29.92 7.52 2.67
N PRO F 70 -31.08 7.11 3.20
CA PRO F 70 -31.86 6.07 2.50
C PRO F 70 -32.28 6.48 1.10
N ILE F 71 -32.60 7.75 0.88
CA ILE F 71 -32.85 8.29 -0.46
C ILE F 71 -32.08 9.59 -0.58
N SER F 72 -31.37 9.75 -1.69
CA SER F 72 -30.60 10.97 -1.91
C SER F 72 -31.52 12.18 -2.04
N HIS F 73 -31.01 13.34 -1.65
CA HIS F 73 -31.83 14.55 -1.70
C HIS F 73 -32.23 14.89 -3.13
N ILE F 74 -31.31 14.76 -4.08
CA ILE F 74 -31.62 15.11 -5.46
C ILE F 74 -32.65 14.15 -6.05
N ARG F 75 -32.60 12.88 -5.68
CA ARG F 75 -33.60 11.93 -6.17
C ARG F 75 -34.99 12.25 -5.62
N LEU F 76 -35.07 12.74 -4.38
CA LEU F 76 -36.35 13.14 -3.83
C LEU F 76 -36.94 14.33 -4.58
N TRP F 77 -36.10 15.31 -4.91
CA TRP F 77 -36.59 16.48 -5.63
C TRP F 77 -36.96 16.15 -7.07
N ALA F 78 -36.21 15.23 -7.70
CA ALA F 78 -36.57 14.79 -9.03
C ALA F 78 -37.92 14.09 -9.05
N LEU F 79 -38.18 13.25 -8.04
CA LEU F 79 -39.48 12.60 -7.96
C LEU F 79 -40.60 13.61 -7.73
N GLN F 80 -40.35 14.61 -6.89
CA GLN F 80 -41.37 15.62 -6.60
C GLN F 80 -41.73 16.41 -7.85
N LEU F 81 -40.73 16.78 -8.65
CA LEU F 81 -41.01 17.53 -9.88
C LEU F 81 -41.82 16.72 -10.86
N ILE F 82 -41.52 15.42 -10.98
CA ILE F 82 -42.28 14.56 -11.87
C ILE F 82 -43.73 14.46 -11.42
N PHE F 83 -43.95 14.32 -10.11
CA PHE F 83 -45.31 14.14 -9.61
C PHE F 83 -46.13 15.41 -9.76
N VAL F 84 -45.56 16.58 -9.42
CA VAL F 84 -46.34 17.80 -9.46
C VAL F 84 -46.59 18.29 -10.87
N SER F 85 -45.82 17.80 -11.85
CA SER F 85 -46.06 18.16 -13.25
C SER F 85 -46.97 17.18 -13.96
N THR F 86 -47.29 16.05 -13.33
CA THR F 86 -48.21 15.09 -13.95
C THR F 86 -49.62 15.63 -14.13
N PRO F 87 -50.26 16.26 -13.13
CA PRO F 87 -51.61 16.78 -13.36
C PRO F 87 -51.69 17.79 -14.49
N ALA F 88 -50.66 18.62 -14.66
CA ALA F 88 -50.65 19.56 -15.77
C ALA F 88 -50.60 18.82 -17.11
N LEU F 89 -49.83 17.73 -17.17
CA LEU F 89 -49.75 16.95 -18.41
C LEU F 89 -51.08 16.25 -18.69
N LEU F 90 -51.77 15.76 -17.65
CA LEU F 90 -53.05 15.09 -17.85
C LEU F 90 -54.09 16.05 -18.39
N VAL F 91 -54.11 17.29 -17.90
CA VAL F 91 -55.09 18.27 -18.35
C VAL F 91 -54.87 18.59 -19.82
N ALA F 92 -53.62 18.74 -20.24
CA ALA F 92 -53.34 19.10 -21.63
C ALA F 92 -53.84 18.04 -22.60
N MET F 93 -53.63 16.76 -22.27
CA MET F 93 -54.13 15.70 -23.13
C MET F 93 -55.65 15.68 -23.18
N HIS F 94 -56.30 15.92 -22.05
CA HIS F 94 -57.76 15.97 -22.03
C HIS F 94 -58.29 17.10 -22.91
N VAL F 95 -57.60 18.24 -22.91
CA VAL F 95 -58.03 19.35 -23.75
C VAL F 95 -57.93 18.98 -25.23
N ALA F 96 -56.82 18.36 -25.61
CA ALA F 96 -56.63 17.97 -27.02
C ALA F 96 -57.66 16.93 -27.43
N TYR F 97 -57.94 15.96 -26.55
CA TYR F 97 -58.93 14.94 -26.86
C TYR F 97 -60.32 15.55 -27.00
N THR F 98 -60.68 16.47 -26.10
CA THR F 98 -61.98 17.15 -26.21
C THR F 98 -62.04 18.04 -27.45
N ARG F 99 -60.95 18.76 -27.73
CA ARG F 99 -60.91 19.63 -28.91
C ARG F 99 -61.03 18.83 -30.20
N HIS F 100 -60.38 17.66 -30.27
CA HIS F 100 -60.52 16.80 -31.44
C HIS F 100 -61.94 16.28 -31.59
N GLU F 101 -62.55 15.86 -30.48
CA GLU F 101 -63.90 15.30 -30.54
C GLU F 101 -64.92 16.37 -30.93
N ARG F 102 -64.78 17.58 -30.40
CA ARG F 102 -65.75 18.63 -30.69
C ARG F 102 -65.77 18.98 -32.18
N LYS F 103 -64.60 19.10 -32.80
CA LYS F 103 -64.54 19.37 -34.24
C LYS F 103 -65.07 18.20 -35.05
N ARG F 104 -64.73 16.97 -34.64
CA ARG F 104 -65.14 15.79 -35.41
C ARG F 104 -66.65 15.65 -35.45
N ARG F 105 -67.32 15.85 -34.33
CA ARG F 105 -68.78 15.73 -34.27
C ARG F 105 -69.44 17.03 -34.73
N ARG F 125 -67.63 27.41 -17.74
CA ARG F 125 -67.46 26.23 -16.90
C ARG F 125 -67.49 24.96 -17.74
N GLY F 126 -68.21 23.95 -17.27
CA GLY F 126 -68.33 22.70 -17.98
C GLY F 126 -67.37 21.65 -17.48
N PRO F 127 -66.93 20.76 -18.37
CA PRO F 127 -66.01 19.70 -17.96
C PRO F 127 -64.58 20.19 -17.78
N LEU F 128 -64.19 21.20 -18.57
CA LEU F 128 -62.84 21.75 -18.45
C LEU F 128 -62.62 22.43 -17.11
N TRP F 129 -63.66 23.05 -16.55
CA TRP F 129 -63.51 23.71 -15.25
C TRP F 129 -63.18 22.71 -14.15
N TRP F 130 -63.84 21.55 -14.16
CA TRP F 130 -63.60 20.57 -13.11
C TRP F 130 -62.23 19.93 -13.25
N THR F 131 -61.80 19.66 -14.47
CA THR F 131 -60.48 19.05 -14.68
C THR F 131 -59.37 19.99 -14.21
N TYR F 132 -59.47 21.27 -14.54
CA TYR F 132 -58.46 22.23 -14.10
C TYR F 132 -58.47 22.38 -12.59
N THR F 133 -59.65 22.45 -11.99
CA THR F 133 -59.74 22.58 -10.54
C THR F 133 -59.18 21.36 -9.83
N CYS F 134 -59.46 20.17 -10.35
CA CYS F 134 -58.96 18.95 -9.73
C CYS F 134 -57.44 18.87 -9.83
N SER F 135 -56.87 19.31 -10.95
CA SER F 135 -55.42 19.27 -11.12
C SER F 135 -54.72 20.16 -10.10
N ILE F 136 -55.31 21.31 -9.80
CA ILE F 136 -54.72 22.21 -8.81
C ILE F 136 -54.73 21.56 -7.43
N PHE F 137 -55.81 20.86 -7.09
CA PHE F 137 -55.89 20.21 -5.80
C PHE F 137 -54.81 19.15 -5.63
N PHE F 138 -54.56 18.36 -6.69
CA PHE F 138 -53.55 17.32 -6.60
C PHE F 138 -52.14 17.89 -6.54
N ARG F 139 -51.93 19.05 -7.16
CA ARG F 139 -50.62 19.69 -7.07
C ARG F 139 -50.29 20.10 -5.64
N ILE F 140 -51.29 20.59 -4.91
CA ILE F 140 -51.09 20.95 -3.50
C ILE F 140 -50.78 19.71 -2.69
N VAL F 141 -51.50 18.62 -2.93
CA VAL F 141 -51.32 17.40 -2.13
C VAL F 141 -49.93 16.82 -2.35
N PHE F 142 -49.50 16.74 -3.60
CA PHE F 142 -48.17 16.20 -3.89
C PHE F 142 -47.08 17.08 -3.30
N GLU F 143 -47.24 18.39 -3.37
CA GLU F 143 -46.25 19.29 -2.80
C GLU F 143 -46.14 19.12 -1.30
N ALA F 144 -47.28 18.98 -0.62
CA ALA F 144 -47.25 18.83 0.85
C ALA F 144 -46.71 17.47 1.25
N VAL F 145 -47.06 16.42 0.50
CA VAL F 145 -46.62 15.08 0.87
C VAL F 145 -45.10 14.97 0.79
N PHE F 146 -44.50 15.52 -0.26
CA PHE F 146 -43.06 15.39 -0.42
C PHE F 146 -42.29 16.22 0.60
N MET F 147 -42.86 17.36 1.03
CA MET F 147 -42.21 18.14 2.06
C MET F 147 -42.31 17.46 3.42
N TYR F 148 -43.43 16.80 3.71
CA TYR F 148 -43.55 16.05 4.95
C TYR F 148 -42.60 14.86 4.98
N VAL F 149 -42.45 14.18 3.84
CA VAL F 149 -41.52 13.05 3.78
C VAL F 149 -40.10 13.52 4.07
N PHE F 150 -39.75 14.71 3.59
CA PHE F 150 -38.42 15.24 3.83
C PHE F 150 -38.17 15.46 5.33
N TYR F 151 -39.16 16.01 6.03
CA TYR F 151 -38.99 16.26 7.46
C TYR F 151 -39.08 14.97 8.27
N TYR F 152 -39.86 13.99 7.80
CA TYR F 152 -39.93 12.71 8.48
C TYR F 152 -38.63 11.93 8.34
N MET F 153 -37.88 12.18 7.27
CA MET F 153 -36.70 11.39 6.93
C MET F 153 -35.40 12.06 7.33
N TYR F 154 -35.31 13.39 7.27
CA TYR F 154 -34.08 14.11 7.56
C TYR F 154 -34.25 15.14 8.66
N ASP F 155 -35.42 15.20 9.30
CA ASP F 155 -35.73 16.05 10.46
C ASP F 155 -35.15 17.47 10.40
N GLY F 156 -35.16 18.08 9.23
CA GLY F 156 -34.74 19.45 9.08
C GLY F 156 -33.95 19.64 7.80
N TYR F 157 -33.41 20.85 7.64
CA TYR F 157 -32.66 21.22 6.45
C TYR F 157 -31.16 21.22 6.64
N GLN F 158 -30.68 21.03 7.87
CA GLN F 158 -29.25 21.14 8.17
C GLN F 158 -28.60 19.77 8.03
N MET F 159 -27.66 19.66 7.09
CA MET F 159 -26.87 18.45 6.92
C MET F 159 -25.71 18.43 7.90
N PRO F 160 -25.56 17.38 8.71
CA PRO F 160 -24.47 17.35 9.68
C PRO F 160 -23.13 17.07 9.03
N ARG F 161 -22.07 17.53 9.70
CA ARG F 161 -20.71 17.20 9.29
C ARG F 161 -20.34 15.78 9.67
N LEU F 162 -20.84 15.31 10.82
CA LEU F 162 -20.46 14.03 11.37
C LEU F 162 -21.71 13.22 11.69
N VAL F 163 -21.67 11.93 11.38
CA VAL F 163 -22.73 10.99 11.74
C VAL F 163 -22.12 9.81 12.49
N LYS F 164 -22.80 9.37 13.54
CA LYS F 164 -22.34 8.25 14.36
C LYS F 164 -23.22 7.05 14.07
N CYS F 165 -22.60 5.97 13.57
CA CYS F 165 -23.31 4.82 13.03
C CYS F 165 -22.92 3.57 13.82
N ASP F 166 -23.93 2.79 14.20
CA ASP F 166 -23.70 1.58 14.98
C ASP F 166 -24.37 0.34 14.38
N ALA F 167 -24.73 0.39 13.10
CA ALA F 167 -25.34 -0.76 12.45
C ALA F 167 -24.30 -1.85 12.20
N TRP F 168 -24.75 -3.09 12.25
CA TRP F 168 -23.87 -4.21 11.94
C TRP F 168 -23.41 -4.10 10.48
N PRO F 169 -22.14 -4.42 10.19
CA PRO F 169 -21.09 -4.99 11.04
C PRO F 169 -20.17 -3.98 11.70
N CYS F 170 -20.54 -2.73 11.83
CA CYS F 170 -19.64 -1.73 12.40
C CYS F 170 -19.48 -1.98 13.90
N PRO F 171 -18.25 -2.08 14.41
CA PRO F 171 -18.06 -2.37 15.82
C PRO F 171 -18.26 -1.13 16.68
N ASN F 172 -19.06 -1.27 17.73
CA ASN F 172 -19.38 -0.18 18.67
C ASN F 172 -19.99 0.96 17.86
N VAL F 173 -19.49 2.18 17.97
CA VAL F 173 -19.98 3.33 17.22
C VAL F 173 -18.83 3.87 16.38
N VAL F 174 -19.09 4.11 15.10
CA VAL F 174 -18.08 4.51 14.14
C VAL F 174 -18.38 5.94 13.66
N ASP F 175 -17.34 6.77 13.63
CA ASP F 175 -17.47 8.13 13.12
C ASP F 175 -17.36 8.13 11.60
N CYS F 176 -18.30 8.80 10.93
CA CYS F 176 -18.29 8.95 9.49
C CYS F 176 -18.51 10.41 9.14
N PHE F 177 -17.89 10.85 8.04
CA PHE F 177 -17.87 12.27 7.67
C PHE F 177 -18.52 12.47 6.31
N VAL F 178 -19.42 13.43 6.23
CA VAL F 178 -20.22 13.72 5.05
C VAL F 178 -19.43 14.62 4.11
N SER F 179 -19.73 14.54 2.82
CA SER F 179 -19.07 15.34 1.80
C SER F 179 -19.89 16.59 1.50
N ARG F 180 -19.22 17.74 1.53
CA ARG F 180 -19.83 19.04 1.25
C ARG F 180 -21.13 19.29 2.02
N PRO F 181 -21.12 19.19 3.35
CA PRO F 181 -22.36 19.42 4.11
C PRO F 181 -22.90 20.84 4.00
N THR F 182 -22.04 21.84 3.89
CA THR F 182 -22.52 23.23 3.88
C THR F 182 -23.18 23.58 2.56
N GLU F 183 -22.59 23.15 1.44
CA GLU F 183 -23.19 23.42 0.14
C GLU F 183 -24.52 22.70 -0.02
N LYS F 184 -24.61 21.47 0.50
CA LYS F 184 -25.86 20.73 0.41
C LYS F 184 -26.95 21.37 1.26
N THR F 185 -26.59 21.95 2.40
CA THR F 185 -27.56 22.65 3.23
C THR F 185 -28.12 23.87 2.50
N THR F 186 -27.26 24.61 1.80
CA THR F 186 -27.69 25.82 1.11
C THR F 186 -28.72 25.50 0.03
N PHE F 187 -28.48 24.45 -0.76
CA PHE F 187 -29.41 24.10 -1.81
C PHE F 187 -30.69 23.48 -1.26
N THR F 188 -30.61 22.86 -0.08
CA THR F 188 -31.82 22.35 0.56
C THR F 188 -32.75 23.48 0.95
N ILE F 189 -32.20 24.58 1.45
CA ILE F 189 -33.02 25.74 1.81
C ILE F 189 -33.68 26.33 0.58
N PHE F 190 -32.95 26.40 -0.54
CA PHE F 190 -33.51 26.95 -1.77
C PHE F 190 -34.70 26.14 -2.25
N MET F 191 -34.56 24.81 -2.29
CA MET F 191 -35.63 23.97 -2.80
C MET F 191 -36.84 23.97 -1.86
N LEU F 192 -36.59 23.99 -0.55
CA LEU F 192 -37.70 24.04 0.40
C LEU F 192 -38.45 25.35 0.31
N ALA F 193 -37.72 26.47 0.17
CA ALA F 193 -38.38 27.77 0.10
C ALA F 193 -39.24 27.90 -1.15
N VAL F 194 -38.73 27.46 -2.30
CA VAL F 194 -39.50 27.57 -3.54
C VAL F 194 -40.69 26.64 -3.51
N SER F 195 -40.53 25.44 -2.95
CA SER F 195 -41.66 24.52 -2.83
C SER F 195 -42.76 25.09 -1.95
N GLY F 196 -42.38 25.76 -0.86
CA GLY F 196 -43.36 26.40 -0.01
C GLY F 196 -44.09 27.53 -0.72
N ILE F 197 -43.36 28.31 -1.51
CA ILE F 197 -43.99 29.39 -2.28
C ILE F 197 -44.93 28.83 -3.32
N CYS F 198 -44.52 27.75 -3.99
CA CYS F 198 -45.38 27.14 -5.01
C CYS F 198 -46.67 26.62 -4.41
N MET F 199 -46.61 26.08 -3.19
CA MET F 199 -47.82 25.61 -2.53
C MET F 199 -48.75 26.77 -2.21
N MET F 200 -48.21 27.90 -1.76
CA MET F 200 -49.03 29.06 -1.46
C MET F 200 -49.70 29.62 -2.70
N LEU F 201 -48.97 29.70 -3.81
CA LEU F 201 -49.55 30.21 -5.05
C LEU F 201 -50.67 29.31 -5.55
N ASN F 202 -50.48 27.99 -5.46
CA ASN F 202 -51.53 27.06 -5.86
C ASN F 202 -52.77 27.22 -4.99
N LEU F 203 -52.58 27.43 -3.68
CA LEU F 203 -53.70 27.64 -2.79
C LEU F 203 -54.44 28.92 -3.13
N ALA F 204 -53.71 29.99 -3.45
CA ALA F 204 -54.34 31.25 -3.80
C ALA F 204 -55.18 31.12 -5.07
N GLU F 205 -54.65 30.42 -6.07
CA GLU F 205 -55.38 30.24 -7.32
C GLU F 205 -56.63 29.40 -7.09
N LEU F 206 -56.55 28.39 -6.23
CA LEU F 206 -57.73 27.58 -5.90
C LEU F 206 -58.81 28.43 -5.24
N CYS F 207 -58.41 29.31 -4.32
CA CYS F 207 -59.39 30.17 -3.67
C CYS F 207 -60.00 31.18 -4.64
N TYR F 208 -59.19 31.66 -5.60
CA TYR F 208 -59.69 32.61 -6.57
C TYR F 208 -60.80 32.01 -7.43
N LEU F 209 -60.64 30.76 -7.84
CA LEU F 209 -61.65 30.11 -8.68
C LEU F 209 -62.91 29.78 -7.88
N VAL F 210 -62.75 29.34 -6.63
CA VAL F 210 -63.90 28.90 -5.85
C VAL F 210 -64.81 30.07 -5.52
N ILE F 211 -64.24 31.17 -5.02
CA ILE F 211 -65.07 32.31 -4.64
C ILE F 211 -65.71 32.96 -5.85
N LYS F 212 -65.02 32.96 -7.00
CA LYS F 212 -65.60 33.56 -8.20
C LYS F 212 -66.84 32.81 -8.66
N VAL F 213 -66.79 31.48 -8.66
CA VAL F 213 -67.95 30.70 -9.05
C VAL F 213 -69.03 30.74 -7.98
N CYS F 214 -68.63 30.83 -6.70
CA CYS F 214 -69.62 30.87 -5.63
C CYS F 214 -70.32 32.23 -5.57
N LEU F 215 -69.56 33.31 -5.70
CA LEU F 215 -70.12 34.65 -5.62
C LEU F 215 -69.83 35.45 -6.88
N VAL G 9 31.30 -7.03 43.82
CA VAL G 9 31.34 -7.49 45.20
C VAL G 9 32.75 -7.39 45.75
N LEU G 10 33.71 -8.01 45.04
CA LEU G 10 35.09 -7.98 45.48
C LEU G 10 35.65 -6.56 45.48
N GLY G 11 35.32 -5.78 44.46
CA GLY G 11 35.79 -4.41 44.39
C GLY G 11 34.99 -3.45 45.24
N GLY G 12 34.62 -3.88 46.45
CA GLY G 12 33.90 -3.03 47.37
C GLY G 12 34.29 -3.28 48.81
N VAL G 13 35.45 -3.90 49.02
CA VAL G 13 35.92 -4.26 50.35
C VAL G 13 37.26 -3.58 50.59
N ASN G 14 37.36 -2.83 51.68
CA ASN G 14 38.60 -2.24 52.12
C ASN G 14 38.70 -2.39 53.64
N LYS G 15 39.93 -2.32 54.14
CA LYS G 15 40.15 -2.50 55.58
C LYS G 15 39.60 -1.33 56.40
N HIS G 16 39.25 -0.21 55.78
CA HIS G 16 38.62 0.90 56.46
C HIS G 16 37.11 0.95 56.27
N SER G 17 36.53 0.00 55.55
CA SER G 17 35.11 0.03 55.26
C SER G 17 34.30 -0.52 56.42
N THR G 18 33.23 0.18 56.77
CA THR G 18 32.34 -0.23 57.85
C THR G 18 31.31 -1.22 57.32
N SER G 19 30.30 -1.51 58.13
CA SER G 19 29.25 -2.44 57.71
C SER G 19 28.42 -1.87 56.57
N ILE G 20 28.22 -0.54 56.56
CA ILE G 20 27.40 0.08 55.52
C ILE G 20 28.03 -0.13 54.15
N GLY G 21 29.32 0.17 54.03
CA GLY G 21 29.99 -0.01 52.75
C GLY G 21 30.12 -1.47 52.36
N LYS G 22 30.33 -2.34 53.34
CA LYS G 22 30.59 -3.75 53.03
C LYS G 22 29.32 -4.47 52.59
N ILE G 23 28.17 -4.14 53.17
CA ILE G 23 26.94 -4.89 52.98
C ILE G 23 25.89 -4.08 52.22
N TRP G 24 25.43 -2.97 52.79
CA TRP G 24 24.27 -2.28 52.25
C TRP G 24 24.55 -1.67 50.88
N LEU G 25 25.71 -1.01 50.73
CA LEU G 25 26.03 -0.39 49.45
C LEU G 25 26.26 -1.45 48.37
N THR G 26 26.87 -2.58 48.74
CA THR G 26 27.09 -3.64 47.76
C THR G 26 25.78 -4.23 47.27
N VAL G 27 24.83 -4.45 48.19
CA VAL G 27 23.54 -5.02 47.80
C VAL G 27 22.78 -4.05 46.90
N LEU G 28 22.78 -2.77 47.25
CA LEU G 28 22.06 -1.79 46.45
C LEU G 28 22.65 -1.68 45.05
N PHE G 29 23.97 -1.76 44.93
CA PHE G 29 24.60 -1.71 43.61
C PHE G 29 24.18 -2.89 42.76
N ILE G 30 24.16 -4.09 43.35
CA ILE G 30 23.67 -5.26 42.62
C ILE G 30 22.19 -5.12 42.32
N PHE G 31 21.44 -4.50 43.25
CA PHE G 31 20.02 -4.27 43.02
C PHE G 31 19.78 -3.41 41.79
N ARG G 32 20.56 -2.32 41.65
CA ARG G 32 20.39 -1.45 40.50
C ARG G 32 20.76 -2.14 39.19
N ILE G 33 21.83 -2.95 39.21
CA ILE G 33 22.24 -3.64 37.99
C ILE G 33 21.17 -4.64 37.57
N MET G 34 20.62 -5.40 38.52
CA MET G 34 19.63 -6.40 38.16
C MET G 34 18.38 -5.78 37.56
N ILE G 35 17.91 -4.66 38.13
CA ILE G 35 16.75 -3.97 37.59
C ILE G 35 17.04 -3.48 36.18
N LEU G 36 18.23 -2.92 35.96
N LEU G 36 18.22 -2.90 35.97
CA LEU G 36 18.59 -2.41 34.64
CA LEU G 36 18.55 -2.33 34.67
C LEU G 36 18.62 -3.51 33.60
C LEU G 36 18.73 -3.41 33.61
N VAL G 37 19.10 -4.70 33.98
N VAL G 37 19.34 -4.53 33.98
CA VAL G 37 19.24 -5.80 33.02
CA VAL G 37 19.74 -5.53 33.00
C VAL G 37 17.87 -6.25 32.52
C VAL G 37 18.58 -6.44 32.59
N VAL G 38 16.89 -6.37 33.41
N VAL G 38 17.96 -7.11 33.55
CA VAL G 38 15.59 -6.88 33.01
CA VAL G 38 17.00 -8.17 33.24
C VAL G 38 14.71 -5.83 32.35
C VAL G 38 15.57 -7.65 33.22
N ALA G 39 15.07 -4.56 32.43
N ALA G 39 15.36 -6.38 33.59
CA ALA G 39 14.22 -3.48 31.94
CA ALA G 39 14.00 -5.85 33.58
C ALA G 39 14.82 -2.73 30.77
C ALA G 39 13.84 -4.67 32.64
N ALA G 40 15.95 -3.18 30.23
N ALA G 40 14.70 -3.66 32.78
CA ALA G 40 16.63 -2.44 29.16
CA ALA G 40 14.44 -2.38 32.14
C ALA G 40 16.21 -2.90 27.77
C ALA G 40 14.76 -2.39 30.64
N GLU G 41 16.46 -4.18 27.46
N GLU G 41 15.80 -3.13 30.24
CA GLU G 41 16.23 -4.67 26.11
CA GLU G 41 16.30 -3.02 28.88
C GLU G 41 14.75 -4.81 25.78
C GLU G 41 15.25 -3.42 27.85
N ARG G 42 13.88 -4.86 26.78
N ARG G 42 14.38 -4.37 28.20
CA ARG G 42 12.47 -5.13 26.55
CA ARG G 42 13.33 -4.81 27.27
C ARG G 42 11.59 -3.88 26.69
C ARG G 42 12.22 -3.78 27.12
N VAL G 43 11.86 -3.02 27.67
N VAL G 43 12.08 -2.86 28.06
CA VAL G 43 11.00 -1.86 27.87
CA VAL G 43 11.04 -1.84 27.97
C VAL G 43 11.37 -0.73 26.94
C VAL G 43 11.38 -0.76 26.95
N TRP G 44 12.66 -0.46 26.78
CA TRP G 44 13.12 0.63 25.91
C TRP G 44 13.55 0.14 24.53
N GLY G 45 13.25 -1.12 24.19
CA GLY G 45 13.72 -1.66 22.92
C GLY G 45 13.12 -0.97 21.72
N ASP G 46 11.82 -0.69 21.75
CA ASP G 46 11.10 -0.12 20.61
C ASP G 46 10.78 1.37 20.83
N GLU G 47 11.70 2.11 21.45
CA GLU G 47 11.41 3.50 21.79
C GLU G 47 11.17 4.35 20.56
N GLN G 48 12.02 4.23 19.54
CA GLN G 48 11.83 4.98 18.31
C GLN G 48 10.97 4.24 17.29
N GLN G 49 11.05 2.91 17.27
CA GLN G 49 10.29 2.14 16.29
C GLN G 49 8.79 2.31 16.49
N ASP G 50 8.34 2.35 17.73
CA ASP G 50 6.92 2.52 18.04
C ASP G 50 6.57 3.95 18.41
N PHE G 51 7.39 4.91 18.02
CA PHE G 51 7.10 6.34 18.17
C PHE G 51 6.26 6.76 16.97
N VAL G 52 4.99 7.06 17.21
CA VAL G 52 4.01 7.29 16.15
C VAL G 52 3.64 8.76 16.13
N CYS G 53 3.76 9.38 14.96
CA CYS G 53 3.42 10.79 14.76
C CYS G 53 2.32 10.91 13.72
N ASN G 54 1.36 11.80 13.98
CA ASN G 54 0.22 12.00 13.09
C ASN G 54 0.58 13.04 12.03
N THR G 55 1.26 12.57 10.99
CA THR G 55 1.70 13.45 9.92
C THR G 55 2.08 12.60 8.70
N LEU G 56 2.19 13.29 7.56
CA LEU G 56 2.68 12.69 6.33
C LEU G 56 4.03 13.26 5.91
N GLN G 57 4.63 14.10 6.74
CA GLN G 57 5.89 14.74 6.39
C GLN G 57 7.05 13.78 6.59
N PRO G 58 7.85 13.52 5.56
CA PRO G 58 9.03 12.66 5.74
C PRO G 58 10.06 13.34 6.64
N GLY G 59 10.63 12.55 7.55
CA GLY G 59 11.65 13.03 8.45
C GLY G 59 11.14 13.66 9.73
N CYS G 60 9.83 13.83 9.88
CA CYS G 60 9.29 14.41 11.10
C CYS G 60 9.41 13.44 12.28
N ARG G 61 9.34 12.14 12.02
CA ARG G 61 9.51 11.16 13.10
C ARG G 61 10.90 11.22 13.70
N ASN G 62 11.92 11.39 12.86
CA ASN G 62 13.30 11.40 13.35
C ASN G 62 13.59 12.64 14.19
N VAL G 63 13.16 13.81 13.71
CA VAL G 63 13.51 15.05 14.41
C VAL G 63 12.71 15.19 15.70
N CYS G 64 11.46 14.74 15.72
CA CYS G 64 10.64 14.89 16.92
C CYS G 64 11.09 13.94 18.02
N TYR G 65 11.44 12.70 17.66
CA TYR G 65 11.96 11.79 18.67
C TYR G 65 13.28 12.29 19.24
N ASP G 66 14.17 12.77 18.38
CA ASP G 66 15.46 13.26 18.85
C ASP G 66 15.31 14.53 19.68
N HIS G 67 14.24 15.30 19.45
CA HIS G 67 14.05 16.54 20.19
C HIS G 67 13.59 16.26 21.61
N PHE G 68 12.73 15.26 21.81
CA PHE G 68 12.15 15.00 23.12
C PHE G 68 12.91 13.96 23.92
N PHE G 69 13.75 13.16 23.29
CA PHE G 69 14.57 12.16 23.96
C PHE G 69 16.02 12.28 23.48
N PRO G 70 16.70 13.37 23.85
CA PRO G 70 18.09 13.54 23.38
C PRO G 70 19.01 12.42 23.85
N ILE G 71 18.80 11.90 25.06
CA ILE G 71 19.49 10.71 25.55
C ILE G 71 18.47 9.79 26.17
N SER G 72 18.54 8.51 25.82
CA SER G 72 17.59 7.54 26.36
C SER G 72 17.79 7.36 27.85
N HIS G 73 16.71 7.01 28.55
CA HIS G 73 16.79 6.84 30.00
C HIS G 73 17.75 5.73 30.38
N ILE G 74 17.70 4.61 29.66
CA ILE G 74 18.57 3.48 30.00
C ILE G 74 20.03 3.81 29.78
N ARG G 75 20.34 4.58 28.75
CA ARG G 75 21.72 4.98 28.51
C ARG G 75 22.23 5.90 29.61
N LEU G 76 21.38 6.77 30.14
CA LEU G 76 21.78 7.63 31.25
C LEU G 76 22.10 6.81 32.50
N TRP G 77 21.28 5.80 32.79
CA TRP G 77 21.51 4.99 33.97
C TRP G 77 22.75 4.10 33.80
N ALA G 78 22.98 3.61 32.58
CA ALA G 78 24.19 2.84 32.32
C ALA G 78 25.44 3.69 32.52
N LEU G 79 25.41 4.93 32.07
CA LEU G 79 26.55 5.83 32.28
C LEU G 79 26.75 6.11 33.77
N GLN G 80 25.66 6.30 34.50
CA GLN G 80 25.78 6.59 35.93
C GLN G 80 26.40 5.42 36.69
N LEU G 81 26.00 4.19 36.36
CA LEU G 81 26.56 3.03 37.04
C LEU G 81 28.05 2.89 36.76
N ILE G 82 28.47 3.16 35.52
CA ILE G 82 29.88 3.09 35.18
C ILE G 82 30.68 4.12 35.97
N PHE G 83 30.14 5.34 36.08
CA PHE G 83 30.87 6.41 36.75
C PHE G 83 30.99 6.17 38.25
N VAL G 84 29.89 5.74 38.90
CA VAL G 84 29.92 5.59 40.34
C VAL G 84 30.69 4.36 40.77
N SER G 85 30.93 3.41 39.86
CA SER G 85 31.74 2.24 40.18
C SER G 85 33.21 2.43 39.85
N THR G 86 33.57 3.51 39.15
CA THR G 86 34.97 3.77 38.85
C THR G 86 35.82 4.03 40.09
N PRO G 87 35.42 4.89 41.05
CA PRO G 87 36.27 5.09 42.23
C PRO G 87 36.53 3.82 43.02
N ALA G 88 35.54 2.92 43.08
CA ALA G 88 35.77 1.64 43.75
C ALA G 88 36.82 0.82 43.02
N LEU G 89 36.80 0.84 41.68
CA LEU G 89 37.79 0.10 40.92
C LEU G 89 39.18 0.71 41.07
N LEU G 90 39.27 2.04 41.14
CA LEU G 90 40.56 2.69 41.31
C LEU G 90 41.19 2.34 42.66
N VAL G 91 40.37 2.27 43.71
CA VAL G 91 40.89 1.95 45.05
C VAL G 91 41.45 0.54 45.07
N ALA G 92 40.76 -0.41 44.45
CA ALA G 92 41.20 -1.80 44.47
C ALA G 92 42.57 -1.96 43.81
N MET G 93 42.79 -1.29 42.68
CA MET G 93 44.09 -1.36 42.02
C MET G 93 45.18 -0.74 42.88
N HIS G 94 44.88 0.38 43.55
CA HIS G 94 45.87 1.00 44.42
C HIS G 94 46.24 0.09 45.57
N VAL G 95 45.28 -0.65 46.11
CA VAL G 95 45.57 -1.58 47.20
C VAL G 95 46.50 -2.68 46.73
N ALA G 96 46.22 -3.25 45.55
CA ALA G 96 47.07 -4.32 45.03
C ALA G 96 48.48 -3.81 44.72
N TYR G 97 48.59 -2.60 44.17
CA TYR G 97 49.90 -2.03 43.89
C TYR G 97 50.68 -1.77 45.17
N THR G 98 50.01 -1.24 46.20
CA THR G 98 50.67 -1.02 47.47
C THR G 98 51.03 -2.34 48.14
N ARG G 99 50.13 -3.32 48.08
CA ARG G 99 50.42 -4.62 48.68
C ARG G 99 51.59 -5.32 48.00
N HIS G 100 51.67 -5.21 46.67
CA HIS G 100 52.82 -5.79 45.95
C HIS G 100 54.11 -5.08 46.33
N GLU G 101 54.09 -3.75 46.42
CA GLU G 101 55.30 -3.00 46.73
C GLU G 101 55.78 -3.28 48.15
N ARG G 102 54.85 -3.38 49.11
CA ARG G 102 55.23 -3.59 50.50
C ARG G 102 55.95 -4.93 50.68
N LYS G 103 55.44 -5.98 50.05
CA LYS G 103 56.10 -7.29 50.15
C LYS G 103 57.45 -7.28 49.43
N ARG G 104 57.51 -6.62 48.26
CA ARG G 104 58.74 -6.62 47.48
C ARG G 104 59.89 -5.95 48.22
N ARG G 105 59.61 -4.81 48.86
CA ARG G 105 60.65 -4.10 49.60
C ARG G 105 60.81 -4.68 51.00
N ARG G 125 45.31 4.44 59.75
CA ARG G 125 45.21 5.51 58.74
C ARG G 125 46.27 5.32 57.65
N GLY G 126 46.95 6.40 57.28
CA GLY G 126 47.97 6.35 56.27
C GLY G 126 47.46 6.74 54.91
N PRO G 127 48.05 6.14 53.85
CA PRO G 127 47.64 6.49 52.49
C PRO G 127 46.34 5.82 52.10
N LEU G 128 46.08 4.64 52.65
CA LEU G 128 44.84 3.93 52.32
C LEU G 128 43.61 4.67 52.86
N TRP G 129 43.74 5.34 54.00
CA TRP G 129 42.61 6.08 54.55
C TRP G 129 42.19 7.22 53.64
N TRP G 130 43.15 7.94 53.07
CA TRP G 130 42.81 9.07 52.20
C TRP G 130 42.21 8.61 50.88
N THR G 131 42.74 7.52 50.32
CA THR G 131 42.20 7.02 49.06
C THR G 131 40.76 6.55 49.22
N TYR G 132 40.47 5.83 50.30
CA TYR G 132 39.09 5.38 50.54
C TYR G 132 38.17 6.56 50.79
N THR G 133 38.62 7.55 51.57
CA THR G 133 37.79 8.71 51.83
C THR G 133 37.51 9.51 50.57
N CYS G 134 38.53 9.67 49.72
CA CYS G 134 38.36 10.42 48.47
C CYS G 134 37.39 9.70 47.53
N SER G 135 37.43 8.37 47.49
CA SER G 135 36.55 7.62 46.61
C SER G 135 35.10 7.80 47.02
N ILE G 136 34.83 7.87 48.32
CA ILE G 136 33.45 8.09 48.79
C ILE G 136 32.96 9.45 48.36
N PHE G 137 33.82 10.47 48.43
CA PHE G 137 33.43 11.82 48.05
C PHE G 137 33.04 11.89 46.58
N PHE G 138 33.80 11.20 45.72
CA PHE G 138 33.51 11.24 44.29
C PHE G 138 32.24 10.45 43.95
N ARG G 139 31.94 9.41 44.73
CA ARG G 139 30.70 8.67 44.52
C ARG G 139 29.49 9.54 44.78
N ILE G 140 29.54 10.38 45.81
CA ILE G 140 28.45 11.31 46.09
C ILE G 140 28.30 12.31 44.96
N VAL G 141 29.42 12.85 44.47
CA VAL G 141 29.36 13.88 43.44
C VAL G 141 28.77 13.32 42.14
N PHE G 142 29.22 12.13 41.73
CA PHE G 142 28.70 11.55 40.51
C PHE G 142 27.22 11.22 40.64
N GLU G 143 26.81 10.72 41.80
CA GLU G 143 25.39 10.42 42.02
C GLU G 143 24.53 11.67 41.93
N ALA G 144 24.99 12.76 42.53
CA ALA G 144 24.22 14.00 42.51
C ALA G 144 24.19 14.62 41.11
N VAL G 145 25.31 14.56 40.39
CA VAL G 145 25.39 15.17 39.07
C VAL G 145 24.41 14.49 38.11
N PHE G 146 24.36 13.16 38.14
CA PHE G 146 23.50 12.45 37.19
C PHE G 146 22.02 12.64 37.52
N MET G 147 21.69 12.80 38.80
CA MET G 147 20.29 13.07 39.15
C MET G 147 19.88 14.48 38.76
N TYR G 148 20.79 15.45 38.88
CA TYR G 148 20.48 16.81 38.43
C TYR G 148 20.32 16.87 36.91
N VAL G 149 21.16 16.14 36.19
CA VAL G 149 21.05 16.10 34.73
C VAL G 149 19.70 15.56 34.32
N PHE G 150 19.20 14.56 35.05
CA PHE G 150 17.90 13.99 34.73
C PHE G 150 16.79 15.00 34.88
N TYR G 151 16.82 15.80 35.95
CA TYR G 151 15.79 16.79 36.17
C TYR G 151 15.95 18.00 35.23
N TYR G 152 17.18 18.33 34.86
CA TYR G 152 17.40 19.40 33.90
C TYR G 152 16.91 19.01 32.51
N MET G 153 16.90 17.72 32.20
CA MET G 153 16.61 17.22 30.86
C MET G 153 15.19 16.72 30.69
N TYR G 154 14.58 16.13 31.72
CA TYR G 154 13.24 15.57 31.62
C TYR G 154 12.28 16.16 32.64
N ASP G 155 12.71 17.15 33.42
CA ASP G 155 11.90 17.90 34.38
C ASP G 155 10.91 17.08 35.20
N GLY G 156 11.30 15.87 35.59
CA GLY G 156 10.49 15.05 36.46
C GLY G 156 10.60 13.60 36.08
N TYR G 157 9.81 12.77 36.76
CA TYR G 157 9.82 11.33 36.55
C TYR G 157 8.66 10.84 35.69
N GLN G 158 7.70 11.70 35.36
CA GLN G 158 6.50 11.29 34.65
C GLN G 158 6.71 11.41 33.15
N MET G 159 6.64 10.29 32.45
CA MET G 159 6.72 10.27 30.99
C MET G 159 5.35 10.57 30.39
N PRO G 160 5.24 11.56 29.51
CA PRO G 160 3.94 11.89 28.93
C PRO G 160 3.49 10.88 27.88
N ARG G 161 2.17 10.79 27.71
CA ARG G 161 1.62 9.98 26.64
C ARG G 161 1.75 10.66 25.28
N LEU G 162 1.66 12.00 25.26
CA LEU G 162 1.65 12.76 24.02
C LEU G 162 2.65 13.89 24.12
N VAL G 163 3.37 14.13 23.02
CA VAL G 163 4.31 15.24 22.90
C VAL G 163 3.96 16.03 21.65
N LYS G 164 4.04 17.35 21.75
CA LYS G 164 3.73 18.25 20.65
C LYS G 164 5.03 18.85 20.13
N CYS G 165 5.35 18.59 18.87
CA CYS G 165 6.65 18.90 18.29
C CYS G 165 6.48 19.85 17.12
N ASP G 166 7.30 20.90 17.08
CA ASP G 166 7.21 21.90 16.02
C ASP G 166 8.56 22.17 15.35
N ALA G 167 9.52 21.27 15.50
CA ALA G 167 10.82 21.44 14.86
C ALA G 167 10.71 21.20 13.36
N TRP G 168 11.53 21.91 12.60
CA TRP G 168 11.59 21.71 11.17
C TRP G 168 12.05 20.27 10.88
N PRO G 169 11.48 19.60 9.87
CA PRO G 169 10.50 20.07 8.86
C PRO G 169 9.05 19.81 9.21
N CYS G 170 8.69 19.60 10.46
CA CYS G 170 7.31 19.30 10.80
C CYS G 170 6.44 20.54 10.62
N PRO G 171 5.35 20.47 9.87
CA PRO G 171 4.52 21.65 9.63
C PRO G 171 3.63 21.96 10.83
N ASN G 172 3.64 23.22 11.26
CA ASN G 172 2.86 23.71 12.40
C ASN G 172 3.25 22.88 13.61
N VAL G 173 2.30 22.28 14.34
CA VAL G 173 2.58 21.45 15.50
C VAL G 173 2.04 20.05 15.21
N VAL G 174 2.85 19.04 15.46
CA VAL G 174 2.52 17.65 15.13
C VAL G 174 2.38 16.86 16.42
N ASP G 175 1.31 16.07 16.52
CA ASP G 175 1.10 15.17 17.65
C ASP G 175 1.90 13.89 17.48
N CYS G 176 2.63 13.50 18.51
CA CYS G 176 3.39 12.25 18.52
C CYS G 176 3.10 11.50 19.80
N PHE G 177 3.13 10.18 19.74
CA PHE G 177 2.71 9.32 20.84
C PHE G 177 3.85 8.42 21.27
N VAL G 178 4.11 8.37 22.57
CA VAL G 178 5.22 7.64 23.17
C VAL G 178 4.81 6.20 23.38
N SER G 179 5.80 5.31 23.39
CA SER G 179 5.57 3.88 23.58
C SER G 179 5.77 3.51 25.04
N ARG G 180 4.79 2.81 25.61
CA ARG G 180 4.81 2.36 27.00
C ARG G 180 5.16 3.45 28.01
N PRO G 181 4.43 4.56 28.02
CA PRO G 181 4.77 5.64 28.98
C PRO G 181 4.59 5.24 30.44
N THR G 182 3.62 4.39 30.75
CA THR G 182 3.36 4.07 32.16
C THR G 182 4.42 3.14 32.72
N GLU G 183 4.84 2.13 31.94
CA GLU G 183 5.88 1.23 32.42
C GLU G 183 7.21 1.95 32.57
N LYS G 184 7.51 2.88 31.66
CA LYS G 184 8.75 3.63 31.77
C LYS G 184 8.75 4.55 32.98
N THR G 185 7.59 5.11 33.33
CA THR G 185 7.49 5.95 34.52
C THR G 185 7.76 5.13 35.78
N THR G 186 7.24 3.90 35.84
CA THR G 186 7.42 3.07 37.02
C THR G 186 8.88 2.74 37.27
N PHE G 187 9.63 2.40 36.21
CA PHE G 187 11.03 2.08 36.38
C PHE G 187 11.87 3.32 36.65
N THR G 188 11.42 4.49 36.18
CA THR G 188 12.12 5.73 36.51
C THR G 188 12.05 6.02 37.99
N ILE G 189 10.89 5.77 38.62
CA ILE G 189 10.76 5.97 40.06
C ILE G 189 11.67 5.03 40.82
N PHE G 190 11.77 3.78 40.37
CA PHE G 190 12.63 2.81 41.05
C PHE G 190 14.08 3.25 41.04
N MET G 191 14.59 3.65 39.87
CA MET G 191 15.99 4.02 39.78
C MET G 191 16.29 5.31 40.53
N LEU G 192 15.35 6.26 40.51
CA LEU G 192 15.55 7.50 41.24
C LEU G 192 15.55 7.26 42.74
N ALA G 193 14.65 6.40 43.24
CA ALA G 193 14.58 6.13 44.66
C ALA G 193 15.84 5.43 45.16
N VAL G 194 16.34 4.44 44.42
CA VAL G 194 17.53 3.72 44.85
C VAL G 194 18.75 4.63 44.78
N SER G 195 18.84 5.47 43.75
CA SER G 195 19.95 6.40 43.66
C SER G 195 19.96 7.38 44.82
N GLY G 196 18.78 7.85 45.23
CA GLY G 196 18.71 8.72 46.38
C GLY G 196 19.13 8.03 47.67
N ILE G 197 18.74 6.76 47.83
CA ILE G 197 19.14 6.00 49.00
C ILE G 197 20.64 5.77 49.00
N CYS G 198 21.22 5.48 47.83
CA CYS G 198 22.66 5.24 47.75
C CYS G 198 23.44 6.50 48.12
N MET G 199 22.93 7.67 47.73
CA MET G 199 23.59 8.92 48.11
C MET G 199 23.56 9.13 49.62
N MET G 200 22.43 8.83 50.25
CA MET G 200 22.32 9.00 51.70
C MET G 200 23.27 8.06 52.44
N LEU G 201 23.35 6.80 52.00
CA LEU G 201 24.24 5.85 52.65
C LEU G 201 25.70 6.27 52.52
N ASN G 202 26.09 6.76 51.34
CA ASN G 202 27.45 7.25 51.15
C ASN G 202 27.74 8.44 52.05
N LEU G 203 26.76 9.33 52.21
CA LEU G 203 26.94 10.48 53.10
C LEU G 203 27.10 10.04 54.55
N ALA G 204 26.30 9.04 54.97
CA ALA G 204 26.40 8.55 56.34
C ALA G 204 27.77 7.93 56.61
N GLU G 205 28.28 7.15 55.66
CA GLU G 205 29.59 6.53 55.84
C GLU G 205 30.70 7.58 55.89
N LEU G 206 30.58 8.64 55.07
CA LEU G 206 31.55 9.71 55.12
C LEU G 206 31.56 10.41 56.48
N CYS G 207 30.38 10.66 57.03
CA CYS G 207 30.31 11.28 58.35
C CYS G 207 30.85 10.37 59.44
N TYR G 208 30.64 9.06 59.29
CA TYR G 208 31.14 8.12 60.29
C TYR G 208 32.66 8.14 60.37
N LEU G 209 33.33 8.21 59.22
CA LEU G 209 34.78 8.20 59.21
C LEU G 209 35.35 9.53 59.72
N VAL G 210 34.70 10.64 59.36
CA VAL G 210 35.25 11.95 59.72
C VAL G 210 35.19 12.18 61.22
N ILE G 211 34.03 11.90 61.84
CA ILE G 211 33.89 12.15 63.27
C ILE G 211 34.77 11.19 64.08
N LYS G 212 34.94 9.96 63.60
CA LYS G 212 35.77 9.00 64.33
C LYS G 212 37.22 9.45 64.38
N VAL G 213 37.76 9.94 63.26
CA VAL G 213 39.14 10.42 63.26
C VAL G 213 39.24 11.76 64.00
N CYS G 214 38.20 12.58 63.95
CA CYS G 214 38.25 13.88 64.62
C CYS G 214 38.11 13.71 66.13
N LEU G 215 37.20 12.86 66.57
CA LEU G 215 36.96 12.66 67.99
C LEU G 215 37.13 11.20 68.38
N VAL H 9 21.46 -20.98 45.27
CA VAL H 9 21.65 -22.18 46.07
C VAL H 9 22.51 -21.89 47.29
N LEU H 10 23.70 -21.34 47.02
CA LEU H 10 24.62 -21.03 48.12
C LEU H 10 24.03 -19.97 49.05
N GLY H 11 23.37 -18.97 48.50
CA GLY H 11 22.78 -17.92 49.30
C GLY H 11 21.44 -18.30 49.90
N GLY H 12 21.32 -19.55 50.34
CA GLY H 12 20.11 -20.01 50.98
C GLY H 12 20.36 -20.98 52.11
N VAL H 13 21.59 -20.99 52.63
CA VAL H 13 22.01 -21.92 53.66
C VAL H 13 22.47 -21.12 54.87
N ASN H 14 21.89 -21.41 56.03
CA ASN H 14 22.30 -20.84 57.29
C ASN H 14 22.27 -21.92 58.37
N LYS H 15 23.04 -21.70 59.43
CA LYS H 15 23.12 -22.70 60.48
C LYS H 15 21.82 -22.84 61.28
N HIS H 16 20.89 -21.91 61.12
CA HIS H 16 19.57 -22.00 61.76
C HIS H 16 18.48 -22.48 60.81
N SER H 17 18.82 -22.81 59.56
CA SER H 17 17.82 -23.20 58.59
C SER H 17 17.47 -24.68 58.72
N THR H 18 16.19 -24.98 58.68
CA THR H 18 15.70 -26.35 58.77
C THR H 18 15.72 -26.99 57.39
N SER H 19 15.09 -28.15 57.27
CA SER H 19 15.05 -28.84 55.98
C SER H 19 14.20 -28.07 54.96
N ILE H 20 13.16 -27.39 55.43
CA ILE H 20 12.29 -26.65 54.52
C ILE H 20 13.07 -25.56 53.80
N GLY H 21 13.83 -24.77 54.55
CA GLY H 21 14.60 -23.71 53.94
C GLY H 21 15.74 -24.23 53.07
N LYS H 22 16.37 -25.32 53.49
CA LYS H 22 17.54 -25.82 52.78
C LYS H 22 17.17 -26.45 51.44
N ILE H 23 16.05 -27.15 51.38
CA ILE H 23 15.71 -27.98 50.23
C ILE H 23 14.49 -27.44 49.49
N TRP H 24 13.34 -27.39 50.14
CA TRP H 24 12.09 -27.12 49.42
C TRP H 24 12.05 -25.70 48.88
N LEU H 25 12.44 -24.72 49.71
CA LEU H 25 12.41 -23.33 49.25
C LEU H 25 13.44 -23.09 48.15
N THR H 26 14.61 -23.72 48.26
CA THR H 26 15.63 -23.56 47.23
C THR H 26 15.17 -24.12 45.89
N VAL H 27 14.53 -25.30 45.92
CA VAL H 27 14.06 -25.91 44.68
C VAL H 27 12.97 -25.06 44.04
N LEU H 28 12.03 -24.55 44.85
CA LEU H 28 10.95 -23.75 44.32
C LEU H 28 11.47 -22.46 43.69
N PHE H 29 12.49 -21.85 44.30
CA PHE H 29 13.07 -20.64 43.73
C PHE H 29 13.71 -20.93 42.38
N ILE H 30 14.44 -22.03 42.25
CA ILE H 30 14.99 -22.42 40.96
C ILE H 30 13.86 -22.76 39.99
N PHE H 31 12.78 -23.36 40.50
CA PHE H 31 11.64 -23.68 39.66
C PHE H 31 11.03 -22.43 39.04
N ARG H 32 10.87 -21.37 39.84
CA ARG H 32 10.29 -20.14 39.32
C ARG H 32 11.21 -19.46 38.32
N ILE H 33 12.52 -19.49 38.57
CA ILE H 33 13.46 -18.88 37.62
C ILE H 33 13.43 -19.62 36.28
N MET H 34 13.42 -20.96 36.32
CA MET H 34 13.44 -21.73 35.08
C MET H 34 12.21 -21.45 34.24
N ILE H 35 11.04 -21.41 34.86
CA ILE H 35 9.80 -21.14 34.13
C ILE H 35 9.84 -19.74 33.51
N LEU H 36 10.35 -18.77 34.26
N LEU H 36 10.33 -18.76 34.27
CA LEU H 36 10.44 -17.40 33.75
CA LEU H 36 10.35 -17.39 33.79
C LEU H 36 11.36 -17.30 32.54
C LEU H 36 11.36 -17.19 32.68
N VAL H 37 12.47 -18.05 32.55
N VAL H 37 12.51 -17.85 32.77
CA VAL H 37 13.44 -17.96 31.46
CA VAL H 37 13.62 -17.56 31.87
C VAL H 37 12.83 -18.46 30.15
C VAL H 37 13.49 -18.32 30.55
N VAL H 38 12.11 -19.58 30.21
N VAL H 38 13.37 -19.63 30.59
CA VAL H 38 11.57 -20.17 28.98
CA VAL H 38 13.47 -20.46 29.39
C VAL H 38 10.32 -19.47 28.48
C VAL H 38 12.08 -20.75 28.79
N ALA H 39 9.68 -18.64 29.29
N ALA H 39 11.01 -20.37 29.49
CA ALA H 39 8.40 -18.03 28.94
CA ALA H 39 9.69 -20.65 28.95
C ALA H 39 8.47 -16.52 28.77
C ALA H 39 8.88 -19.38 28.70
N ALA H 40 9.66 -15.93 28.81
N ALA H 40 8.77 -18.51 29.72
CA ALA H 40 9.77 -14.47 28.76
CA ALA H 40 7.79 -17.44 29.68
C ALA H 40 9.97 -13.95 27.34
C ALA H 40 8.23 -16.29 28.79
N GLU H 41 11.06 -14.37 26.70
N GLU H 41 9.52 -15.99 28.76
CA GLU H 41 11.40 -13.82 25.39
CA GLU H 41 9.99 -14.75 28.11
C GLU H 41 10.49 -14.31 24.28
C GLU H 41 9.65 -14.73 26.62
N ARG H 42 9.76 -15.40 24.51
N ARG H 42 9.61 -15.91 25.98
CA ARG H 42 8.97 -16.02 23.45
CA ARG H 42 9.29 -15.97 24.56
C ARG H 42 7.46 -15.80 23.62
C ARG H 42 7.80 -15.75 24.28
N VAL H 43 6.94 -15.82 24.84
N VAL H 43 6.95 -15.89 25.29
CA VAL H 43 5.51 -15.68 25.02
CA VAL H 43 5.52 -15.71 25.10
C VAL H 43 5.11 -14.20 25.06
C VAL H 43 5.15 -14.22 25.05
N TRP H 44 5.84 -13.38 25.81
CA TRP H 44 5.54 -11.96 25.91
C TRP H 44 6.34 -11.11 24.95
N GLY H 45 7.05 -11.73 24.00
CA GLY H 45 7.92 -10.96 23.12
C GLY H 45 7.18 -9.97 22.23
N ASP H 46 6.05 -10.39 21.66
CA ASP H 46 5.29 -9.57 20.72
C ASP H 46 4.01 -9.01 21.34
N GLU H 47 4.08 -8.61 22.62
CA GLU H 47 2.88 -8.15 23.31
C GLU H 47 2.29 -6.91 22.66
N GLN H 48 3.14 -5.94 22.31
CA GLN H 48 2.64 -4.71 21.67
C GLN H 48 2.68 -4.80 20.15
N GLN H 49 3.66 -5.52 19.59
CA GLN H 49 3.77 -5.61 18.14
C GLN H 49 2.55 -6.30 17.53
N ASP H 50 2.02 -7.32 18.20
CA ASP H 50 0.86 -8.05 17.72
C ASP H 50 -0.43 -7.62 18.41
N PHE H 51 -0.45 -6.43 18.99
CA PHE H 51 -1.66 -5.85 19.57
C PHE H 51 -2.41 -5.14 18.46
N VAL H 52 -3.53 -5.71 18.04
CA VAL H 52 -4.26 -5.27 16.85
C VAL H 52 -5.53 -4.55 17.28
N CYS H 53 -5.72 -3.33 16.80
CA CYS H 53 -6.91 -2.54 17.08
C CYS H 53 -7.65 -2.22 15.79
N ASN H 54 -8.98 -2.29 15.85
CA ASN H 54 -9.83 -2.05 14.68
C ASN H 54 -10.13 -0.55 14.60
N THR H 55 -9.18 0.19 14.02
CA THR H 55 -9.32 1.63 13.89
C THR H 55 -8.34 2.14 12.86
N LEU H 56 -8.58 3.37 12.41
CA LEU H 56 -7.66 4.09 11.54
C LEU H 56 -7.01 5.29 12.23
N GLN H 57 -7.27 5.46 13.52
CA GLN H 57 -6.75 6.62 14.25
C GLN H 57 -5.29 6.41 14.60
N PRO H 58 -4.39 7.29 14.18
CA PRO H 58 -2.99 7.18 14.62
C PRO H 58 -2.86 7.41 16.11
N GLY H 59 -2.03 6.59 16.75
CA GLY H 59 -1.77 6.70 18.17
C GLY H 59 -2.71 5.93 19.05
N CYS H 60 -3.79 5.36 18.50
CA CYS H 60 -4.73 4.62 19.33
C CYS H 60 -4.14 3.31 19.82
N ARG H 61 -3.28 2.68 19.01
CA ARG H 61 -2.63 1.44 19.44
C ARG H 61 -1.76 1.66 20.66
N ASN H 62 -1.00 2.75 20.67
CA ASN H 62 -0.08 3.01 21.78
C ASN H 62 -0.84 3.27 23.08
N VAL H 63 -1.87 4.12 23.03
CA VAL H 63 -2.57 4.49 24.25
C VAL H 63 -3.41 3.35 24.80
N CYS H 64 -4.00 2.54 23.91
CA CYS H 64 -4.85 1.45 24.39
C CYS H 64 -4.02 0.33 25.00
N TYR H 65 -2.87 0.01 24.40
CA TYR H 65 -2.00 -1.00 24.99
C TYR H 65 -1.49 -0.55 26.34
N ASP H 66 -1.07 0.71 26.45
CA ASP H 66 -0.55 1.22 27.71
C ASP H 66 -1.64 1.30 28.77
N HIS H 67 -2.90 1.50 28.36
CA HIS H 67 -3.98 1.61 29.33
C HIS H 67 -4.30 0.26 29.97
N PHE H 68 -4.24 -0.82 29.18
CA PHE H 68 -4.65 -2.12 29.68
C PHE H 68 -3.49 -2.95 30.23
N PHE H 69 -2.26 -2.63 29.87
CA PHE H 69 -1.07 -3.33 30.37
C PHE H 69 -0.06 -2.29 30.87
N PRO H 70 -0.37 -1.62 31.99
CA PRO H 70 0.58 -0.61 32.49
C PRO H 70 1.94 -1.18 32.84
N ILE H 71 1.99 -2.41 33.36
CA ILE H 71 3.24 -3.12 33.58
C ILE H 71 3.06 -4.54 33.05
N SER H 72 4.03 -5.00 32.28
CA SER H 72 3.95 -6.34 31.71
C SER H 72 4.03 -7.40 32.81
N HIS H 73 3.39 -8.55 32.53
CA HIS H 73 3.37 -9.62 33.52
C HIS H 73 4.77 -10.13 33.83
N ILE H 74 5.61 -10.29 32.81
CA ILE H 74 6.94 -10.83 33.03
C ILE H 74 7.80 -9.85 33.83
N ARG H 75 7.61 -8.55 33.60
CA ARG H 75 8.37 -7.56 34.38
C ARG H 75 7.97 -7.56 35.84
N LEU H 76 6.68 -7.79 36.13
CA LEU H 76 6.24 -7.89 37.51
C LEU H 76 6.87 -9.09 38.22
N TRP H 77 6.92 -10.24 37.54
CA TRP H 77 7.50 -11.42 38.15
C TRP H 77 9.01 -11.28 38.32
N ALA H 78 9.67 -10.61 37.36
CA ALA H 78 11.11 -10.36 37.50
C ALA H 78 11.40 -9.48 38.71
N LEU H 79 10.58 -8.44 38.91
CA LEU H 79 10.76 -7.59 40.08
C LEU H 79 10.53 -8.37 41.37
N GLN H 80 9.51 -9.24 41.39
CA GLN H 80 9.22 -10.01 42.60
C GLN H 80 10.37 -10.94 42.96
N LEU H 81 10.95 -11.61 41.96
CA LEU H 81 12.07 -12.52 42.23
C LEU H 81 13.27 -11.76 42.78
N ILE H 82 13.53 -10.56 42.27
CA ILE H 82 14.63 -9.76 42.77
C ILE H 82 14.39 -9.36 44.22
N PHE H 83 13.15 -8.98 44.54
CA PHE H 83 12.85 -8.50 45.89
C PHE H 83 12.91 -9.63 46.91
N VAL H 84 12.33 -10.79 46.59
CA VAL H 84 12.27 -11.88 47.56
C VAL H 84 13.63 -12.54 47.76
N SER H 85 14.57 -12.34 46.83
CA SER H 85 15.91 -12.89 46.98
C SER H 85 16.87 -11.91 47.65
N THR H 86 16.47 -10.65 47.82
CA THR H 86 17.34 -9.68 48.50
C THR H 86 17.60 -10.02 49.96
N PRO H 87 16.59 -10.37 50.78
CA PRO H 87 16.90 -10.70 52.19
C PRO H 87 17.87 -11.86 52.33
N ALA H 88 17.78 -12.86 51.45
CA ALA H 88 18.73 -13.96 51.51
C ALA H 88 20.15 -13.48 51.20
N LEU H 89 20.29 -12.57 50.24
CA LEU H 89 21.60 -12.03 49.92
C LEU H 89 22.16 -11.19 51.07
N LEU H 90 21.30 -10.44 51.74
CA LEU H 90 21.75 -9.63 52.88
C LEU H 90 22.25 -10.50 54.02
N VAL H 91 21.57 -11.62 54.27
CA VAL H 91 21.97 -12.50 55.35
C VAL H 91 23.35 -13.10 55.08
N ALA H 92 23.60 -13.50 53.83
CA ALA H 92 24.87 -14.13 53.49
C ALA H 92 26.04 -13.17 53.72
N MET H 93 25.89 -11.91 53.33
CA MET H 93 26.95 -10.94 53.56
C MET H 93 27.19 -10.71 55.04
N HIS H 94 26.12 -10.64 55.84
CA HIS H 94 26.27 -10.46 57.27
C HIS H 94 27.00 -11.64 57.90
N VAL H 95 26.75 -12.85 57.41
CA VAL H 95 27.45 -14.03 57.94
C VAL H 95 28.94 -13.93 57.65
N ALA H 96 29.29 -13.55 56.41
CA ALA H 96 30.70 -13.44 56.04
C ALA H 96 31.39 -12.33 56.84
N TYR H 97 30.71 -11.20 57.04
CA TYR H 97 31.29 -10.11 57.82
C TYR H 97 31.49 -10.52 59.27
N THR H 98 30.51 -11.21 59.85
CA THR H 98 30.66 -11.69 61.22
C THR H 98 31.74 -12.76 61.32
N ARG H 99 31.78 -13.67 60.35
CA ARG H 99 32.80 -14.72 60.36
C ARG H 99 34.20 -14.14 60.21
N HIS H 100 34.37 -13.12 59.37
CA HIS H 100 35.66 -12.46 59.25
C HIS H 100 36.06 -11.77 60.54
N GLU H 101 35.11 -11.08 61.18
CA GLU H 101 35.42 -10.33 62.40
C GLU H 101 35.77 -11.28 63.54
N ARG H 102 35.05 -12.40 63.66
CA ARG H 102 35.28 -13.33 64.76
C ARG H 102 36.68 -13.92 64.70
N LYS H 103 37.14 -14.31 63.50
CA LYS H 103 38.49 -14.84 63.37
C LYS H 103 39.54 -13.75 63.61
N ARG H 104 39.29 -12.54 63.12
CA ARG H 104 40.27 -11.47 63.24
C ARG H 104 40.52 -11.10 64.70
N ARG H 105 39.47 -11.00 65.49
CA ARG H 105 39.61 -10.66 66.91
C ARG H 105 39.94 -11.90 67.73
N ARG H 125 21.47 -19.36 69.33
CA ARG H 125 20.81 -18.10 69.04
C ARG H 125 21.83 -17.00 68.76
N GLY H 126 21.60 -15.83 69.35
CA GLY H 126 22.50 -14.72 69.19
C GLY H 126 22.06 -13.75 68.11
N PRO H 127 23.03 -13.12 67.43
CA PRO H 127 22.69 -12.15 66.39
C PRO H 127 22.27 -12.81 65.10
N LEU H 128 22.81 -13.99 64.82
CA LEU H 128 22.46 -14.71 63.59
C LEU H 128 21.01 -15.18 63.61
N TRP H 129 20.49 -15.52 64.79
CA TRP H 129 19.10 -15.96 64.88
C TRP H 129 18.13 -14.86 64.49
N TRP H 130 18.40 -13.62 64.94
CA TRP H 130 17.49 -12.53 64.64
C TRP H 130 17.56 -12.14 63.17
N THR H 131 18.77 -12.16 62.58
CA THR H 131 18.90 -11.80 61.18
C THR H 131 18.18 -12.80 60.29
N TYR H 132 18.31 -14.10 60.58
CA TYR H 132 17.61 -15.10 59.79
C TYR H 132 16.11 -15.00 59.97
N THR H 133 15.64 -14.77 61.20
CA THR H 133 14.21 -14.64 61.44
C THR H 133 13.65 -13.41 60.74
N CYS H 134 14.38 -12.30 60.77
CA CYS H 134 13.90 -11.09 60.10
C CYS H 134 13.83 -11.27 58.59
N SER H 135 14.78 -12.00 58.01
CA SER H 135 14.77 -12.21 56.56
C SER H 135 13.55 -13.02 56.13
N ILE H 136 13.15 -14.00 56.95
CA ILE H 136 11.96 -14.79 56.63
C ILE H 136 10.72 -13.91 56.65
N PHE H 137 10.62 -13.00 57.61
CA PHE H 137 9.46 -12.12 57.69
C PHE H 137 9.35 -11.23 56.46
N PHE H 138 10.47 -10.69 56.00
CA PHE H 138 10.43 -9.79 54.83
C PHE H 138 10.12 -10.56 53.55
N ARG H 139 10.51 -11.84 53.48
CA ARG H 139 10.16 -12.64 52.31
C ARG H 139 8.65 -12.85 52.22
N ILE H 140 7.98 -13.05 53.36
CA ILE H 140 6.52 -13.18 53.35
C ILE H 140 5.87 -11.89 52.91
N VAL H 141 6.37 -10.75 53.41
CA VAL H 141 5.76 -9.46 53.09
C VAL H 141 5.90 -9.15 51.61
N PHE H 142 7.09 -9.36 51.05
CA PHE H 142 7.30 -9.09 49.64
C PHE H 142 6.47 -10.01 48.76
N GLU H 143 6.35 -11.28 49.16
CA GLU H 143 5.51 -12.21 48.41
C GLU H 143 4.05 -11.77 48.41
N ALA H 144 3.54 -11.39 49.58
CA ALA H 144 2.14 -10.99 49.68
C ALA H 144 1.86 -9.70 48.93
N VAL H 145 2.79 -8.75 48.98
CA VAL H 145 2.57 -7.45 48.35
C VAL H 145 2.44 -7.60 46.84
N PHE H 146 3.29 -8.44 46.23
CA PHE H 146 3.31 -8.52 44.79
C PHE H 146 2.08 -9.22 44.22
N MET H 147 1.51 -10.20 44.95
CA MET H 147 0.27 -10.81 44.47
C MET H 147 -0.92 -9.90 44.67
N TYR H 148 -0.91 -9.08 45.73
CA TYR H 148 -1.97 -8.09 45.87
C TYR H 148 -1.91 -7.05 44.76
N VAL H 149 -0.71 -6.61 44.40
CA VAL H 149 -0.56 -5.68 43.28
C VAL H 149 -1.09 -6.30 42.01
N PHE H 150 -0.85 -7.61 41.83
CA PHE H 150 -1.36 -8.29 40.64
C PHE H 150 -2.88 -8.28 40.59
N TYR H 151 -3.54 -8.53 41.72
CA TYR H 151 -4.99 -8.55 41.73
C TYR H 151 -5.59 -7.16 41.68
N TYR H 152 -4.89 -6.17 42.24
CA TYR H 152 -5.36 -4.79 42.14
C TYR H 152 -5.25 -4.27 40.72
N MET H 153 -4.31 -4.79 39.94
CA MET H 153 -3.98 -4.28 38.62
C MET H 153 -4.64 -5.05 37.49
N TYR H 154 -4.77 -6.37 37.62
CA TYR H 154 -5.32 -7.21 36.56
C TYR H 154 -6.53 -8.03 37.01
N ASP H 155 -7.06 -7.74 38.20
CA ASP H 155 -8.29 -8.31 38.77
C ASP H 155 -8.54 -9.77 38.39
N GLY H 156 -7.53 -10.61 38.52
CA GLY H 156 -7.68 -12.03 38.27
C GLY H 156 -6.50 -12.56 37.49
N TYR H 157 -6.61 -13.82 37.08
CA TYR H 157 -5.56 -14.49 36.32
C TYR H 157 -5.92 -14.69 34.85
N GLN H 158 -7.16 -14.42 34.46
CA GLN H 158 -7.63 -14.70 33.11
C GLN H 158 -7.37 -13.49 32.22
N MET H 159 -6.55 -13.69 31.18
CA MET H 159 -6.28 -12.64 30.20
C MET H 159 -7.36 -12.66 29.11
N PRO H 160 -8.03 -11.54 28.86
CA PRO H 160 -9.12 -11.55 27.88
C PRO H 160 -8.61 -11.54 26.44
N ARG H 161 -9.46 -12.02 25.55
CA ARG H 161 -9.18 -11.96 24.12
C ARG H 161 -9.40 -10.55 23.57
N LEU H 162 -10.40 -9.85 24.09
CA LEU H 162 -10.81 -8.55 23.59
C LEU H 162 -10.81 -7.53 24.71
N VAL H 163 -10.31 -6.33 24.41
CA VAL H 163 -10.36 -5.20 25.32
C VAL H 163 -11.01 -4.03 24.59
N LYS H 164 -11.88 -3.30 25.28
CA LYS H 164 -12.58 -2.16 24.72
C LYS H 164 -12.01 -0.89 25.34
N CYS H 165 -11.44 -0.03 24.50
CA CYS H 165 -10.64 1.10 24.94
C CYS H 165 -11.25 2.39 24.42
N ASP H 166 -11.39 3.39 25.30
CA ASP H 166 -11.99 4.66 24.93
C ASP H 166 -11.11 5.85 25.33
N ALA H 167 -9.83 5.63 25.56
CA ALA H 167 -8.93 6.72 25.90
C ALA H 167 -8.65 7.58 24.66
N TRP H 168 -8.48 8.88 24.90
CA TRP H 168 -8.11 9.79 23.84
C TRP H 168 -6.76 9.37 23.25
N PRO H 169 -6.58 9.44 21.92
CA PRO H 169 -7.46 9.98 20.89
C PRO H 169 -8.39 8.97 20.22
N CYS H 170 -8.61 7.80 20.80
CA CYS H 170 -9.46 6.81 20.15
C CYS H 170 -10.90 7.29 20.10
N PRO H 171 -11.55 7.26 18.93
CA PRO H 171 -12.91 7.77 18.83
C PRO H 171 -13.93 6.75 19.33
N ASN H 172 -14.82 7.19 20.21
CA ASN H 172 -15.87 6.36 20.81
C ASN H 172 -15.19 5.18 21.50
N VAL H 173 -15.55 3.93 21.22
CA VAL H 173 -14.94 2.77 21.83
C VAL H 173 -14.36 1.90 20.72
N VAL H 174 -13.11 1.48 20.91
CA VAL H 174 -12.36 0.75 19.89
C VAL H 174 -12.09 -0.66 20.38
N ASP H 175 -12.30 -1.64 19.52
CA ASP H 175 -11.98 -3.03 19.83
C ASP H 175 -10.50 -3.29 19.55
N CYS H 176 -9.83 -3.90 20.53
CA CYS H 176 -8.44 -4.30 20.39
C CYS H 176 -8.28 -5.75 20.82
N PHE H 177 -7.35 -6.45 20.19
CA PHE H 177 -7.20 -7.89 20.36
C PHE H 177 -5.82 -8.22 20.91
N VAL H 178 -5.79 -9.05 21.94
CA VAL H 178 -4.57 -9.41 22.67
C VAL H 178 -3.89 -10.57 21.96
N SER H 179 -2.56 -10.64 22.12
CA SER H 179 -1.76 -11.70 21.52
C SER H 179 -1.57 -12.86 22.51
N ARG H 180 -1.87 -14.07 22.06
CA ARG H 180 -1.73 -15.28 22.85
C ARG H 180 -2.36 -15.21 24.25
N PRO H 181 -3.66 -14.87 24.34
CA PRO H 181 -4.27 -14.78 25.67
C PRO H 181 -4.31 -16.10 26.43
N THR H 182 -4.46 -17.23 25.73
CA THR H 182 -4.60 -18.50 26.44
C THR H 182 -3.26 -18.96 27.03
N GLU H 183 -2.18 -18.84 26.26
CA GLU H 183 -0.87 -19.23 26.78
C GLU H 183 -0.43 -18.34 27.93
N LYS H 184 -0.73 -17.05 27.85
CA LYS H 184 -0.38 -16.14 28.93
C LYS H 184 -1.18 -16.44 30.19
N THR H 185 -2.44 -16.89 30.04
CA THR H 185 -3.23 -17.27 31.19
C THR H 185 -2.64 -18.50 31.88
N THR H 186 -2.17 -19.47 31.09
CA THR H 186 -1.63 -20.70 31.67
C THR H 186 -0.40 -20.42 32.52
N PHE H 187 0.50 -19.57 32.04
CA PHE H 187 1.72 -19.27 32.80
C PHE H 187 1.42 -18.38 34.00
N THR H 188 0.38 -17.55 33.92
CA THR H 188 -0.02 -16.76 35.07
C THR H 188 -0.47 -17.65 36.22
N ILE H 189 -1.19 -18.73 35.90
CA ILE H 189 -1.63 -19.67 36.93
C ILE H 189 -0.43 -20.34 37.58
N PHE H 190 0.58 -20.70 36.78
CA PHE H 190 1.77 -21.38 37.31
C PHE H 190 2.50 -20.50 38.32
N MET H 191 2.75 -19.24 37.96
CA MET H 191 3.51 -18.36 38.84
C MET H 191 2.71 -18.02 40.09
N LEU H 192 1.40 -17.82 39.97
CA LEU H 192 0.58 -17.54 41.13
C LEU H 192 0.54 -18.72 42.09
N ALA H 193 0.43 -19.94 41.55
CA ALA H 193 0.38 -21.12 42.40
C ALA H 193 1.69 -21.34 43.14
N VAL H 194 2.82 -21.20 42.45
CA VAL H 194 4.11 -21.41 43.09
C VAL H 194 4.40 -20.32 44.12
N SER H 195 4.02 -19.08 43.81
CA SER H 195 4.20 -18.00 44.76
C SER H 195 3.36 -18.22 46.01
N GLY H 196 2.14 -18.73 45.85
CA GLY H 196 1.33 -19.06 47.02
C GLY H 196 1.92 -20.17 47.86
N ILE H 197 2.48 -21.19 47.20
CA ILE H 197 3.13 -22.28 47.93
C ILE H 197 4.36 -21.77 48.66
N CYS H 198 5.12 -20.87 48.03
CA CYS H 198 6.32 -20.34 48.68
C CYS H 198 5.98 -19.54 49.92
N MET H 199 4.88 -18.80 49.90
CA MET H 199 4.46 -18.07 51.08
C MET H 199 4.07 -19.01 52.22
N MET H 200 3.39 -20.11 51.89
CA MET H 200 3.01 -21.09 52.92
C MET H 200 4.24 -21.73 53.54
N LEU H 201 5.23 -22.09 52.72
CA LEU H 201 6.44 -22.71 53.26
C LEU H 201 7.20 -21.75 54.15
N ASN H 202 7.29 -20.48 53.76
CA ASN H 202 7.95 -19.48 54.60
C ASN H 202 7.22 -19.31 55.92
N LEU H 203 5.88 -19.31 55.88
CA LEU H 203 5.11 -19.20 57.11
C LEU H 203 5.34 -20.39 58.03
N ALA H 204 5.41 -21.59 57.46
CA ALA H 204 5.64 -22.78 58.27
C ALA H 204 7.00 -22.74 58.94
N GLU H 205 8.03 -22.30 58.22
CA GLU H 205 9.36 -22.20 58.81
C GLU H 205 9.40 -21.15 59.92
N LEU H 206 8.69 -20.03 59.73
CA LEU H 206 8.65 -19.01 60.77
C LEU H 206 7.98 -19.55 62.04
N CYS H 207 6.91 -20.32 61.89
CA CYS H 207 6.25 -20.90 63.05
C CYS H 207 7.13 -21.94 63.73
N TYR H 208 7.90 -22.69 62.93
CA TYR H 208 8.77 -23.72 63.49
C TYR H 208 9.83 -23.11 64.40
N LEU H 209 10.40 -21.98 64.00
CA LEU H 209 11.45 -21.35 64.80
C LEU H 209 10.87 -20.70 66.05
N VAL H 210 9.69 -20.09 65.93
CA VAL H 210 9.13 -19.35 67.06
C VAL H 210 8.73 -20.30 68.18
N ILE H 211 8.02 -21.37 67.85
CA ILE H 211 7.56 -22.29 68.89
C ILE H 211 8.73 -23.03 69.52
N LYS H 212 9.78 -23.33 68.74
CA LYS H 212 10.93 -24.04 69.28
C LYS H 212 11.64 -23.19 70.33
N VAL H 213 11.83 -21.91 70.05
CA VAL H 213 12.48 -21.04 71.04
C VAL H 213 11.56 -20.73 72.19
N CYS H 214 10.25 -20.67 71.95
CA CYS H 214 9.31 -20.38 73.03
C CYS H 214 9.11 -21.58 73.94
N LEU H 215 8.99 -22.77 73.37
CA LEU H 215 8.76 -23.97 74.14
C LEU H 215 9.85 -25.02 73.86
N VAL I 9 23.91 -34.25 34.70
CA VAL I 9 24.75 -35.43 34.83
C VAL I 9 25.02 -35.73 36.30
N LEU I 10 25.53 -34.72 37.02
CA LEU I 10 25.83 -34.90 38.44
C LEU I 10 24.56 -35.19 39.24
N GLY I 11 23.47 -34.51 38.92
CA GLY I 11 22.22 -34.71 39.63
C GLY I 11 21.46 -35.92 39.15
N GLY I 12 22.16 -37.01 38.85
CA GLY I 12 21.53 -38.24 38.42
C GLY I 12 22.25 -39.47 38.95
N VAL I 13 23.05 -39.30 39.98
CA VAL I 13 23.86 -40.38 40.55
C VAL I 13 23.48 -40.55 42.00
N ASN I 14 23.10 -41.77 42.38
CA ASN I 14 22.84 -42.13 43.76
C ASN I 14 23.43 -43.52 44.02
N LYS I 15 23.70 -43.80 45.29
CA LYS I 15 24.30 -45.08 45.64
C LYS I 15 23.37 -46.26 45.43
N HIS I 16 22.08 -46.02 45.21
CA HIS I 16 21.12 -47.09 44.90
C HIS I 16 20.80 -47.17 43.41
N SER I 17 21.42 -46.34 42.58
CA SER I 17 21.10 -46.32 41.16
C SER I 17 21.86 -47.42 40.42
N THR I 18 21.14 -48.13 39.54
CA THR I 18 21.73 -49.19 38.74
C THR I 18 22.36 -48.59 37.48
N SER I 19 22.73 -49.45 36.53
CA SER I 19 23.33 -48.98 35.29
C SER I 19 22.33 -48.19 34.46
N ILE I 20 21.05 -48.57 34.52
CA ILE I 20 20.02 -47.89 33.72
C ILE I 20 19.93 -46.42 34.12
N GLY I 21 19.83 -46.16 35.43
CA GLY I 21 19.74 -44.79 35.89
C GLY I 21 21.01 -44.01 35.68
N LYS I 22 22.16 -44.67 35.85
CA LYS I 22 23.43 -43.96 35.76
C LYS I 22 23.77 -43.55 34.33
N ILE I 23 23.48 -44.42 33.36
CA ILE I 23 23.95 -44.25 31.98
C ILE I 23 22.81 -43.92 31.03
N TRP I 24 21.87 -44.85 30.87
CA TRP I 24 20.89 -44.75 29.79
C TRP I 24 19.95 -43.56 30.02
N LEU I 25 19.44 -43.40 31.23
CA LEU I 25 18.52 -42.30 31.50
C LEU I 25 19.21 -40.96 31.40
N THR I 26 20.48 -40.88 31.84
CA THR I 26 21.22 -39.63 31.75
C THR I 26 21.46 -39.23 30.29
N VAL I 27 21.81 -40.21 29.45
CA VAL I 27 22.06 -39.91 28.03
C VAL I 27 20.77 -39.46 27.35
N LEU I 28 19.66 -40.12 27.63
CA LEU I 28 18.39 -39.75 27.01
C LEU I 28 17.97 -38.34 27.43
N PHE I 29 18.19 -37.99 28.69
CA PHE I 29 17.85 -36.64 29.14
C PHE I 29 18.67 -35.59 28.40
N ILE I 30 19.97 -35.83 28.23
CA ILE I 30 20.80 -34.91 27.45
C ILE I 30 20.35 -34.92 25.99
N PHE I 31 19.94 -36.09 25.50
CA PHE I 31 19.45 -36.18 24.12
C PHE I 31 18.24 -35.29 23.91
N ARG I 32 17.30 -35.28 24.85
CA ARG I 32 16.10 -34.46 24.70
C ARG I 32 16.44 -32.97 24.79
N ILE I 33 17.37 -32.59 25.66
CA ILE I 33 17.74 -31.19 25.79
C ILE I 33 18.38 -30.69 24.51
N MET I 34 19.31 -31.47 23.94
CA MET I 34 20.00 -31.04 22.72
C MET I 34 19.02 -30.84 21.57
N ILE I 35 18.09 -31.78 21.39
CA ILE I 35 17.11 -31.67 20.31
C ILE I 35 16.26 -30.41 20.51
N LEU I 36 15.85 -30.14 21.75
N LEU I 36 15.83 -30.15 21.75
CA LEU I 36 15.03 -28.97 22.03
CA LEU I 36 14.96 -29.03 22.02
C LEU I 36 15.78 -27.68 21.74
C LEU I 36 15.70 -27.70 21.88
N VAL I 37 17.08 -27.64 22.02
N VAL I 37 16.95 -27.65 22.31
CA VAL I 37 17.85 -26.41 21.84
CA VAL I 37 17.67 -26.39 22.41
C VAL I 37 17.94 -26.04 20.36
C VAL I 37 18.27 -25.98 21.07
N VAL I 38 18.19 -27.03 19.49
N VAL I 38 19.09 -26.84 20.46
CA VAL I 38 18.39 -26.73 18.08
CA VAL I 38 19.89 -26.45 19.30
C VAL I 38 17.07 -26.55 17.33
C VAL I 38 19.17 -26.77 17.99
N ALA I 39 15.93 -26.90 17.92
N ALA I 39 18.05 -27.49 18.03
CA ALA I 39 14.65 -26.86 17.23
CA ALA I 39 17.37 -27.83 16.80
C ALA I 39 13.68 -25.84 17.81
C ALA I 39 15.95 -27.27 16.75
N ALA I 40 14.13 -25.01 18.75
N ALA I 40 15.15 -27.54 17.78
CA ALA I 40 13.20 -24.08 19.42
CA ALA I 40 13.70 -27.32 17.68
C ALA I 40 13.18 -22.71 18.74
C ALA I 40 13.34 -25.84 17.80
N GLU I 41 14.33 -22.04 18.70
N GLU I 41 14.06 -25.09 18.63
CA GLU I 41 14.37 -20.66 18.22
CA GLU I 41 13.61 -23.74 18.96
C GLU I 41 14.21 -20.57 16.71
C GLU I 41 13.54 -22.84 17.74
N ARG I 42 14.41 -21.67 15.98
N ARG I 42 14.42 -23.05 16.76
CA ARG I 42 14.40 -21.63 14.53
CA ARG I 42 14.42 -22.25 15.54
C ARG I 42 13.16 -22.26 13.91
C ARG I 42 13.22 -22.55 14.65
N VAL I 43 12.65 -23.36 14.49
N VAL I 43 12.65 -23.74 14.75
CA VAL I 43 11.50 -24.01 13.88
CA VAL I 43 11.50 -24.11 13.92
C VAL I 43 10.20 -23.36 14.33
C VAL I 43 10.23 -23.36 14.33
N TRP I 44 10.05 -23.11 15.63
CA TRP I 44 8.83 -22.51 16.16
C TRP I 44 8.95 -21.00 16.30
N GLY I 45 10.00 -20.39 15.76
CA GLY I 45 10.21 -18.96 15.97
C GLY I 45 9.14 -18.09 15.36
N ASP I 46 8.67 -18.42 14.15
CA ASP I 46 7.70 -17.62 13.43
C ASP I 46 6.32 -18.27 13.40
N GLU I 47 5.92 -18.88 14.51
CA GLU I 47 4.66 -19.62 14.53
C GLU I 47 3.47 -18.70 14.30
N GLN I 48 3.45 -17.53 14.94
CA GLN I 48 2.35 -16.60 14.73
C GLN I 48 2.63 -15.60 13.63
N GLN I 49 3.88 -15.20 13.46
CA GLN I 49 4.22 -14.21 12.45
C GLN I 49 3.89 -14.70 11.05
N ASP I 50 4.14 -15.98 10.77
CA ASP I 50 3.87 -16.56 9.47
C ASP I 50 2.57 -17.37 9.46
N PHE I 51 1.66 -17.08 10.37
CA PHE I 51 0.32 -17.67 10.37
C PHE I 51 -0.56 -16.81 9.48
N VAL I 52 -0.94 -17.34 8.32
CA VAL I 52 -1.61 -16.56 7.28
C VAL I 52 -3.06 -17.01 7.20
N CYS I 53 -3.97 -16.04 7.26
CA CYS I 53 -5.41 -16.29 7.16
C CYS I 53 -5.98 -15.52 5.99
N ASN I 54 -6.90 -16.16 5.25
CA ASN I 54 -7.51 -15.57 4.07
C ASN I 54 -8.74 -14.79 4.49
N THR I 55 -8.51 -13.55 4.95
CA THR I 55 -9.59 -12.70 5.40
C THR I 55 -9.10 -11.26 5.46
N LEU I 56 -10.06 -10.33 5.56
CA LEU I 56 -9.78 -8.92 5.78
C LEU I 56 -10.26 -8.45 7.14
N GLN I 57 -10.74 -9.34 7.99
CA GLN I 57 -11.27 -8.97 9.29
C GLN I 57 -10.15 -8.70 10.27
N PRO I 58 -10.05 -7.52 10.85
CA PRO I 58 -9.02 -7.26 11.87
C PRO I 58 -9.24 -8.13 13.10
N GLY I 59 -8.15 -8.66 13.64
CA GLY I 59 -8.21 -9.47 14.84
C GLY I 59 -8.48 -10.95 14.60
N CYS I 60 -8.78 -11.35 13.37
CA CYS I 60 -9.05 -12.76 13.11
C CYS I 60 -7.77 -13.60 13.20
N ARG I 61 -6.62 -13.02 12.85
CA ARG I 61 -5.36 -13.76 12.97
C ARG I 61 -5.05 -14.10 14.41
N ASN I 62 -5.28 -13.16 15.33
CA ASN I 62 -4.97 -13.39 16.74
C ASN I 62 -5.85 -14.47 17.35
N VAL I 63 -7.17 -14.40 17.10
CA VAL I 63 -8.08 -15.33 17.75
C VAL I 63 -7.96 -16.73 17.16
N CYS I 64 -7.69 -16.84 15.86
CA CYS I 64 -7.61 -18.17 15.25
C CYS I 64 -6.34 -18.88 15.65
N TYR I 65 -5.22 -18.16 15.72
CA TYR I 65 -3.98 -18.78 16.19
C TYR I 65 -4.11 -19.23 17.64
N ASP I 66 -4.72 -18.38 18.49
CA ASP I 66 -4.88 -18.74 19.89
C ASP I 66 -5.83 -19.91 20.07
N HIS I 67 -6.81 -20.05 19.18
CA HIS I 67 -7.79 -21.13 19.30
C HIS I 67 -7.15 -22.48 18.99
N PHE I 68 -6.26 -22.52 18.00
CA PHE I 68 -5.71 -23.80 17.55
C PHE I 68 -4.38 -24.14 18.20
N PHE I 69 -3.69 -23.18 18.80
CA PHE I 69 -2.44 -23.42 19.51
C PHE I 69 -2.49 -22.74 20.87
N PRO I 70 -3.32 -23.26 21.78
CA PRO I 70 -3.41 -22.63 23.11
C PRO I 70 -2.09 -22.61 23.85
N ILE I 71 -1.28 -23.66 23.71
CA ILE I 71 0.08 -23.69 24.24
C ILE I 71 0.99 -24.22 23.14
N SER I 72 2.11 -23.54 22.91
CA SER I 72 3.03 -23.95 21.88
C SER I 72 3.68 -25.29 22.23
N HIS I 73 4.06 -26.03 21.20
CA HIS I 73 4.66 -27.35 21.41
C HIS I 73 5.96 -27.24 22.20
N ILE I 74 6.82 -26.28 21.84
CA ILE I 74 8.12 -26.17 22.50
C ILE I 74 7.95 -25.77 23.96
N ARG I 75 6.96 -24.94 24.28
CA ARG I 75 6.73 -24.58 25.67
C ARG I 75 6.24 -25.77 26.49
N LEU I 76 5.46 -26.66 25.88
CA LEU I 76 5.03 -27.87 26.57
C LEU I 76 6.21 -28.78 26.88
N TRP I 77 7.13 -28.94 25.93
CA TRP I 77 8.28 -29.81 26.17
C TRP I 77 9.25 -29.19 27.16
N ALA I 78 9.36 -27.86 27.16
CA ALA I 78 10.20 -27.20 28.15
C ALA I 78 9.64 -27.40 29.56
N LEU I 79 8.32 -27.32 29.71
CA LEU I 79 7.71 -27.56 31.01
C LEU I 79 7.91 -29.00 31.45
N GLN I 80 7.78 -29.95 30.52
CA GLN I 80 7.94 -31.35 30.87
C GLN I 80 9.35 -31.65 31.35
N LEU I 81 10.35 -31.08 30.68
CA LEU I 81 11.74 -31.30 31.09
C LEU I 81 12.01 -30.74 32.48
N ILE I 82 11.43 -29.58 32.79
CA ILE I 82 11.60 -29.00 34.11
C ILE I 82 10.96 -29.88 35.18
N PHE I 83 9.77 -30.40 34.90
CA PHE I 83 9.06 -31.19 35.90
C PHE I 83 9.76 -32.53 36.16
N VAL I 84 10.18 -33.22 35.10
CA VAL I 84 10.76 -34.55 35.29
C VAL I 84 12.17 -34.48 35.87
N SER I 85 12.84 -33.34 35.80
CA SER I 85 14.14 -33.18 36.41
C SER I 85 14.06 -32.66 37.85
N THR I 86 12.89 -32.23 38.30
CA THR I 86 12.75 -31.78 39.68
C THR I 86 12.99 -32.87 40.70
N PRO I 87 12.40 -34.08 40.58
CA PRO I 87 12.68 -35.10 41.60
C PRO I 87 14.15 -35.45 41.72
N ALA I 88 14.89 -35.44 40.61
CA ALA I 88 16.32 -35.71 40.69
C ALA I 88 17.04 -34.60 41.46
N LEU I 89 16.63 -33.35 41.26
CA LEU I 89 17.24 -32.25 42.00
C LEU I 89 16.92 -32.34 43.48
N LEU I 90 15.69 -32.73 43.83
CA LEU I 90 15.30 -32.85 45.23
C LEU I 90 16.13 -33.92 45.94
N VAL I 91 16.36 -35.04 45.27
CA VAL I 91 17.12 -36.13 45.87
C VAL I 91 18.55 -35.69 46.16
N ALA I 92 19.16 -34.95 45.23
CA ALA I 92 20.55 -34.52 45.40
C ALA I 92 20.70 -33.63 46.62
N MET I 93 19.77 -32.70 46.83
CA MET I 93 19.85 -31.84 48.01
C MET I 93 19.67 -32.64 49.30
N HIS I 94 18.76 -33.62 49.29
CA HIS I 94 18.57 -34.45 50.47
C HIS I 94 19.81 -35.24 50.81
N VAL I 95 20.53 -35.72 49.79
CA VAL I 95 21.77 -36.46 50.04
C VAL I 95 22.81 -35.55 50.68
N ALA I 96 22.96 -34.33 50.16
CA ALA I 96 23.93 -33.40 50.72
C ALA I 96 23.57 -33.00 52.15
N TYR I 97 22.28 -32.78 52.42
CA TYR I 97 21.85 -32.44 53.76
C TYR I 97 22.09 -33.58 54.73
N THR I 98 21.80 -34.82 54.31
CA THR I 98 22.06 -35.97 55.16
C THR I 98 23.55 -36.18 55.35
N ARG I 99 24.34 -36.03 54.28
CA ARG I 99 25.78 -36.20 54.39
C ARG I 99 26.41 -35.16 55.31
N HIS I 100 25.94 -33.92 55.25
CA HIS I 100 26.43 -32.90 56.17
C HIS I 100 26.04 -33.22 57.61
N GLU I 101 24.80 -33.67 57.82
CA GLU I 101 24.34 -33.95 59.18
C GLU I 101 25.10 -35.14 59.78
N ARG I 102 25.35 -36.18 58.97
CA ARG I 102 26.02 -37.37 59.49
C ARG I 102 27.42 -37.06 59.97
N LYS I 103 28.17 -36.26 59.19
CA LYS I 103 29.53 -35.90 59.61
C LYS I 103 29.50 -34.99 60.83
N ARG I 104 28.56 -34.05 60.87
CA ARG I 104 28.51 -33.09 61.97
C ARG I 104 28.26 -33.77 63.31
N ARG I 105 27.34 -34.74 63.34
CA ARG I 105 27.04 -35.44 64.58
C ARG I 105 28.02 -36.59 64.79
N ARG I 125 19.70 -49.99 52.49
CA ARG I 125 18.40 -49.34 52.47
C ARG I 125 18.41 -48.08 53.32
N GLY I 126 17.36 -47.91 54.13
CA GLY I 126 17.26 -46.77 55.00
C GLY I 126 16.42 -45.65 54.42
N PRO I 127 16.75 -44.41 54.74
CA PRO I 127 15.97 -43.28 54.23
C PRO I 127 16.30 -42.95 52.78
N LEU I 128 17.55 -43.18 52.38
CA LEU I 128 17.95 -42.90 51.00
C LEU I 128 17.23 -43.82 50.01
N TRP I 129 16.94 -45.05 50.41
CA TRP I 129 16.25 -45.98 49.52
C TRP I 129 14.84 -45.48 49.20
N TRP I 130 14.13 -44.97 50.20
CA TRP I 130 12.76 -44.52 49.97
C TRP I 130 12.73 -43.25 49.13
N THR I 131 13.67 -42.33 49.37
CA THR I 131 13.69 -41.09 48.61
C THR I 131 13.98 -41.36 47.14
N TYR I 132 14.93 -42.24 46.84
CA TYR I 132 15.23 -42.58 45.46
C TYR I 132 14.06 -43.29 44.79
N THR I 133 13.41 -44.22 45.52
CA THR I 133 12.28 -44.93 44.96
C THR I 133 11.11 -43.99 44.69
N CYS I 134 10.86 -43.05 45.59
CA CYS I 134 9.77 -42.11 45.40
C CYS I 134 10.03 -41.19 44.21
N SER I 135 11.28 -40.79 44.01
CA SER I 135 11.61 -39.91 42.89
C SER I 135 11.34 -40.60 41.55
N ILE I 136 11.63 -41.90 41.47
CA ILE I 136 11.38 -42.64 40.24
C ILE I 136 9.88 -42.69 39.95
N PHE I 137 9.06 -42.86 40.99
CA PHE I 137 7.63 -42.92 40.80
C PHE I 137 7.08 -41.61 40.25
N PHE I 138 7.57 -40.48 40.77
CA PHE I 138 7.08 -39.18 40.31
C PHE I 138 7.55 -38.87 38.89
N ARG I 139 8.70 -39.41 38.50
CA ARG I 139 9.15 -39.22 37.12
C ARG I 139 8.23 -39.91 36.13
N ILE I 140 7.74 -41.11 36.48
CA ILE I 140 6.79 -41.81 35.62
C ILE I 140 5.49 -41.03 35.53
N VAL I 141 5.00 -40.50 36.65
CA VAL I 141 3.72 -39.80 36.65
C VAL I 141 3.80 -38.54 35.80
N PHE I 142 4.88 -37.76 35.95
CA PHE I 142 5.00 -36.54 35.18
C PHE I 142 5.15 -36.82 33.70
N GLU I 143 5.90 -37.87 33.34
CA GLU I 143 6.05 -38.23 31.94
C GLU I 143 4.71 -38.64 31.33
N ALA I 144 3.93 -39.43 32.06
CA ALA I 144 2.66 -39.89 31.52
C ALA I 144 1.65 -38.76 31.42
N VAL I 145 1.65 -37.85 32.39
CA VAL I 145 0.67 -36.76 32.41
C VAL I 145 0.87 -35.85 31.21
N PHE I 146 2.13 -35.54 30.88
CA PHE I 146 2.37 -34.53 29.86
C PHE I 146 2.02 -35.01 28.47
N MET I 147 2.24 -36.29 28.15
CA MET I 147 1.81 -36.74 26.82
C MET I 147 0.30 -36.93 26.73
N TYR I 148 -0.35 -37.26 27.84
CA TYR I 148 -1.81 -37.30 27.81
C TYR I 148 -2.37 -35.91 27.56
N VAL I 149 -1.76 -34.88 28.16
CA VAL I 149 -2.15 -33.50 27.86
C VAL I 149 -1.91 -33.20 26.40
N PHE I 150 -0.82 -33.73 25.84
CA PHE I 150 -0.55 -33.52 24.42
C PHE I 150 -1.62 -34.14 23.55
N TYR I 151 -2.05 -35.37 23.86
CA TYR I 151 -3.06 -36.02 23.06
C TYR I 151 -4.44 -35.43 23.30
N TYR I 152 -4.71 -34.95 24.51
CA TYR I 152 -5.99 -34.29 24.78
C TYR I 152 -6.08 -32.95 24.07
N MET I 153 -4.95 -32.32 23.79
CA MET I 153 -4.90 -30.96 23.27
C MET I 153 -4.68 -30.90 21.76
N TYR I 154 -3.92 -31.84 21.20
CA TYR I 154 -3.60 -31.82 19.78
C TYR I 154 -3.96 -33.12 19.07
N ASP I 155 -4.67 -34.03 19.75
CA ASP I 155 -5.22 -35.29 19.24
C ASP I 155 -4.36 -35.97 18.19
N GLY I 156 -3.06 -36.09 18.45
CA GLY I 156 -2.16 -36.79 17.58
C GLY I 156 -0.85 -36.05 17.44
N TYR I 157 -0.01 -36.54 16.53
CA TYR I 157 1.29 -35.95 16.28
C TYR I 157 1.37 -35.21 14.96
N GLN I 158 0.35 -35.29 14.12
CA GLN I 158 0.38 -34.71 12.78
C GLN I 158 -0.15 -33.29 12.81
N MET I 159 0.71 -32.33 12.47
CA MET I 159 0.28 -30.93 12.36
C MET I 159 -0.36 -30.70 10.99
N PRO I 160 -1.57 -30.16 10.94
CA PRO I 160 -2.23 -29.93 9.66
C PRO I 160 -1.67 -28.72 8.93
N ARG I 161 -1.82 -28.76 7.60
CA ARG I 161 -1.46 -27.60 6.78
C ARG I 161 -2.52 -26.51 6.87
N LEU I 162 -3.79 -26.90 7.00
CA LEU I 162 -4.92 -25.98 7.00
C LEU I 162 -5.75 -26.17 8.25
N VAL I 163 -6.17 -25.04 8.84
CA VAL I 163 -7.11 -25.04 9.94
C VAL I 163 -8.27 -24.14 9.57
N LYS I 164 -9.48 -24.56 9.90
CA LYS I 164 -10.70 -23.80 9.61
C LYS I 164 -11.24 -23.24 10.92
N CYS I 165 -11.31 -21.93 11.02
CA CYS I 165 -11.58 -21.23 12.27
C CYS I 165 -12.84 -20.39 12.12
N ASP I 166 -13.74 -20.52 13.10
CA ASP I 166 -15.01 -19.78 13.07
C ASP I 166 -15.25 -18.99 14.34
N ALA I 167 -14.22 -18.73 15.13
CA ALA I 167 -14.38 -17.95 16.35
C ALA I 167 -14.60 -16.48 16.02
N TRP I 168 -15.39 -15.82 16.85
CA TRP I 168 -15.61 -14.39 16.70
C TRP I 168 -14.28 -13.65 16.84
N PRO I 169 -14.02 -12.61 16.04
CA PRO I 169 -14.90 -11.95 15.07
C PRO I 169 -14.78 -12.46 13.64
N CYS I 170 -14.22 -13.63 13.42
CA CYS I 170 -14.05 -14.11 12.05
C CYS I 170 -15.41 -14.42 11.43
N PRO I 171 -15.70 -13.90 10.23
CA PRO I 171 -17.02 -14.13 9.64
C PRO I 171 -17.09 -15.50 8.96
N ASN I 172 -18.15 -16.24 9.27
CA ASN I 172 -18.38 -17.60 8.75
C ASN I 172 -17.17 -18.45 9.11
N VAL I 173 -16.55 -19.13 8.16
CA VAL I 173 -15.37 -19.97 8.41
C VAL I 173 -14.22 -19.41 7.59
N VAL I 174 -13.06 -19.25 8.22
CA VAL I 174 -11.89 -18.64 7.61
C VAL I 174 -10.79 -19.68 7.49
N ASP I 175 -10.17 -19.75 6.31
CA ASP I 175 -9.04 -20.64 6.10
C ASP I 175 -7.76 -20.00 6.60
N CYS I 176 -6.98 -20.74 7.38
CA CYS I 176 -5.70 -20.28 7.89
C CYS I 176 -4.65 -21.35 7.65
N PHE I 177 -3.41 -20.90 7.41
CA PHE I 177 -2.33 -21.78 6.98
C PHE I 177 -1.20 -21.76 8.00
N VAL I 178 -0.75 -22.94 8.40
CA VAL I 178 0.26 -23.12 9.43
C VAL I 178 1.65 -23.01 8.79
N SER I 179 2.62 -22.58 9.59
CA SER I 179 3.99 -22.42 9.15
C SER I 179 4.80 -23.68 9.45
N ARG I 180 5.48 -24.19 8.43
CA ARG I 180 6.32 -25.38 8.53
C ARG I 180 5.63 -26.57 9.21
N PRO I 181 4.47 -27.00 8.72
CA PRO I 181 3.80 -28.14 9.37
C PRO I 181 4.58 -29.44 9.29
N THR I 182 5.33 -29.68 8.21
CA THR I 182 6.02 -30.95 8.07
C THR I 182 7.20 -31.06 9.02
N GLU I 183 8.00 -30.01 9.13
CA GLU I 183 9.14 -30.04 10.04
C GLU I 183 8.69 -30.15 11.49
N LYS I 184 7.62 -29.46 11.85
CA LYS I 184 7.09 -29.55 13.21
C LYS I 184 6.58 -30.95 13.52
N THR I 185 5.99 -31.62 12.53
CA THR I 185 5.53 -32.99 12.74
C THR I 185 6.70 -33.93 13.01
N THR I 186 7.81 -33.74 12.28
CA THR I 186 8.96 -34.62 12.46
C THR I 186 9.54 -34.52 13.86
N PHE I 187 9.67 -33.30 14.38
CA PHE I 187 10.22 -33.13 15.72
C PHE I 187 9.25 -33.59 16.80
N THR I 188 7.95 -33.53 16.51
CA THR I 188 6.96 -34.05 17.45
C THR I 188 7.12 -35.56 17.64
N ILE I 189 7.38 -36.28 16.54
CA ILE I 189 7.58 -37.73 16.62
C ILE I 189 8.83 -38.05 17.42
N PHE I 190 9.88 -37.24 17.26
CA PHE I 190 11.13 -37.49 17.99
C PHE I 190 10.92 -37.35 19.49
N MET I 191 10.28 -36.27 19.93
CA MET I 191 10.09 -36.06 21.36
C MET I 191 9.14 -37.08 21.96
N LEU I 192 8.09 -37.45 21.23
CA LEU I 192 7.16 -38.45 21.73
C LEU I 192 7.84 -39.81 21.87
N ALA I 193 8.66 -40.17 20.89
CA ALA I 193 9.35 -41.46 20.94
C ALA I 193 10.32 -41.53 22.11
N VAL I 194 11.10 -40.47 22.33
CA VAL I 194 12.08 -40.49 23.41
C VAL I 194 11.38 -40.44 24.77
N SER I 195 10.30 -39.67 24.89
CA SER I 195 9.57 -39.63 26.14
C SER I 195 8.96 -40.99 26.47
N GLY I 196 8.45 -41.70 25.45
CA GLY I 196 7.93 -43.03 25.68
C GLY I 196 9.00 -44.01 26.13
N ILE I 197 10.20 -43.90 25.55
CA ILE I 197 11.31 -44.75 25.96
C ILE I 197 11.72 -44.43 27.39
N CYS I 198 11.65 -43.16 27.78
CA CYS I 198 12.10 -42.77 29.11
C CYS I 198 11.24 -43.40 30.20
N MET I 199 9.92 -43.47 29.99
CA MET I 199 9.08 -44.13 30.98
C MET I 199 9.39 -45.62 31.07
N MET I 200 9.62 -46.28 29.92
CA MET I 200 9.92 -47.71 29.94
C MET I 200 11.19 -48.00 30.72
N LEU I 201 12.22 -47.16 30.55
CA LEU I 201 13.43 -47.31 31.35
C LEU I 201 13.16 -47.03 32.82
N ASN I 202 12.36 -46.00 33.11
CA ASN I 202 12.02 -45.70 34.49
C ASN I 202 11.20 -46.82 35.12
N LEU I 203 10.25 -47.37 34.35
CA LEU I 203 9.45 -48.48 34.85
C LEU I 203 10.31 -49.71 35.12
N ALA I 204 11.27 -49.99 34.23
CA ALA I 204 12.15 -51.14 34.42
C ALA I 204 12.99 -50.98 35.67
N GLU I 205 13.52 -49.78 35.92
CA GLU I 205 14.33 -49.55 37.11
C GLU I 205 13.50 -49.70 38.38
N LEU I 206 12.24 -49.24 38.34
CA LEU I 206 11.37 -49.40 39.50
C LEU I 206 11.11 -50.88 39.79
N CYS I 207 10.90 -51.68 38.74
CA CYS I 207 10.68 -53.11 38.94
C CYS I 207 11.95 -53.79 39.44
N TYR I 208 13.12 -53.35 38.98
CA TYR I 208 14.37 -53.96 39.40
C TYR I 208 14.60 -53.77 40.89
N LEU I 209 14.29 -52.59 41.42
CA LEU I 209 14.50 -52.33 42.84
C LEU I 209 13.48 -53.07 43.70
N VAL I 210 12.23 -53.14 43.24
CA VAL I 210 11.17 -53.73 44.06
C VAL I 210 11.40 -55.23 44.23
N ILE I 211 11.66 -55.93 43.13
CA ILE I 211 11.83 -57.39 43.22
C ILE I 211 13.10 -57.74 43.99
N LYS I 212 14.16 -56.92 43.86
CA LYS I 212 15.39 -57.21 44.58
C LYS I 212 15.19 -57.13 46.09
N VAL I 213 14.47 -56.11 46.56
CA VAL I 213 14.22 -56.00 47.99
C VAL I 213 13.19 -57.04 48.45
N CYS I 214 12.24 -57.38 47.58
CA CYS I 214 11.23 -58.38 47.96
C CYS I 214 11.81 -59.78 47.98
N LEU I 215 12.61 -60.12 46.97
CA LEU I 215 13.19 -61.46 46.87
C LEU I 215 14.70 -61.41 46.83
N VAL J 9 36.11 -33.52 22.78
CA VAL J 9 37.51 -33.93 22.82
C VAL J 9 37.72 -35.01 23.87
N LEU J 10 37.30 -34.70 25.11
CA LEU J 10 37.47 -35.66 26.20
C LEU J 10 36.66 -36.93 25.95
N GLY J 11 35.44 -36.78 25.44
CA GLY J 11 34.60 -37.93 25.16
C GLY J 11 34.95 -38.62 23.85
N GLY J 12 36.23 -38.74 23.56
CA GLY J 12 36.68 -39.43 22.36
C GLY J 12 37.97 -40.19 22.58
N VAL J 13 38.30 -40.47 23.83
CA VAL J 13 39.55 -41.13 24.20
C VAL J 13 39.21 -42.41 24.95
N ASN J 14 39.73 -43.54 24.47
CA ASN J 14 39.61 -44.81 25.14
C ASN J 14 40.95 -45.53 25.05
N LYS J 15 41.17 -46.47 25.97
CA LYS J 15 42.43 -47.19 26.00
C LYS J 15 42.61 -48.13 24.82
N HIS J 16 41.55 -48.40 24.05
CA HIS J 16 41.64 -49.21 22.85
C HIS J 16 41.67 -48.37 21.57
N SER J 17 41.63 -47.05 21.68
CA SER J 17 41.58 -46.20 20.50
C SER J 17 42.97 -46.00 19.91
N THR J 18 43.06 -46.11 18.60
CA THR J 18 44.31 -45.92 17.88
C THR J 18 44.53 -44.44 17.59
N SER J 19 45.51 -44.13 16.75
CA SER J 19 45.79 -42.73 16.41
C SER J 19 44.64 -42.12 15.61
N ILE J 20 43.98 -42.93 14.76
CA ILE J 20 42.89 -42.42 13.95
C ILE J 20 41.76 -41.90 14.82
N GLY J 21 41.34 -42.69 15.80
CA GLY J 21 40.26 -42.27 16.68
C GLY J 21 40.65 -41.12 17.58
N LYS J 22 41.90 -41.11 18.03
CA LYS J 22 42.33 -40.09 19.00
C LYS J 22 42.48 -38.73 18.35
N ILE J 23 42.97 -38.67 17.11
CA ILE J 23 43.37 -37.42 16.47
C ILE J 23 42.46 -37.06 15.31
N TRP J 24 42.44 -37.90 14.26
CA TRP J 24 41.79 -37.50 13.02
C TRP J 24 40.28 -37.38 13.17
N LEU J 25 39.65 -38.35 13.84
CA LEU J 25 38.21 -38.29 14.02
C LEU J 25 37.81 -37.14 14.92
N THR J 26 38.60 -36.86 15.95
CA THR J 26 38.30 -35.74 16.85
C THR J 26 38.38 -34.41 16.12
N VAL J 27 39.41 -34.22 15.28
CA VAL J 27 39.55 -32.98 14.54
C VAL J 27 38.41 -32.80 13.55
N LEU J 28 38.05 -33.87 12.84
CA LEU J 28 36.96 -33.77 11.86
C LEU J 28 35.64 -33.43 12.54
N PHE J 29 35.38 -34.00 13.72
CA PHE J 29 34.16 -33.68 14.44
C PHE J 29 34.11 -32.22 14.83
N ILE J 30 35.22 -31.68 15.33
CA ILE J 30 35.28 -30.25 15.63
C ILE J 30 35.17 -29.44 14.35
N PHE J 31 35.73 -29.94 13.26
CA PHE J 31 35.64 -29.26 11.97
C PHE J 31 34.19 -29.11 11.53
N ARG J 32 33.40 -30.17 11.66
CA ARG J 32 31.99 -30.11 11.26
C ARG J 32 31.20 -29.16 12.15
N ILE J 33 31.47 -29.17 13.46
CA ILE J 33 30.75 -28.27 14.36
C ILE J 33 31.05 -26.82 14.05
N MET J 34 32.32 -26.49 13.79
CA MET J 34 32.70 -25.11 13.53
C MET J 34 32.03 -24.60 12.26
N ILE J 35 32.01 -25.42 11.20
CA ILE J 35 31.37 -25.02 9.96
C ILE J 35 29.88 -24.79 10.18
N LEU J 36 29.24 -25.67 10.94
N LEU J 36 29.24 -25.69 10.92
CA LEU J 36 27.81 -25.54 11.20
CA LEU J 36 27.79 -25.59 11.12
C LEU J 36 27.49 -24.25 11.97
C LEU J 36 27.43 -24.40 12.00
N VAL J 37 28.35 -23.88 12.91
N VAL J 37 28.23 -24.12 13.02
CA VAL J 37 28.09 -22.70 13.74
CA VAL J 37 27.87 -23.13 14.04
C VAL J 37 28.10 -21.44 12.89
C VAL J 37 28.16 -21.71 13.58
N VAL J 38 29.06 -21.30 11.98
N VAL J 38 29.41 -21.42 13.25
CA VAL J 38 29.18 -20.08 11.20
CA VAL J 38 29.83 -20.04 13.02
C VAL J 38 28.20 -20.01 10.04
C VAL J 38 29.74 -19.65 11.54
N ALA J 39 27.56 -21.13 9.67
N ALA J 39 29.44 -20.60 10.67
CA ALA J 39 26.71 -21.18 8.49
CA ALA J 39 29.36 -20.27 9.24
C ALA J 39 25.24 -21.41 8.82
C ALA J 39 27.97 -20.52 8.67
N ALA J 40 24.85 -21.40 10.10
N ALA J 40 27.44 -21.73 8.85
CA ALA J 40 23.48 -21.72 10.46
CA ALA J 40 26.27 -22.15 8.09
C ALA J 40 22.60 -20.48 10.58
C ALA J 40 24.98 -21.54 8.62
N GLU J 41 22.97 -19.56 11.48
N GLU J 41 24.87 -21.37 9.94
CA GLU J 41 22.11 -18.42 11.77
CA GLU J 41 23.58 -21.00 10.53
C GLU J 41 22.12 -17.40 10.65
C GLU J 41 23.08 -19.65 10.02
N ARG J 42 23.12 -17.43 9.77
N ARG J 42 23.99 -18.73 9.70
CA ARG J 42 23.26 -16.40 8.74
CA ARG J 42 23.59 -17.42 9.20
C ARG J 42 22.87 -16.88 7.35
C ARG J 42 23.09 -17.47 7.76
N VAL J 43 23.21 -18.11 6.98
N VAL J 43 23.41 -18.54 7.02
CA VAL J 43 22.90 -18.58 5.63
CA VAL J 43 22.96 -18.65 5.64
C VAL J 43 21.47 -19.07 5.53
C VAL J 43 21.50 -19.07 5.55
N TRP J 44 21.02 -19.85 6.50
CA TRP J 44 19.66 -20.39 6.48
C TRP J 44 18.69 -19.56 7.32
N GLY J 45 19.10 -18.39 7.77
CA GLY J 45 18.24 -17.61 8.66
C GLY J 45 16.95 -17.15 8.01
N ASP J 46 17.01 -16.71 6.76
CA ASP J 46 15.87 -16.15 6.05
C ASP J 46 15.33 -17.10 4.99
N GLU J 47 15.34 -18.40 5.27
CA GLU J 47 14.96 -19.39 4.26
C GLU J 47 13.51 -19.22 3.82
N GLN J 48 12.59 -19.05 4.77
CA GLN J 48 11.19 -18.85 4.43
C GLN J 48 10.84 -17.37 4.25
N GLN J 49 11.50 -16.48 4.99
CA GLN J 49 11.18 -15.07 4.92
C GLN J 49 11.45 -14.50 3.52
N ASP J 50 12.54 -14.92 2.89
CA ASP J 50 12.89 -14.46 1.55
C ASP J 50 12.55 -15.49 0.47
N PHE J 51 11.61 -16.38 0.76
CA PHE J 51 11.05 -17.29 -0.24
C PHE J 51 9.94 -16.55 -0.97
N VAL J 52 10.17 -16.21 -2.23
CA VAL J 52 9.30 -15.31 -2.99
C VAL J 52 8.58 -16.13 -4.06
N CYS J 53 7.25 -16.03 -4.07
CA CYS J 53 6.41 -16.72 -5.04
C CYS J 53 5.63 -15.70 -5.86
N ASN J 54 5.52 -15.95 -7.17
CA ASN J 54 4.84 -15.05 -8.10
C ASN J 54 3.36 -15.42 -8.13
N THR J 55 2.62 -14.91 -7.15
CA THR J 55 1.20 -15.20 -7.04
C THR J 55 0.55 -14.19 -6.10
N LEU J 56 -0.78 -14.14 -6.16
CA LEU J 56 -1.58 -13.35 -5.24
C LEU J 56 -2.43 -14.23 -4.31
N GLN J 57 -2.24 -15.54 -4.37
CA GLN J 57 -3.05 -16.46 -3.59
C GLN J 57 -2.56 -16.49 -2.14
N PRO J 58 -3.41 -16.20 -1.16
CA PRO J 58 -2.98 -16.31 0.24
C PRO J 58 -2.72 -17.76 0.61
N GLY J 59 -1.64 -17.98 1.34
CA GLY J 59 -1.27 -19.29 1.81
C GLY J 59 -0.43 -20.12 0.85
N CYS J 60 -0.20 -19.63 -0.37
CA CYS J 60 0.61 -20.37 -1.32
C CYS J 60 2.08 -20.37 -0.92
N ARG J 61 2.55 -19.31 -0.28
CA ARG J 61 3.93 -19.27 0.19
C ARG J 61 4.22 -20.34 1.23
N ASN J 62 3.27 -20.55 2.15
CA ASN J 62 3.48 -21.51 3.22
C ASN J 62 3.50 -22.94 2.70
N VAL J 63 2.55 -23.28 1.83
CA VAL J 63 2.46 -24.67 1.37
C VAL J 63 3.59 -25.02 0.41
N CYS J 64 4.02 -24.07 -0.42
CA CYS J 64 5.08 -24.36 -1.38
C CYS J 64 6.44 -24.50 -0.71
N TYR J 65 6.71 -23.65 0.29
CA TYR J 65 7.96 -23.80 1.02
C TYR J 65 7.99 -25.11 1.78
N ASP J 66 6.89 -25.47 2.44
CA ASP J 66 6.84 -26.71 3.20
C ASP J 66 6.92 -27.93 2.28
N HIS J 67 6.48 -27.79 1.03
CA HIS J 67 6.50 -28.92 0.12
C HIS J 67 7.91 -29.22 -0.37
N PHE J 68 8.71 -28.18 -0.62
CA PHE J 68 10.04 -28.38 -1.19
C PHE J 68 11.14 -28.45 -0.16
N PHE J 69 10.90 -28.01 1.07
CA PHE J 69 11.87 -28.09 2.16
C PHE J 69 11.18 -28.67 3.40
N PRO J 70 10.84 -29.96 3.36
CA PRO J 70 10.16 -30.56 4.53
C PRO J 70 11.00 -30.50 5.80
N ILE J 71 12.31 -30.64 5.68
CA ILE J 71 13.24 -30.43 6.79
C ILE J 71 14.39 -29.59 6.30
N SER J 72 14.74 -28.56 7.06
CA SER J 72 15.83 -27.67 6.67
C SER J 72 17.16 -28.42 6.68
N HIS J 73 18.08 -27.98 5.83
CA HIS J 73 19.38 -28.63 5.73
C HIS J 73 20.14 -28.56 7.05
N ILE J 74 20.11 -27.39 7.71
CA ILE J 74 20.86 -27.24 8.95
C ILE J 74 20.29 -28.10 10.06
N ARG J 75 18.97 -28.28 10.10
CA ARG J 75 18.37 -29.14 11.10
C ARG J 75 18.75 -30.60 10.88
N LEU J 76 18.88 -31.02 9.63
CA LEU J 76 19.32 -32.38 9.35
C LEU J 76 20.75 -32.62 9.83
N TRP J 77 21.63 -31.65 9.60
CA TRP J 77 23.02 -31.81 10.03
C TRP J 77 23.15 -31.74 11.54
N ALA J 78 22.33 -30.91 12.19
CA ALA J 78 22.33 -30.87 13.64
C ALA J 78 21.89 -32.19 14.24
N LEU J 79 20.86 -32.82 13.66
CA LEU J 79 20.42 -34.12 14.13
C LEU J 79 21.50 -35.17 13.92
N GLN J 80 22.18 -35.13 12.77
CA GLN J 80 23.22 -36.12 12.48
C GLN J 80 24.37 -36.02 13.48
N LEU J 81 24.79 -34.79 13.82
CA LEU J 81 25.88 -34.62 14.77
C LEU J 81 25.50 -35.15 16.15
N ILE J 82 24.26 -34.92 16.57
CA ILE J 82 23.80 -35.43 17.85
C ILE J 82 23.81 -36.95 17.87
N PHE J 83 23.36 -37.57 16.78
CA PHE J 83 23.27 -39.02 16.74
C PHE J 83 24.65 -39.68 16.71
N VAL J 84 25.57 -39.16 15.90
CA VAL J 84 26.87 -39.80 15.77
C VAL J 84 27.75 -39.56 16.98
N SER J 85 27.43 -38.57 17.80
CA SER J 85 28.19 -38.34 19.03
C SER J 85 27.60 -39.06 20.23
N THR J 86 26.41 -39.64 20.10
CA THR J 86 25.81 -40.37 21.21
C THR J 86 26.61 -41.63 21.59
N PRO J 87 27.03 -42.49 20.65
CA PRO J 87 27.80 -43.68 21.08
C PRO J 87 29.09 -43.32 21.81
N ALA J 88 29.75 -42.23 21.43
CA ALA J 88 30.94 -41.80 22.16
C ALA J 88 30.59 -41.40 23.59
N LEU J 89 29.45 -40.73 23.77
CA LEU J 89 29.04 -40.34 25.11
C LEU J 89 28.67 -41.56 25.96
N LEU J 90 28.03 -42.56 25.34
CA LEU J 90 27.65 -43.76 26.08
C LEU J 90 28.88 -44.52 26.57
N VAL J 91 29.92 -44.60 25.73
CA VAL J 91 31.13 -45.32 26.12
C VAL J 91 31.80 -44.63 27.30
N ALA J 92 31.85 -43.30 27.29
CA ALA J 92 32.52 -42.57 28.37
C ALA J 92 31.86 -42.83 29.71
N MET J 93 30.53 -42.83 29.75
CA MET J 93 29.83 -43.11 31.00
C MET J 93 30.08 -44.54 31.47
N HIS J 94 30.12 -45.49 30.54
CA HIS J 94 30.39 -46.88 30.91
C HIS J 94 31.78 -47.02 31.50
N VAL J 95 32.76 -46.30 30.97
CA VAL J 95 34.11 -46.36 31.51
C VAL J 95 34.14 -45.83 32.94
N ALA J 96 33.48 -44.69 33.18
CA ALA J 96 33.46 -44.13 34.52
C ALA J 96 32.75 -45.04 35.51
N TYR J 97 31.64 -45.64 35.09
CA TYR J 97 30.91 -46.57 35.96
C TYR J 97 31.75 -47.80 36.27
N THR J 98 32.44 -48.35 35.27
CA THR J 98 33.31 -49.49 35.52
C THR J 98 34.51 -49.10 36.39
N ARG J 99 35.10 -47.93 36.12
CA ARG J 99 36.23 -47.48 36.92
C ARG J 99 35.85 -47.24 38.37
N HIS J 100 34.66 -46.68 38.61
CA HIS J 100 34.19 -46.51 39.98
C HIS J 100 33.95 -47.86 40.66
N GLU J 101 33.36 -48.82 39.96
CA GLU J 101 33.06 -50.11 40.55
C GLU J 101 34.34 -50.87 40.87
N ARG J 102 35.33 -50.82 39.97
CA ARG J 102 36.56 -51.58 40.17
C ARG J 102 37.30 -51.12 41.42
N LYS J 103 37.39 -49.80 41.64
CA LYS J 103 38.04 -49.29 42.84
C LYS J 103 37.24 -49.62 44.09
N ARG J 104 35.90 -49.51 44.00
CA ARG J 104 35.07 -49.74 45.17
C ARG J 104 35.17 -51.17 45.68
N ARG J 105 35.17 -52.14 44.77
CA ARG J 105 35.27 -53.54 45.15
C ARG J 105 36.73 -53.94 45.36
N ARG J 125 41.64 -56.74 26.18
CA ARG J 125 40.27 -56.92 25.73
C ARG J 125 39.29 -56.78 26.89
N GLY J 126 38.33 -57.69 26.98
CA GLY J 126 37.36 -57.67 28.04
C GLY J 126 36.07 -56.99 27.64
N PRO J 127 35.39 -56.36 28.60
CA PRO J 127 34.12 -55.69 28.31
C PRO J 127 34.32 -54.35 27.60
N LEU J 128 35.43 -53.68 27.90
CA LEU J 128 35.70 -52.40 27.26
C LEU J 128 35.94 -52.54 25.77
N TRP J 129 36.54 -53.66 25.34
CA TRP J 129 36.79 -53.87 23.93
C TRP J 129 35.50 -53.97 23.15
N TRP J 130 34.50 -54.67 23.68
CA TRP J 130 33.24 -54.84 22.96
C TRP J 130 32.46 -53.55 22.91
N THR J 131 32.46 -52.78 23.99
CA THR J 131 31.73 -51.51 24.00
C THR J 131 32.31 -50.53 22.99
N TYR J 132 33.64 -50.44 22.93
CA TYR J 132 34.26 -49.53 21.95
C TYR J 132 34.01 -50.00 20.52
N THR J 133 34.09 -51.31 20.27
CA THR J 133 33.85 -51.83 18.94
C THR J 133 32.40 -51.60 18.52
N CYS J 134 31.45 -51.80 19.43
CA CYS J 134 30.05 -51.60 19.10
C CYS J 134 29.75 -50.13 18.80
N SER J 135 30.39 -49.22 19.53
CA SER J 135 30.16 -47.79 19.30
C SER J 135 30.62 -47.37 17.91
N ILE J 136 31.74 -47.95 17.44
CA ILE J 136 32.21 -47.63 16.09
C ILE J 136 31.22 -48.10 15.05
N PHE J 137 30.63 -49.28 15.25
CA PHE J 137 29.68 -49.81 14.28
C PHE J 137 28.45 -48.91 14.17
N PHE J 138 27.96 -48.41 15.30
CA PHE J 138 26.77 -47.55 15.27
C PHE J 138 27.08 -46.19 14.67
N ARG J 139 28.31 -45.71 14.80
CA ARG J 139 28.69 -44.45 14.18
C ARG J 139 28.64 -44.56 12.65
N ILE J 140 29.07 -45.69 12.11
CA ILE J 140 28.99 -45.90 10.66
C ILE J 140 27.54 -45.95 10.21
N VAL J 141 26.68 -46.64 10.97
CA VAL J 141 25.29 -46.80 10.57
C VAL J 141 24.57 -45.46 10.56
N PHE J 142 24.77 -44.66 11.62
CA PHE J 142 24.12 -43.35 11.68
C PHE J 142 24.61 -42.43 10.58
N GLU J 143 25.91 -42.47 10.28
CA GLU J 143 26.45 -41.65 9.22
C GLU J 143 25.86 -42.02 7.86
N ALA J 144 25.73 -43.32 7.59
CA ALA J 144 25.19 -43.76 6.30
C ALA J 144 23.70 -43.46 6.20
N VAL J 145 22.95 -43.64 7.30
CA VAL J 145 21.52 -43.42 7.26
C VAL J 145 21.19 -41.97 6.95
N PHE J 146 21.90 -41.04 7.58
CA PHE J 146 21.60 -39.63 7.37
C PHE J 146 21.99 -39.15 5.98
N MET J 147 23.04 -39.75 5.39
CA MET J 147 23.39 -39.39 4.03
C MET J 147 22.39 -39.95 3.02
N TYR J 148 21.88 -41.15 3.28
CA TYR J 148 20.84 -41.71 2.40
C TYR J 148 19.55 -40.90 2.49
N VAL J 149 19.19 -40.45 3.69
CA VAL J 149 17.99 -39.63 3.85
C VAL J 149 18.12 -38.35 3.05
N PHE J 150 19.33 -37.77 3.01
CA PHE J 150 19.54 -36.54 2.26
C PHE J 150 19.31 -36.76 0.77
N TYR J 151 19.80 -37.87 0.23
CA TYR J 151 19.62 -38.13 -1.20
C TYR J 151 18.18 -38.56 -1.51
N TYR J 152 17.52 -39.22 -0.57
CA TYR J 152 16.12 -39.59 -0.78
C TYR J 152 15.22 -38.37 -0.76
N MET J 153 15.63 -37.31 -0.07
CA MET J 153 14.79 -36.14 0.18
C MET J 153 15.11 -34.98 -0.75
N TYR J 154 16.37 -34.78 -1.14
CA TYR J 154 16.77 -33.66 -1.95
C TYR J 154 17.47 -34.07 -3.24
N ASP J 155 17.55 -35.38 -3.52
CA ASP J 155 18.09 -35.97 -4.74
C ASP J 155 19.35 -35.31 -5.29
N GLY J 156 20.24 -34.89 -4.41
CA GLY J 156 21.52 -34.35 -4.82
C GLY J 156 21.93 -33.20 -3.92
N TYR J 157 23.05 -32.57 -4.28
CA TYR J 157 23.61 -31.47 -3.52
C TYR J 157 23.31 -30.10 -4.10
N GLN J 158 22.73 -30.03 -5.29
CA GLN J 158 22.51 -28.77 -5.98
C GLN J 158 21.15 -28.19 -5.61
N MET J 159 21.14 -27.03 -4.98
CA MET J 159 19.91 -26.31 -4.66
C MET J 159 19.45 -25.51 -5.88
N PRO J 160 18.21 -25.69 -6.32
CA PRO J 160 17.74 -24.95 -7.50
C PRO J 160 17.43 -23.50 -7.19
N ARG J 161 17.53 -22.66 -8.23
CA ARG J 161 17.11 -21.28 -8.12
C ARG J 161 15.59 -21.14 -8.13
N LEU J 162 14.91 -22.00 -8.90
CA LEU J 162 13.48 -21.90 -9.12
C LEU J 162 12.83 -23.25 -8.81
N VAL J 163 11.68 -23.20 -8.15
CA VAL J 163 10.87 -24.39 -7.90
C VAL J 163 9.45 -24.12 -8.39
N LYS J 164 8.85 -25.12 -9.02
CA LYS J 164 7.49 -25.02 -9.55
C LYS J 164 6.57 -25.85 -8.68
N CYS J 165 5.58 -25.18 -8.07
CA CYS J 165 4.75 -25.78 -7.03
C CYS J 165 3.30 -25.74 -7.45
N ASP J 166 2.60 -26.87 -7.30
CA ASP J 166 1.20 -26.98 -7.70
C ASP J 166 0.30 -27.52 -6.59
N ALA J 167 0.75 -27.46 -5.34
CA ALA J 167 -0.06 -27.92 -4.22
C ALA J 167 -1.19 -26.94 -3.95
N TRP J 168 -2.31 -27.47 -3.49
CA TRP J 168 -3.43 -26.63 -3.10
C TRP J 168 -3.00 -25.73 -1.93
N PRO J 169 -3.43 -24.46 -1.91
CA PRO J 169 -4.37 -23.76 -2.80
C PRO J 169 -3.74 -23.02 -3.96
N CYS J 170 -2.52 -23.32 -4.36
CA CYS J 170 -1.88 -22.57 -5.43
C CYS J 170 -2.55 -22.90 -6.77
N PRO J 171 -2.97 -21.89 -7.53
CA PRO J 171 -3.67 -22.17 -8.79
C PRO J 171 -2.69 -22.53 -9.90
N ASN J 172 -2.98 -23.63 -10.60
CA ASN J 172 -2.16 -24.14 -11.70
C ASN J 172 -0.76 -24.39 -11.14
N VAL J 173 0.30 -23.86 -11.76
CA VAL J 173 1.67 -24.01 -11.30
C VAL J 173 2.22 -22.63 -11.00
N VAL J 174 2.85 -22.46 -9.84
CA VAL J 174 3.33 -21.18 -9.36
C VAL J 174 4.85 -21.22 -9.28
N ASP J 175 5.49 -20.16 -9.80
CA ASP J 175 6.93 -20.03 -9.71
C ASP J 175 7.33 -19.45 -8.36
N CYS J 176 8.30 -20.09 -7.70
CA CYS J 176 8.84 -19.62 -6.43
C CYS J 176 10.36 -19.62 -6.50
N PHE J 177 10.98 -18.68 -5.79
CA PHE J 177 12.41 -18.43 -5.90
C PHE J 177 13.07 -18.61 -4.54
N VAL J 178 14.16 -19.38 -4.52
CA VAL J 178 14.88 -19.76 -3.31
C VAL J 178 15.86 -18.65 -2.96
N SER J 179 16.18 -18.55 -1.66
CA SER J 179 17.11 -17.55 -1.16
C SER J 179 18.51 -18.14 -1.05
N ARG J 180 19.49 -17.44 -1.62
CA ARG J 180 20.90 -17.85 -1.60
C ARG J 180 21.13 -19.29 -2.02
N PRO J 181 20.67 -19.69 -3.21
CA PRO J 181 20.88 -21.10 -3.63
C PRO J 181 22.34 -21.47 -3.82
N THR J 182 23.19 -20.55 -4.26
CA THR J 182 24.58 -20.90 -4.55
C THR J 182 25.38 -21.09 -3.27
N GLU J 183 25.18 -20.22 -2.28
CA GLU J 183 25.90 -20.37 -1.02
C GLU J 183 25.46 -21.64 -0.28
N LYS J 184 24.17 -21.97 -0.36
CA LYS J 184 23.69 -23.18 0.29
C LYS J 184 24.24 -24.43 -0.38
N THR J 185 24.42 -24.40 -1.70
CA THR J 185 25.02 -25.53 -2.40
C THR J 185 26.46 -25.75 -1.97
N THR J 186 27.21 -24.66 -1.79
CA THR J 186 28.62 -24.77 -1.41
C THR J 186 28.78 -25.44 -0.05
N PHE J 187 27.96 -25.04 0.93
CA PHE J 187 28.06 -25.63 2.24
C PHE J 187 27.53 -27.06 2.28
N THR J 188 26.60 -27.38 1.38
CA THR J 188 26.13 -28.77 1.29
C THR J 188 27.25 -29.69 0.83
N ILE J 189 28.08 -29.24 -0.12
CA ILE J 189 29.20 -30.05 -0.57
C ILE J 189 30.20 -30.25 0.55
N PHE J 190 30.46 -29.21 1.34
CA PHE J 190 31.41 -29.33 2.45
C PHE J 190 30.96 -30.38 3.46
N MET J 191 29.68 -30.32 3.87
CA MET J 191 29.21 -31.24 4.89
C MET J 191 29.14 -32.67 4.35
N LEU J 192 28.76 -32.84 3.09
CA LEU J 192 28.72 -34.17 2.50
C LEU J 192 30.11 -34.77 2.38
N ALA J 193 31.09 -33.95 1.98
CA ALA J 193 32.45 -34.47 1.82
C ALA J 193 33.05 -34.89 3.15
N VAL J 194 32.86 -34.08 4.20
CA VAL J 194 33.43 -34.42 5.50
C VAL J 194 32.73 -35.63 6.09
N SER J 195 31.42 -35.74 5.90
CA SER J 195 30.69 -36.91 6.39
C SER J 195 31.16 -38.18 5.70
N GLY J 196 31.44 -38.10 4.40
CA GLY J 196 31.98 -39.26 3.70
C GLY J 196 33.36 -39.64 4.20
N ILE J 197 34.20 -38.65 4.48
CA ILE J 197 35.53 -38.94 5.02
C ILE J 197 35.43 -39.56 6.40
N CYS J 198 34.52 -39.05 7.23
CA CYS J 198 34.36 -39.59 8.58
C CYS J 198 33.90 -41.03 8.55
N MET J 199 33.05 -41.39 7.58
CA MET J 199 32.63 -42.78 7.45
C MET J 199 33.80 -43.68 7.06
N MET J 200 34.66 -43.21 6.15
CA MET J 200 35.81 -44.02 5.74
C MET J 200 36.78 -44.22 6.89
N LEU J 201 37.04 -43.17 7.68
CA LEU J 201 37.95 -43.30 8.81
C LEU J 201 37.41 -44.28 9.84
N ASN J 202 36.11 -44.22 10.11
CA ASN J 202 35.50 -45.16 11.05
C ASN J 202 35.61 -46.59 10.55
N LEU J 203 35.42 -46.79 9.24
CA LEU J 203 35.56 -48.12 8.66
C LEU J 203 36.99 -48.63 8.78
N ALA J 204 37.97 -47.76 8.54
CA ALA J 204 39.37 -48.17 8.65
C ALA J 204 39.72 -48.57 10.08
N GLU J 205 39.24 -47.81 11.06
CA GLU J 205 39.52 -48.14 12.46
C GLU J 205 38.86 -49.45 12.85
N LEU J 206 37.66 -49.72 12.35
CA LEU J 206 37.00 -50.98 12.62
C LEU J 206 37.79 -52.16 12.05
N CYS J 207 38.32 -52.01 10.84
CA CYS J 207 39.12 -53.08 10.24
C CYS J 207 40.43 -53.27 10.98
N TYR J 208 41.01 -52.18 11.49
CA TYR J 208 42.27 -52.29 12.23
C TYR J 208 42.10 -53.12 13.49
N LEU J 209 41.00 -52.93 14.20
CA LEU J 209 40.78 -53.67 15.44
C LEU J 209 40.44 -55.13 15.17
N VAL J 210 39.67 -55.40 14.12
CA VAL J 210 39.21 -56.77 13.86
C VAL J 210 40.37 -57.65 13.44
N ILE J 211 41.20 -57.18 12.50
CA ILE J 211 42.31 -58.01 12.03
C ILE J 211 43.35 -58.20 13.11
N LYS J 212 43.57 -57.19 13.96
CA LYS J 212 44.56 -57.33 15.03
C LYS J 212 44.16 -58.41 16.02
N VAL J 213 42.88 -58.45 16.41
CA VAL J 213 42.44 -59.50 17.33
C VAL J 213 42.36 -60.85 16.63
N CYS J 214 42.04 -60.86 15.34
CA CYS J 214 41.94 -62.13 14.63
C CYS J 214 43.32 -62.71 14.33
N LEU J 215 44.26 -61.88 13.91
CA LEU J 215 45.60 -62.34 13.57
C LEU J 215 46.66 -61.62 14.40
N VAL K 9 45.93 -19.60 21.34
CA VAL K 9 47.20 -19.28 21.97
C VAL K 9 47.96 -20.55 22.35
N LEU K 10 47.29 -21.41 23.12
CA LEU K 10 47.91 -22.66 23.56
C LEU K 10 48.25 -23.56 22.38
N GLY K 11 47.35 -23.62 21.39
CA GLY K 11 47.58 -24.45 20.23
C GLY K 11 48.46 -23.80 19.19
N GLY K 12 49.50 -23.10 19.65
CA GLY K 12 50.46 -22.48 18.75
C GLY K 12 51.87 -22.52 19.28
N VAL K 13 52.14 -23.41 20.23
CA VAL K 13 53.43 -23.51 20.89
C VAL K 13 53.97 -24.92 20.68
N ASN K 14 55.19 -25.00 20.13
CA ASN K 14 55.90 -26.26 19.99
C ASN K 14 57.37 -26.04 20.33
N LYS K 15 58.05 -27.13 20.70
CA LYS K 15 59.44 -27.02 21.10
C LYS K 15 60.37 -26.65 19.94
N HIS K 16 59.89 -26.74 18.69
CA HIS K 16 60.67 -26.32 17.53
C HIS K 16 60.27 -24.95 17.02
N SER K 17 59.33 -24.27 17.66
CA SER K 17 58.85 -22.99 17.18
C SER K 17 59.78 -21.86 17.62
N THR K 18 60.09 -20.96 16.68
CA THR K 18 60.95 -19.82 16.95
C THR K 18 60.10 -18.68 17.52
N SER K 19 60.69 -17.49 17.61
CA SER K 19 59.96 -16.34 18.14
C SER K 19 58.83 -15.92 17.21
N ILE K 20 59.02 -16.10 15.90
CA ILE K 20 58.00 -15.69 14.93
C ILE K 20 56.71 -16.48 15.17
N GLY K 21 56.82 -17.80 15.27
CA GLY K 21 55.64 -18.62 15.49
C GLY K 21 55.02 -18.39 16.86
N LYS K 22 55.85 -18.19 17.89
CA LYS K 22 55.34 -18.09 19.24
C LYS K 22 54.59 -16.78 19.47
N ILE K 23 55.07 -15.69 18.89
CA ILE K 23 54.58 -14.34 19.22
C ILE K 23 53.83 -13.72 18.03
N TRP K 24 54.53 -13.49 16.92
CA TRP K 24 53.97 -12.68 15.85
C TRP K 24 52.78 -13.37 15.18
N LEU K 25 52.92 -14.65 14.87
CA LEU K 25 51.82 -15.37 14.22
C LEU K 25 50.62 -15.51 15.14
N THR K 26 50.87 -15.72 16.43
CA THR K 26 49.76 -15.84 17.39
C THR K 26 49.00 -14.53 17.51
N VAL K 27 49.71 -13.40 17.56
CA VAL K 27 49.05 -12.11 17.68
C VAL K 27 48.23 -11.81 16.43
N LEU K 28 48.78 -12.08 15.25
CA LEU K 28 48.08 -11.81 14.02
C LEU K 28 46.81 -12.65 13.90
N PHE K 29 46.87 -13.91 14.35
CA PHE K 29 45.68 -14.75 14.32
C PHE K 29 44.59 -14.20 15.22
N ILE K 30 44.95 -13.74 16.42
CA ILE K 30 43.98 -13.10 17.30
C ILE K 30 43.49 -11.80 16.68
N PHE K 31 44.39 -11.08 15.99
CA PHE K 31 44.02 -9.85 15.33
C PHE K 31 42.94 -10.08 14.28
N ARG K 32 43.08 -11.13 13.48
CA ARG K 32 42.10 -11.42 12.44
C ARG K 32 40.77 -11.85 13.04
N ILE K 33 40.80 -12.63 14.13
CA ILE K 33 39.55 -13.05 14.76
C ILE K 33 38.81 -11.85 15.33
N MET K 34 39.53 -10.94 16.00
CA MET K 34 38.88 -9.79 16.62
C MET K 34 38.20 -8.92 15.57
N ILE K 35 38.88 -8.66 14.45
CA ILE K 35 38.30 -7.84 13.39
C ILE K 35 37.05 -8.51 12.82
N LEU K 36 37.10 -9.83 12.63
N LEU K 36 37.11 -9.83 12.61
CA LEU K 36 35.96 -10.55 12.10
CA LEU K 36 36.00 -10.53 12.01
C LEU K 36 34.75 -10.47 13.03
C LEU K 36 34.81 -10.63 12.95
N VAL K 37 34.98 -10.55 14.34
N VAL K 37 35.06 -10.81 14.24
CA VAL K 37 33.88 -10.54 15.29
CA VAL K 37 33.99 -11.12 15.18
C VAL K 37 33.12 -9.22 15.25
C VAL K 37 33.28 -9.86 15.67
N VAL K 38 33.85 -8.11 15.20
N VAL K 38 34.02 -8.92 16.23
CA VAL K 38 33.19 -6.80 15.25
CA VAL K 38 33.41 -7.78 16.92
C VAL K 38 32.58 -6.38 13.91
C VAL K 38 33.26 -6.57 16.00
N ALA K 39 32.94 -7.04 12.82
N ALA K 39 33.80 -6.63 14.79
CA ALA K 39 32.51 -6.62 11.49
CA ALA K 39 33.69 -5.48 13.89
C ALA K 39 31.58 -7.62 10.80
C ALA K 39 32.95 -5.82 12.61
N ALA K 40 31.14 -8.65 11.50
N ALA K 40 33.38 -6.87 11.92
CA ALA K 40 30.33 -9.69 10.87
CA ALA K 40 32.93 -7.09 10.54
C ALA K 40 28.84 -9.43 11.01
C ALA K 40 31.52 -7.66 10.47
N GLU K 41 28.35 -9.37 12.24
N GLU K 41 31.14 -8.52 11.43
CA GLU K 41 26.91 -9.26 12.47
CA GLU K 41 29.90 -9.27 11.30
C GLU K 41 26.36 -7.89 12.14
C GLU K 41 28.68 -8.35 11.25
N ARG K 42 27.22 -6.88 12.02
N ARG K 42 28.74 -7.20 11.92
CA ARG K 42 26.76 -5.50 11.83
CA ARG K 42 27.63 -6.27 11.92
C ARG K 42 27.01 -4.96 10.44
C ARG K 42 27.48 -5.52 10.60
N VAL K 43 28.13 -5.31 9.81
N VAL K 43 28.54 -5.49 9.78
CA VAL K 43 28.42 -4.76 8.49
CA VAL K 43 28.49 -4.79 8.51
C VAL K 43 27.74 -5.59 7.40
C VAL K 43 27.74 -5.59 7.44
N TRP K 44 27.84 -6.91 7.48
CA TRP K 44 27.25 -7.79 6.48
C TRP K 44 25.88 -8.31 6.89
N GLY K 45 25.28 -7.75 7.95
CA GLY K 45 24.03 -8.28 8.45
C GLY K 45 22.87 -8.13 7.46
N ASP K 46 22.77 -6.97 6.82
CA ASP K 46 21.66 -6.67 5.91
C ASP K 46 22.09 -6.72 4.45
N GLU K 47 22.95 -7.68 4.09
CA GLU K 47 23.47 -7.72 2.73
C GLU K 47 22.37 -7.96 1.71
N GLN K 48 21.45 -8.88 1.98
CA GLN K 48 20.34 -9.13 1.06
C GLN K 48 19.10 -8.33 1.38
N GLN K 49 18.86 -8.05 2.66
CA GLN K 49 17.66 -7.30 3.04
C GLN K 49 17.68 -5.90 2.46
N ASP K 50 18.85 -5.26 2.42
CA ASP K 50 18.99 -3.91 1.90
C ASP K 50 19.54 -3.89 0.47
N PHE K 51 19.42 -5.00 -0.25
CA PHE K 51 19.78 -5.07 -1.66
C PHE K 51 18.58 -4.61 -2.47
N VAL K 52 18.69 -3.42 -3.06
CA VAL K 52 17.56 -2.75 -3.71
C VAL K 52 17.75 -2.81 -5.21
N CYS K 53 16.73 -3.29 -5.91
CA CYS K 53 16.74 -3.39 -7.37
C CYS K 53 15.59 -2.56 -7.95
N ASN K 54 15.86 -1.86 -9.05
CA ASN K 54 14.87 -1.00 -9.69
C ASN K 54 14.08 -1.83 -10.69
N THR K 55 13.07 -2.54 -10.17
CA THR K 55 12.24 -3.39 -11.00
C THR K 55 10.96 -3.73 -10.27
N LEU K 56 9.99 -4.23 -11.02
CA LEU K 56 8.74 -4.76 -10.46
C LEU K 56 8.62 -6.26 -10.65
N GLN K 57 9.66 -6.92 -11.14
CA GLN K 57 9.61 -8.34 -11.42
C GLN K 57 9.80 -9.14 -10.14
N PRO K 58 8.86 -10.00 -9.75
CA PRO K 58 9.08 -10.87 -8.59
C PRO K 58 10.21 -11.84 -8.84
N GLY K 59 11.05 -12.04 -7.83
CA GLY K 59 12.15 -12.97 -7.91
C GLY K 59 13.44 -12.40 -8.47
N CYS K 60 13.42 -11.17 -8.98
CA CYS K 60 14.63 -10.59 -9.54
C CYS K 60 15.64 -10.24 -8.46
N ARG K 61 15.15 -9.84 -7.28
CA ARG K 61 16.06 -9.53 -6.17
C ARG K 61 16.85 -10.75 -5.75
N ASN K 62 16.19 -11.91 -5.66
CA ASN K 62 16.86 -13.12 -5.20
C ASN K 62 17.93 -13.57 -6.19
N VAL K 63 17.60 -13.60 -7.48
CA VAL K 63 18.54 -14.12 -8.46
C VAL K 63 19.71 -13.17 -8.68
N CYS K 64 19.47 -11.86 -8.62
CA CYS K 64 20.55 -10.91 -8.86
C CYS K 64 21.53 -10.87 -7.69
N TYR K 65 21.02 -10.95 -6.46
CA TYR K 65 21.92 -11.00 -5.31
C TYR K 65 22.76 -12.27 -5.33
N ASP K 66 22.13 -13.41 -5.64
CA ASP K 66 22.86 -14.67 -5.67
C ASP K 66 23.87 -14.70 -6.80
N HIS K 67 23.61 -13.98 -7.90
CA HIS K 67 24.52 -13.99 -9.03
C HIS K 67 25.80 -13.22 -8.72
N PHE K 68 25.69 -12.10 -7.99
CA PHE K 68 26.84 -11.25 -7.75
C PHE K 68 27.55 -11.55 -6.45
N PHE K 69 26.91 -12.23 -5.51
CA PHE K 69 27.52 -12.61 -4.23
C PHE K 69 27.26 -14.10 -3.99
N PRO K 70 27.91 -14.98 -4.77
CA PRO K 70 27.67 -16.42 -4.57
C PRO K 70 28.07 -16.90 -3.19
N ILE K 71 29.13 -16.34 -2.61
CA ILE K 71 29.51 -16.61 -1.23
C ILE K 71 29.82 -15.27 -0.58
N SER K 72 29.26 -15.06 0.61
CA SER K 72 29.48 -13.80 1.32
C SER K 72 30.94 -13.66 1.75
N HIS K 73 31.39 -12.41 1.84
CA HIS K 73 32.78 -12.16 2.21
C HIS K 73 33.10 -12.69 3.59
N ILE K 74 32.21 -12.49 4.55
CA ILE K 74 32.47 -12.92 5.92
C ILE K 74 32.52 -14.44 6.01
N ARG K 75 31.68 -15.13 5.22
CA ARG K 75 31.72 -16.59 5.24
C ARG K 75 33.02 -17.13 4.65
N LEU K 76 33.56 -16.45 3.64
CA LEU K 76 34.85 -16.86 3.08
C LEU K 76 35.97 -16.72 4.10
N TRP K 77 35.98 -15.61 4.85
CA TRP K 77 37.02 -15.40 5.85
C TRP K 77 36.87 -16.37 7.02
N ALA K 78 35.62 -16.68 7.39
CA ALA K 78 35.41 -17.66 8.46
C ALA K 78 35.93 -19.03 8.05
N LEU K 79 35.68 -19.44 6.80
CA LEU K 79 36.21 -20.71 6.33
C LEU K 79 37.73 -20.71 6.32
N GLN K 80 38.35 -19.59 5.90
CA GLN K 80 39.80 -19.53 5.84
C GLN K 80 40.42 -19.66 7.22
N LEU K 81 39.83 -18.99 8.23
CA LEU K 81 40.36 -19.07 9.58
C LEU K 81 40.27 -20.49 10.12
N ILE K 82 39.19 -21.19 9.82
CA ILE K 82 39.04 -22.58 10.25
C ILE K 82 40.09 -23.46 9.60
N PHE K 83 40.35 -23.25 8.31
CA PHE K 83 41.29 -24.11 7.60
C PHE K 83 42.72 -23.88 8.06
N VAL K 84 43.13 -22.62 8.21
CA VAL K 84 44.52 -22.33 8.55
C VAL K 84 44.82 -22.67 10.01
N SER K 85 43.80 -22.83 10.85
CA SER K 85 44.02 -23.22 12.23
C SER K 85 43.94 -24.72 12.44
N THR K 86 43.50 -25.48 11.43
CA THR K 86 43.44 -26.93 11.56
C THR K 86 44.82 -27.57 11.70
N PRO K 87 45.84 -27.24 10.90
CA PRO K 87 47.14 -27.89 11.10
C PRO K 87 47.73 -27.66 12.49
N ALA K 88 47.52 -26.48 13.07
CA ALA K 88 47.98 -26.23 14.42
C ALA K 88 47.28 -27.14 15.42
N LEU K 89 45.97 -27.34 15.23
CA LEU K 89 45.23 -28.23 16.13
C LEU K 89 45.70 -29.68 15.97
N LEU K 90 46.00 -30.11 14.76
CA LEU K 90 46.47 -31.47 14.54
C LEU K 90 47.82 -31.70 15.21
N VAL K 91 48.70 -30.71 15.17
CA VAL K 91 50.02 -30.86 15.79
C VAL K 91 49.89 -31.02 17.29
N ALA K 92 49.01 -30.23 17.92
CA ALA K 92 48.86 -30.29 19.37
C ALA K 92 48.39 -31.66 19.83
N MET K 93 47.44 -32.25 19.12
CA MET K 93 46.97 -33.59 19.49
C MET K 93 48.07 -34.63 19.32
N HIS K 94 48.86 -34.51 18.26
CA HIS K 94 49.96 -35.45 18.06
C HIS K 94 50.99 -35.34 19.18
N VAL K 95 51.25 -34.12 19.66
CA VAL K 95 52.19 -33.94 20.76
C VAL K 95 51.68 -34.62 22.02
N ALA K 96 50.40 -34.43 22.33
CA ALA K 96 49.81 -35.05 23.52
C ALA K 96 49.83 -36.57 23.41
N TYR K 97 49.50 -37.10 22.23
CA TYR K 97 49.52 -38.54 22.05
C TYR K 97 50.92 -39.11 22.18
N THR K 98 51.91 -38.43 21.61
CA THR K 98 53.29 -38.87 21.75
C THR K 98 53.78 -38.74 23.19
N ARG K 99 53.41 -37.64 23.86
CA ARG K 99 53.82 -37.44 25.24
C ARG K 99 53.19 -38.49 26.16
N HIS K 100 51.93 -38.84 25.93
CA HIS K 100 51.30 -39.90 26.71
C HIS K 100 51.98 -41.25 26.47
N GLU K 101 52.30 -41.56 25.21
CA GLU K 101 52.91 -42.85 24.89
C GLU K 101 54.31 -42.95 25.49
N ARG K 102 55.09 -41.87 25.42
CA ARG K 102 56.46 -41.92 25.91
C ARG K 102 56.51 -42.21 27.41
N LYS K 103 55.64 -41.56 28.19
CA LYS K 103 55.60 -41.82 29.62
C LYS K 103 55.10 -43.23 29.91
N ARG K 104 54.09 -43.68 29.17
CA ARG K 104 53.49 -44.99 29.44
C ARG K 104 54.50 -46.11 29.21
N ARG K 105 55.28 -46.04 28.14
CA ARG K 105 56.27 -47.07 27.86
C ARG K 105 57.57 -46.80 28.63
N ARG K 125 65.43 -32.97 16.55
CA ARG K 125 64.63 -33.35 15.40
C ARG K 125 63.69 -34.50 15.74
N GLY K 126 63.61 -35.49 14.86
CA GLY K 126 62.77 -36.64 15.09
C GLY K 126 61.43 -36.53 14.40
N PRO K 127 60.40 -37.12 15.01
CA PRO K 127 59.07 -37.09 14.40
C PRO K 127 58.37 -35.75 14.58
N LEU K 128 58.65 -35.08 15.70
CA LEU K 128 58.04 -33.78 15.97
C LEU K 128 58.51 -32.73 14.97
N TRP K 129 59.75 -32.82 14.51
CA TRP K 129 60.27 -31.84 13.55
C TRP K 129 59.50 -31.91 12.24
N TRP K 130 59.21 -33.12 11.76
CA TRP K 130 58.53 -33.27 10.48
C TRP K 130 57.06 -32.83 10.59
N THR K 131 56.41 -33.13 11.71
CA THR K 131 55.02 -32.73 11.88
C THR K 131 54.89 -31.21 11.91
N TYR K 132 55.78 -30.53 12.63
CA TYR K 132 55.73 -29.08 12.69
C TYR K 132 56.05 -28.47 11.33
N THR K 133 57.04 -29.01 10.62
CA THR K 133 57.38 -28.49 9.31
C THR K 133 56.24 -28.68 8.31
N CYS K 134 55.58 -29.84 8.37
CA CYS K 134 54.48 -30.10 7.45
C CYS K 134 53.30 -29.16 7.73
N SER K 135 53.04 -28.86 9.00
CA SER K 135 51.93 -27.97 9.34
C SER K 135 52.16 -26.57 8.79
N ILE K 136 53.41 -26.10 8.82
CA ILE K 136 53.72 -24.78 8.27
C ILE K 136 53.46 -24.75 6.77
N PHE K 137 53.82 -25.83 6.08
CA PHE K 137 53.61 -25.88 4.63
C PHE K 137 52.13 -25.80 4.29
N PHE K 138 51.29 -26.52 5.03
CA PHE K 138 49.86 -26.52 4.74
C PHE K 138 49.22 -25.18 5.08
N ARG K 139 49.76 -24.46 6.06
CA ARG K 139 49.24 -23.13 6.37
C ARG K 139 49.47 -22.17 5.22
N ILE K 140 50.64 -22.27 4.56
CA ILE K 140 50.91 -21.42 3.41
C ILE K 140 49.96 -21.76 2.26
N VAL K 141 49.73 -23.05 2.03
CA VAL K 141 48.89 -23.46 0.90
C VAL K 141 47.46 -22.99 1.10
N PHE K 142 46.92 -23.17 2.32
CA PHE K 142 45.55 -22.75 2.58
C PHE K 142 45.41 -21.24 2.49
N GLU K 143 46.41 -20.49 2.98
CA GLU K 143 46.37 -19.04 2.86
C GLU K 143 46.37 -18.60 1.41
N ALA K 144 47.22 -19.21 0.58
CA ALA K 144 47.31 -18.80 -0.82
C ALA K 144 46.04 -19.17 -1.59
N VAL K 145 45.48 -20.35 -1.30
CA VAL K 145 44.31 -20.81 -2.03
C VAL K 145 43.12 -19.87 -1.81
N PHE K 146 42.91 -19.44 -0.57
CA PHE K 146 41.74 -18.64 -0.26
C PHE K 146 41.82 -17.24 -0.86
N MET K 147 43.01 -16.65 -0.93
CA MET K 147 43.14 -15.35 -1.58
C MET K 147 42.99 -15.46 -3.09
N TYR K 148 43.46 -16.55 -3.69
CA TYR K 148 43.22 -16.75 -5.12
C TYR K 148 41.74 -16.93 -5.41
N VAL K 149 41.02 -17.67 -4.57
CA VAL K 149 39.58 -17.82 -4.74
C VAL K 149 38.89 -16.47 -4.64
N PHE K 150 39.38 -15.60 -3.76
CA PHE K 150 38.80 -14.27 -3.63
C PHE K 150 38.97 -13.47 -4.93
N TYR K 151 40.15 -13.52 -5.54
CA TYR K 151 40.39 -12.76 -6.76
C TYR K 151 39.70 -13.39 -7.96
N TYR K 152 39.57 -14.72 -7.98
CA TYR K 152 38.85 -15.38 -9.06
C TYR K 152 37.35 -15.07 -9.00
N MET K 153 36.84 -14.79 -7.81
CA MET K 153 35.41 -14.65 -7.57
C MET K 153 34.94 -13.20 -7.54
N TYR K 154 35.75 -12.29 -7.01
CA TYR K 154 35.37 -10.89 -6.87
C TYR K 154 36.34 -9.94 -7.55
N ASP K 155 37.28 -10.46 -8.34
CA ASP K 155 38.23 -9.73 -9.18
C ASP K 155 38.70 -8.40 -8.59
N GLY K 156 39.10 -8.41 -7.33
CA GLY K 156 39.64 -7.23 -6.69
C GLY K 156 39.08 -7.07 -5.29
N TYR K 157 39.40 -5.94 -4.68
CA TYR K 157 38.95 -5.63 -3.33
C TYR K 157 37.86 -4.56 -3.28
N GLN K 158 37.58 -3.90 -4.41
CA GLN K 158 36.64 -2.78 -4.43
C GLN K 158 35.23 -3.30 -4.68
N MET K 159 34.34 -3.05 -3.72
CA MET K 159 32.93 -3.42 -3.87
C MET K 159 32.18 -2.30 -4.59
N PRO K 160 31.49 -2.59 -5.68
CA PRO K 160 30.81 -1.53 -6.44
C PRO K 160 29.53 -1.07 -5.77
N ARG K 161 29.15 0.17 -6.10
CA ARG K 161 27.86 0.70 -5.65
C ARG K 161 26.71 0.12 -6.46
N LEU K 162 26.94 -0.12 -7.75
CA LEU K 162 25.90 -0.55 -8.68
C LEU K 162 26.32 -1.82 -9.39
N VAL K 163 25.37 -2.75 -9.52
CA VAL K 163 25.57 -3.97 -10.29
C VAL K 163 24.44 -4.07 -11.31
N LYS K 164 24.77 -4.47 -12.53
CA LYS K 164 23.81 -4.61 -13.62
C LYS K 164 23.60 -6.10 -13.88
N CYS K 165 22.37 -6.56 -13.70
CA CYS K 165 22.04 -7.98 -13.67
C CYS K 165 21.03 -8.29 -14.76
N ASP K 166 21.28 -9.35 -15.53
CA ASP K 166 20.40 -9.73 -16.62
C ASP K 166 19.99 -11.21 -16.55
N ALA K 167 20.11 -11.83 -15.39
CA ALA K 167 19.71 -13.22 -15.25
C ALA K 167 18.18 -13.33 -15.25
N TRP K 168 17.69 -14.43 -15.79
CA TRP K 168 16.26 -14.70 -15.76
C TRP K 168 15.79 -14.82 -14.32
N PRO K 169 14.61 -14.28 -13.98
CA PRO K 169 13.58 -13.67 -14.84
C PRO K 169 13.68 -12.16 -14.99
N CYS K 170 14.79 -11.53 -14.68
CA CYS K 170 14.88 -10.08 -14.78
C CYS K 170 14.80 -9.65 -16.24
N PRO K 171 13.92 -8.69 -16.57
CA PRO K 171 13.78 -8.29 -17.98
C PRO K 171 14.87 -7.31 -18.40
N ASN K 172 15.51 -7.61 -19.52
CA ASN K 172 16.60 -6.80 -20.08
C ASN K 172 17.70 -6.70 -19.02
N VAL K 173 18.15 -5.51 -18.65
CA VAL K 173 19.19 -5.33 -17.63
C VAL K 173 18.61 -4.47 -16.52
N VAL K 174 18.80 -4.91 -15.28
CA VAL K 174 18.20 -4.28 -14.11
C VAL K 174 19.31 -3.70 -13.24
N ASP K 175 19.11 -2.46 -12.78
CA ASP K 175 20.04 -1.83 -11.85
C ASP K 175 19.75 -2.27 -10.43
N CYS K 176 20.77 -2.71 -9.71
CA CYS K 176 20.65 -3.08 -8.31
C CYS K 176 21.75 -2.38 -7.52
N PHE K 177 21.44 -2.04 -6.27
CA PHE K 177 22.30 -1.22 -5.44
C PHE K 177 22.73 -1.98 -4.20
N VAL K 178 24.03 -1.94 -3.91
CA VAL K 178 24.65 -2.69 -2.83
C VAL K 178 24.56 -1.89 -1.53
N SER K 179 24.55 -2.60 -0.41
CA SER K 179 24.47 -1.97 0.91
C SER K 179 25.86 -1.79 1.48
N ARG K 180 26.15 -0.56 1.93
CA ARG K 180 27.42 -0.19 2.55
C ARG K 180 28.66 -0.63 1.74
N PRO K 181 28.75 -0.25 0.46
CA PRO K 181 29.91 -0.67 -0.33
C PRO K 181 31.23 -0.12 0.19
N THR K 182 31.26 1.08 0.74
CA THR K 182 32.53 1.67 1.16
C THR K 182 33.07 1.00 2.42
N GLU K 183 32.20 0.74 3.41
CA GLU K 183 32.65 0.09 4.62
C GLU K 183 33.10 -1.34 4.35
N LYS K 184 32.41 -2.05 3.45
CA LYS K 184 32.81 -3.40 3.11
C LYS K 184 34.14 -3.42 2.37
N THR K 185 34.42 -2.39 1.57
CA THR K 185 35.71 -2.30 0.90
C THR K 185 36.84 -2.11 1.92
N THR K 186 36.61 -1.28 2.94
CA THR K 186 37.65 -1.00 3.93
C THR K 186 38.05 -2.26 4.68
N PHE K 187 37.07 -3.06 5.09
CA PHE K 187 37.38 -4.29 5.83
C PHE K 187 37.98 -5.35 4.93
N THR K 188 37.63 -5.35 3.65
CA THR K 188 38.26 -6.28 2.71
C THR K 188 39.75 -6.02 2.60
N ILE K 189 40.14 -4.74 2.59
CA ILE K 189 41.57 -4.39 2.53
C ILE K 189 42.29 -4.88 3.78
N PHE K 190 41.65 -4.74 4.94
CA PHE K 190 42.27 -5.16 6.20
C PHE K 190 42.56 -6.65 6.21
N MET K 191 41.58 -7.47 5.84
CA MET K 191 41.76 -8.92 5.89
C MET K 191 42.75 -9.38 4.83
N LEU K 192 42.74 -8.77 3.64
CA LEU K 192 43.70 -9.14 2.61
C LEU K 192 45.12 -8.79 3.03
N ALA K 193 45.31 -7.62 3.65
CA ALA K 193 46.64 -7.21 4.06
C ALA K 193 47.19 -8.11 5.16
N VAL K 194 46.37 -8.44 6.16
CA VAL K 194 46.84 -9.28 7.25
C VAL K 194 47.10 -10.70 6.76
N SER K 195 46.25 -11.20 5.87
CA SER K 195 46.47 -12.53 5.30
C SER K 195 47.77 -12.58 4.51
N GLY K 196 48.07 -11.52 3.76
CA GLY K 196 49.34 -11.47 3.05
C GLY K 196 50.54 -11.43 3.99
N ILE K 197 50.42 -10.69 5.08
CA ILE K 197 51.50 -10.63 6.06
C ILE K 197 51.68 -12.00 6.72
N CYS K 198 50.58 -12.69 7.02
CA CYS K 198 50.67 -14.00 7.65
C CYS K 198 51.37 -15.00 6.75
N MET K 199 51.12 -14.92 5.44
CA MET K 199 51.81 -15.82 4.51
C MET K 199 53.31 -15.55 4.48
N MET K 200 53.70 -14.28 4.53
CA MET K 200 55.13 -13.94 4.53
C MET K 200 55.80 -14.45 5.79
N LEU K 201 55.16 -14.29 6.95
CA LEU K 201 55.75 -14.76 8.19
C LEU K 201 55.90 -16.27 8.20
N ASN K 202 54.90 -16.99 7.69
CA ASN K 202 55.00 -18.45 7.60
C ASN K 202 56.13 -18.86 6.67
N LEU K 203 56.30 -18.15 5.56
CA LEU K 203 57.39 -18.47 4.65
C LEU K 203 58.74 -18.23 5.30
N ALA K 204 58.87 -17.14 6.07
CA ALA K 204 60.13 -16.84 6.73
C ALA K 204 60.48 -17.93 7.74
N GLU K 205 59.50 -18.40 8.51
CA GLU K 205 59.76 -19.46 9.48
C GLU K 205 60.16 -20.76 8.79
N LEU K 206 59.53 -21.07 7.66
CA LEU K 206 59.89 -22.27 6.92
C LEU K 206 61.33 -22.21 6.43
N CYS K 207 61.76 -21.04 5.93
CA CYS K 207 63.14 -20.90 5.49
C CYS K 207 64.11 -20.96 6.66
N TYR K 208 63.71 -20.44 7.82
CA TYR K 208 64.58 -20.46 8.99
C TYR K 208 64.89 -21.89 9.43
N LEU K 209 63.87 -22.76 9.41
CA LEU K 209 64.08 -24.13 9.84
C LEU K 209 64.88 -24.93 8.82
N VAL K 210 64.65 -24.69 7.53
CA VAL K 210 65.30 -25.47 6.49
C VAL K 210 66.80 -25.19 6.46
N ILE K 211 67.18 -23.91 6.45
CA ILE K 211 68.59 -23.57 6.36
C ILE K 211 69.33 -23.98 7.63
N LYS K 212 68.68 -23.90 8.79
CA LYS K 212 69.33 -24.29 10.03
C LYS K 212 69.69 -25.78 10.03
N VAL K 213 68.75 -26.62 9.58
CA VAL K 213 69.04 -28.05 9.53
C VAL K 213 70.00 -28.37 8.39
N CYS K 214 69.95 -27.63 7.30
CA CYS K 214 70.84 -27.90 6.18
C CYS K 214 72.27 -27.43 6.47
N LEU K 215 72.41 -26.25 7.07
CA LEU K 215 73.72 -25.70 7.37
C LEU K 215 73.87 -25.41 8.86
N VAL L 9 43.50 -6.34 31.89
CA VAL L 9 44.10 -6.03 33.18
C VAL L 9 45.46 -6.72 33.31
N LEU L 10 45.48 -8.04 33.11
CA LEU L 10 46.72 -8.79 33.22
C LEU L 10 47.72 -8.35 32.16
N GLY L 11 47.26 -8.09 30.95
CA GLY L 11 48.14 -7.67 29.88
C GLY L 11 48.48 -6.19 29.92
N GLY L 12 48.67 -5.66 31.12
CA GLY L 12 49.05 -4.27 31.28
C GLY L 12 50.02 -4.05 32.43
N VAL L 13 50.69 -5.12 32.85
CA VAL L 13 51.61 -5.07 33.99
C VAL L 13 52.99 -5.50 33.51
N ASN L 14 53.98 -4.66 33.75
CA ASN L 14 55.37 -4.97 33.49
C ASN L 14 56.22 -4.46 34.65
N LYS L 15 57.40 -5.05 34.81
CA LYS L 15 58.27 -4.66 35.92
C LYS L 15 58.83 -3.26 35.76
N HIS L 16 58.71 -2.64 34.58
CA HIS L 16 59.14 -1.26 34.37
C HIS L 16 57.97 -0.28 34.39
N SER L 17 56.75 -0.74 34.63
CA SER L 17 55.58 0.13 34.59
C SER L 17 55.42 0.88 35.90
N THR L 18 55.15 2.18 35.81
CA THR L 18 54.93 3.01 36.97
C THR L 18 53.46 2.93 37.41
N SER L 19 53.06 3.81 38.32
CA SER L 19 51.68 3.81 38.79
C SER L 19 50.72 4.21 37.69
N ILE L 20 51.13 5.10 36.79
CA ILE L 20 50.26 5.55 35.72
C ILE L 20 49.86 4.39 34.82
N GLY L 21 50.85 3.60 34.38
CA GLY L 21 50.54 2.46 33.53
C GLY L 21 49.77 1.37 34.25
N LYS L 22 50.07 1.15 35.53
CA LYS L 22 49.46 0.05 36.26
C LYS L 22 47.99 0.33 36.58
N ILE L 23 47.66 1.57 36.91
CA ILE L 23 46.35 1.90 37.45
C ILE L 23 45.54 2.77 36.49
N TRP L 24 46.01 3.97 36.19
CA TRP L 24 45.19 4.94 35.48
C TRP L 24 44.90 4.50 34.05
N LEU L 25 45.93 4.03 33.34
CA LEU L 25 45.72 3.60 31.96
C LEU L 25 44.84 2.37 31.88
N THR L 26 44.99 1.44 32.84
CA THR L 26 44.16 0.25 32.84
C THR L 26 42.70 0.59 33.09
N VAL L 27 42.42 1.51 34.02
CA VAL L 27 41.05 1.90 34.31
C VAL L 27 40.41 2.59 33.11
N LEU L 28 41.16 3.49 32.46
CA LEU L 28 40.63 4.19 31.30
C LEU L 28 40.32 3.24 30.16
N PHE L 29 41.16 2.23 29.96
CA PHE L 29 40.90 1.24 28.91
C PHE L 29 39.62 0.47 29.18
N ILE L 30 39.41 0.05 30.44
CA ILE L 30 38.15 -0.60 30.80
C ILE L 30 37.00 0.37 30.67
N PHE L 31 37.24 1.64 30.99
CA PHE L 31 36.20 2.66 30.86
C PHE L 31 35.73 2.78 29.41
N ARG L 32 36.67 2.77 28.46
CA ARG L 32 36.29 2.90 27.06
C ARG L 32 35.55 1.66 26.57
N ILE L 33 35.96 0.48 27.03
CA ILE L 33 35.28 -0.75 26.59
C ILE L 33 33.85 -0.77 27.10
N MET L 34 33.64 -0.42 28.36
CA MET L 34 32.28 -0.46 28.93
C MET L 34 31.35 0.50 28.20
N ILE L 35 31.82 1.71 27.93
CA ILE L 35 30.99 2.69 27.21
C ILE L 35 30.63 2.16 25.82
N LEU L 36 31.60 1.55 25.14
N LEU L 36 31.61 1.58 25.13
CA LEU L 36 31.36 1.03 23.80
CA LEU L 36 31.38 1.11 23.77
C LEU L 36 30.33 -0.10 23.82
C LEU L 36 30.47 -0.12 23.74
N VAL L 37 30.36 -0.94 24.86
N VAL L 37 30.63 -1.02 24.70
CA VAL L 37 29.47 -2.09 24.91
CA VAL L 37 29.96 -2.31 24.65
C VAL L 37 28.02 -1.64 25.05
C VAL L 37 28.53 -2.22 25.17
N VAL L 38 27.75 -0.65 25.90
N VAL L 38 28.35 -1.73 26.40
CA VAL L 38 26.38 -0.24 26.14
CA VAL L 38 27.05 -1.83 27.06
C VAL L 38 25.84 0.70 25.06
C VAL L 38 26.20 -0.57 26.85
N ALA L 39 26.68 1.22 24.19
N ALA L 39 26.78 0.48 26.26
CA ALA L 39 26.27 2.21 23.19
CA ALA L 39 26.01 1.70 26.06
C ALA L 39 26.37 1.71 21.76
C ALA L 39 25.88 2.08 24.59
N ALA L 40 26.68 0.43 21.56
N ALA L 40 27.01 2.15 23.88
CA ALA L 40 26.90 -0.07 20.20
CA ALA L 40 27.02 2.79 22.57
C ALA L 40 25.63 -0.66 19.59
C ALA L 40 26.41 1.90 21.49
N GLU L 41 25.07 -1.70 20.23
N GLU L 41 26.63 0.59 21.56
CA GLU L 41 23.96 -2.42 19.64
CA GLU L 41 26.28 -0.30 20.45
C GLU L 41 22.65 -1.64 19.71
C GLU L 41 24.78 -0.25 20.14
N ARG L 42 22.58 -0.61 20.56
N ARG L 42 23.95 -0.06 21.16
CA ARG L 42 21.33 0.11 20.77
CA ARG L 42 22.50 0.02 20.93
C ARG L 42 21.31 1.49 20.15
C ARG L 42 22.08 1.28 20.22
N VAL L 43 22.42 2.22 20.17
N VAL L 43 22.86 2.36 20.33
CA VAL L 43 22.42 3.57 19.64
CA VAL L 43 22.51 3.61 19.68
C VAL L 43 22.66 3.56 18.14
C VAL L 43 22.65 3.54 18.16
N TRP L 44 23.65 2.82 17.67
CA TRP L 44 23.96 2.75 16.25
C TRP L 44 23.29 1.58 15.55
N GLY L 45 22.36 0.89 16.21
CA GLY L 45 21.77 -0.31 15.64
C GLY L 45 20.97 -0.05 14.39
N ASP L 46 20.19 1.03 14.36
CA ASP L 46 19.30 1.35 13.26
C ASP L 46 19.80 2.52 12.42
N GLU L 47 21.12 2.58 12.21
CA GLU L 47 21.70 3.74 11.52
C GLU L 47 21.21 3.84 10.09
N GLN L 48 21.15 2.71 9.37
CA GLN L 48 20.66 2.74 7.99
C GLN L 48 19.17 2.46 7.91
N GLN L 49 18.63 1.63 8.79
CA GLN L 49 17.22 1.29 8.75
C GLN L 49 16.33 2.51 8.95
N ASP L 50 16.73 3.41 9.86
CA ASP L 50 15.96 4.62 10.14
C ASP L 50 16.56 5.85 9.46
N PHE L 51 17.32 5.65 8.39
CA PHE L 51 17.82 6.74 7.56
C PHE L 51 16.74 7.05 6.52
N VAL L 52 16.09 8.20 6.66
CA VAL L 52 14.91 8.54 5.87
C VAL L 52 15.28 9.64 4.88
N CYS L 53 14.97 9.41 3.61
CA CYS L 53 15.22 10.38 2.55
C CYS L 53 13.92 10.73 1.86
N ASN L 54 13.75 12.03 1.54
CA ASN L 54 12.53 12.53 0.92
C ASN L 54 12.67 12.42 -0.60
N THR L 55 12.39 11.21 -1.10
CA THR L 55 12.50 10.95 -2.53
C THR L 55 11.72 9.68 -2.87
N LEU L 56 11.49 9.48 -4.16
CA LEU L 56 10.89 8.26 -4.67
C LEU L 56 11.87 7.47 -5.55
N GLN L 57 13.12 7.92 -5.63
CA GLN L 57 14.10 7.26 -6.50
C GLN L 57 14.63 6.00 -5.84
N PRO L 58 14.49 4.83 -6.46
CA PRO L 58 15.07 3.61 -5.88
C PRO L 58 16.59 3.70 -5.84
N GLY L 59 17.16 3.22 -4.74
CA GLY L 59 18.60 3.21 -4.56
C GLY L 59 19.20 4.47 -4.01
N CYS L 60 18.41 5.54 -3.85
CA CYS L 60 18.95 6.79 -3.32
C CYS L 60 19.28 6.67 -1.84
N ARG L 61 18.53 5.86 -1.10
CA ARG L 61 18.81 5.66 0.32
C ARG L 61 20.17 4.99 0.52
N ASN L 62 20.49 3.99 -0.30
CA ASN L 62 21.76 3.27 -0.15
C ASN L 62 22.95 4.17 -0.45
N VAL L 63 22.90 4.92 -1.55
CA VAL L 63 24.06 5.70 -1.96
C VAL L 63 24.26 6.90 -1.05
N CYS L 64 23.19 7.50 -0.55
CA CYS L 64 23.34 8.69 0.30
C CYS L 64 23.86 8.32 1.67
N TYR L 65 23.39 7.21 2.24
CA TYR L 65 23.92 6.76 3.51
C TYR L 65 25.40 6.40 3.40
N ASP L 66 25.76 5.70 2.32
CA ASP L 66 27.16 5.31 2.13
C ASP L 66 28.05 6.52 1.88
N HIS L 67 27.51 7.57 1.28
CA HIS L 67 28.31 8.76 0.99
C HIS L 67 28.65 9.52 2.26
N PHE L 68 27.71 9.60 3.20
CA PHE L 68 27.91 10.42 4.39
C PHE L 68 28.44 9.64 5.57
N PHE L 69 28.35 8.32 5.57
CA PHE L 69 28.89 7.48 6.63
C PHE L 69 29.71 6.34 6.02
N PRO L 70 30.86 6.66 5.43
CA PRO L 70 31.67 5.60 4.81
C PRO L 70 32.11 4.53 5.81
N ILE L 71 32.40 4.91 7.04
CA ILE L 71 32.66 3.96 8.11
C ILE L 71 31.87 4.42 9.33
N SER L 72 31.17 3.49 9.97
CA SER L 72 30.38 3.82 11.13
C SER L 72 31.27 4.23 12.31
N HIS L 73 30.72 5.08 13.18
CA HIS L 73 31.50 5.57 14.32
C HIS L 73 31.92 4.42 15.23
N ILE L 74 31.00 3.50 15.52
CA ILE L 74 31.31 2.41 16.45
C ILE L 74 32.36 1.48 15.87
N ARG L 75 32.34 1.25 14.56
CA ARG L 75 33.36 0.42 13.95
C ARG L 75 34.74 1.07 14.01
N LEU L 76 34.80 2.40 13.90
CA LEU L 76 36.07 3.10 14.04
C LEU L 76 36.63 2.97 15.44
N TRP L 77 35.78 3.10 16.46
CA TRP L 77 36.26 2.98 17.84
C TRP L 77 36.64 1.54 18.18
N ALA L 78 35.93 0.57 17.60
CA ALA L 78 36.32 -0.83 17.80
C ALA L 78 37.68 -1.12 17.20
N LEU L 79 37.96 -0.57 16.02
CA LEU L 79 39.27 -0.75 15.41
C LEU L 79 40.36 -0.08 16.24
N GLN L 80 40.08 1.12 16.77
CA GLN L 80 41.08 1.82 17.56
C GLN L 80 41.42 1.06 18.83
N LEU L 81 40.42 0.48 19.49
CA LEU L 81 40.68 -0.29 20.71
C LEU L 81 41.53 -1.52 20.41
N ILE L 82 41.27 -2.17 19.28
CA ILE L 82 42.07 -3.34 18.91
C ILE L 82 43.51 -2.95 18.65
N PHE L 83 43.72 -1.83 17.96
CA PHE L 83 45.08 -1.42 17.59
C PHE L 83 45.89 -1.00 18.82
N VAL L 84 45.29 -0.20 19.71
CA VAL L 84 46.05 0.32 20.83
C VAL L 84 46.30 -0.75 21.89
N SER L 85 45.54 -1.83 21.89
CA SER L 85 45.80 -2.93 22.81
C SER L 85 46.76 -3.98 22.25
N THR L 86 47.08 -3.90 20.96
CA THR L 86 48.03 -4.85 20.38
C THR L 86 49.43 -4.74 20.96
N PRO L 87 50.04 -3.54 21.11
CA PRO L 87 51.38 -3.49 21.70
C PRO L 87 51.46 -4.07 23.10
N ALA L 88 50.41 -3.89 23.90
CA ALA L 88 50.39 -4.49 25.23
C ALA L 88 50.38 -6.00 25.15
N LEU L 89 49.62 -6.56 24.20
CA LEU L 89 49.59 -8.00 24.03
C LEU L 89 50.94 -8.54 23.56
N LEU L 90 51.61 -7.81 22.66
CA LEU L 90 52.91 -8.25 22.16
C LEU L 90 53.94 -8.30 23.29
N VAL L 91 53.92 -7.29 24.16
CA VAL L 91 54.88 -7.25 25.27
C VAL L 91 54.69 -8.44 26.20
N ALA L 92 53.43 -8.78 26.49
CA ALA L 92 53.16 -9.88 27.41
C ALA L 92 53.71 -11.20 26.89
N MET L 93 53.54 -11.47 25.60
CA MET L 93 54.08 -12.70 25.02
C MET L 93 55.61 -12.70 25.06
N HIS L 94 56.23 -11.55 24.80
CA HIS L 94 57.69 -11.48 24.86
C HIS L 94 58.20 -11.76 26.26
N VAL L 95 57.49 -11.29 27.28
CA VAL L 95 57.89 -11.54 28.66
C VAL L 95 57.83 -13.03 28.97
N ALA L 96 56.73 -13.68 28.57
CA ALA L 96 56.59 -15.11 28.81
C ALA L 96 57.65 -15.92 28.08
N TYR L 97 57.93 -15.54 26.82
CA TYR L 97 58.96 -16.25 26.06
C TYR L 97 60.34 -16.07 26.70
N THR L 98 60.66 -14.87 27.14
CA THR L 98 61.94 -14.63 27.80
C THR L 98 62.00 -15.35 29.14
N ARG L 99 60.90 -15.32 29.91
CA ARG L 99 60.86 -16.00 31.20
C ARG L 99 61.02 -17.50 31.04
N HIS L 100 60.39 -18.09 30.02
CA HIS L 100 60.57 -19.51 29.76
C HIS L 100 62.00 -19.83 29.36
N GLU L 101 62.61 -18.99 28.50
CA GLU L 101 63.96 -19.25 28.04
C GLU L 101 64.97 -19.12 29.18
N ARG L 102 64.79 -18.12 30.05
CA ARG L 102 65.74 -17.90 31.13
C ARG L 102 65.78 -19.09 32.09
N LYS L 103 64.61 -19.63 32.45
CA LYS L 103 64.58 -20.78 33.33
C LYS L 103 65.14 -22.02 32.65
N ARG L 104 64.83 -22.21 31.36
CA ARG L 104 65.26 -23.41 30.66
C ARG L 104 66.79 -23.48 30.57
N ARG L 105 67.44 -22.38 30.27
CA ARG L 105 68.90 -22.36 30.17
C ARG L 105 69.53 -22.18 31.55
N ARG L 125 67.24 -2.38 33.39
CA ARG L 125 67.08 -2.15 31.95
C ARG L 125 67.15 -3.46 31.17
N GLY L 126 67.90 -3.45 30.07
CA GLY L 126 68.06 -4.63 29.26
C GLY L 126 67.11 -4.67 28.09
N PRO L 127 66.69 -5.87 27.68
CA PRO L 127 65.79 -5.99 26.53
C PRO L 127 64.36 -5.63 26.88
N LEU L 128 63.95 -5.91 28.12
CA LEU L 128 62.59 -5.61 28.54
C LEU L 128 62.33 -4.11 28.57
N TRP L 129 63.34 -3.30 28.89
CA TRP L 129 63.16 -1.86 28.92
C TRP L 129 62.84 -1.31 27.54
N TRP L 130 63.53 -1.80 26.50
CA TRP L 130 63.29 -1.30 25.16
C TRP L 130 61.94 -1.74 24.62
N THR L 131 61.54 -2.98 24.91
CA THR L 131 60.24 -3.45 24.43
C THR L 131 59.10 -2.66 25.05
N TYR L 132 59.18 -2.39 26.35
CA TYR L 132 58.13 -1.62 27.01
C TYR L 132 58.11 -0.18 26.49
N THR L 133 59.29 0.42 26.30
CA THR L 133 59.35 1.79 25.79
C THR L 133 58.79 1.87 24.38
N CYS L 134 59.11 0.88 23.54
CA CYS L 134 58.62 0.90 22.16
C CYS L 134 57.11 0.74 22.11
N SER L 135 56.55 -0.08 23.01
CA SER L 135 55.10 -0.28 23.02
C SER L 135 54.37 1.01 23.37
N ILE L 136 54.93 1.80 24.29
CA ILE L 136 54.30 3.07 24.65
C ILE L 136 54.31 4.02 23.46
N PHE L 137 55.39 4.03 22.69
CA PHE L 137 55.48 4.91 21.53
C PHE L 137 54.41 4.56 20.49
N PHE L 138 54.19 3.26 20.25
CA PHE L 138 53.21 2.86 19.25
C PHE L 138 51.79 3.12 19.72
N ARG L 139 51.55 3.11 21.03
CA ARG L 139 50.23 3.44 21.54
C ARG L 139 49.89 4.89 21.28
N ILE L 140 50.86 5.79 21.42
CA ILE L 140 50.64 7.20 21.12
C ILE L 140 50.35 7.39 19.63
N VAL L 141 51.10 6.70 18.77
CA VAL L 141 50.93 6.87 17.33
C VAL L 141 49.55 6.41 16.89
N PHE L 142 49.13 5.23 17.38
CA PHE L 142 47.83 4.71 16.98
C PHE L 142 46.70 5.59 17.50
N GLU L 143 46.82 6.10 18.72
CA GLU L 143 45.80 6.98 19.27
C GLU L 143 45.69 8.26 18.47
N ALA L 144 46.82 8.86 18.09
CA ALA L 144 46.79 10.10 17.34
C ALA L 144 46.26 9.89 15.92
N VAL L 145 46.62 8.77 15.30
CA VAL L 145 46.22 8.51 13.92
C VAL L 145 44.70 8.39 13.82
N PHE L 146 44.09 7.69 14.77
CA PHE L 146 42.67 7.39 14.63
C PHE L 146 41.79 8.62 14.82
N MET L 147 42.16 9.55 15.70
CA MET L 147 41.33 10.76 15.80
C MET L 147 41.56 11.71 14.63
N TYR L 148 42.76 11.72 14.06
CA TYR L 148 42.97 12.50 12.85
C TYR L 148 42.11 11.96 11.71
N VAL L 149 42.02 10.63 11.60
CA VAL L 149 41.11 10.03 10.64
C VAL L 149 39.68 10.45 10.92
N PHE L 150 39.32 10.54 12.20
CA PHE L 150 37.98 10.97 12.57
C PHE L 150 37.71 12.40 12.12
N TYR L 151 38.67 13.30 12.33
CA TYR L 151 38.47 14.69 11.93
C TYR L 151 38.57 14.86 10.42
N TYR L 152 39.39 14.06 9.75
CA TYR L 152 39.46 14.12 8.30
C TYR L 152 38.18 13.61 7.65
N MET L 153 37.47 12.73 8.33
CA MET L 153 36.32 12.03 7.77
C MET L 153 34.98 12.63 8.17
N TYR L 154 34.88 13.18 9.39
CA TYR L 154 33.62 13.73 9.89
C TYR L 154 33.75 15.17 10.36
N ASP L 155 34.89 15.82 10.10
CA ASP L 155 35.18 17.24 10.36
C ASP L 155 34.52 17.80 11.62
N GLY L 156 34.62 17.07 12.72
CA GLY L 156 34.11 17.54 13.99
C GLY L 156 33.43 16.42 14.74
N TYR L 157 32.79 16.79 15.85
CA TYR L 157 32.09 15.84 16.70
C TYR L 157 30.57 15.95 16.61
N GLN L 158 30.06 16.97 15.92
CA GLN L 158 28.62 17.25 15.88
C GLN L 158 27.99 16.52 14.70
N MET L 159 27.09 15.59 14.99
CA MET L 159 26.33 14.90 13.94
C MET L 159 25.15 15.76 13.50
N PRO L 160 25.01 16.04 12.21
CA PRO L 160 23.90 16.87 11.75
C PRO L 160 22.58 16.12 11.73
N ARG L 161 21.49 16.90 11.85
CA ARG L 161 20.15 16.33 11.70
C ARG L 161 19.83 16.08 10.23
N LEU L 162 20.31 16.94 9.33
CA LEU L 162 20.00 16.89 7.91
C LEU L 162 21.28 16.81 7.10
N VAL L 163 21.26 15.95 6.07
CA VAL L 163 22.33 15.87 5.10
C VAL L 163 21.71 16.03 3.72
N LYS L 164 22.39 16.78 2.85
CA LYS L 164 21.93 17.03 1.49
C LYS L 164 22.82 16.26 0.53
N CYS L 165 22.24 15.34 -0.22
CA CYS L 165 22.98 14.36 -1.00
C CYS L 165 22.60 14.50 -2.47
N ASP L 166 23.62 14.56 -3.33
CA ASP L 166 23.40 14.72 -4.77
C ASP L 166 24.10 13.65 -5.59
N ALA L 167 24.49 12.54 -4.98
CA ALA L 167 25.14 11.47 -5.71
C ALA L 167 24.13 10.74 -6.60
N TRP L 168 24.61 10.26 -7.74
CA TRP L 168 23.78 9.46 -8.62
C TRP L 168 23.32 8.20 -7.90
N PRO L 169 22.07 7.75 -8.08
CA PRO L 169 21.04 8.24 -8.99
C PRO L 169 20.08 9.26 -8.39
N CYS L 170 20.41 9.91 -7.30
CA CYS L 170 19.48 10.84 -6.68
C CYS L 170 19.31 12.07 -7.56
N PRO L 171 18.08 12.47 -7.88
CA PRO L 171 17.87 13.61 -8.78
C PRO L 171 18.03 14.93 -8.03
N ASN L 172 18.84 15.83 -8.59
CA ASN L 172 19.12 17.15 -8.03
C ASN L 172 19.69 16.92 -6.62
N VAL L 173 19.14 17.56 -5.59
CA VAL L 173 19.62 17.40 -4.22
C VAL L 173 18.46 16.84 -3.39
N VAL L 174 18.75 15.82 -2.60
CA VAL L 174 17.74 15.10 -1.81
C VAL L 174 18.02 15.32 -0.34
N ASP L 175 16.98 15.64 0.42
CA ASP L 175 17.10 15.79 1.86
C ASP L 175 17.00 14.43 2.54
N CYS L 176 17.92 14.14 3.44
CA CYS L 176 17.93 12.90 4.20
C CYS L 176 18.13 13.22 5.67
N PHE L 177 17.52 12.40 6.53
CA PHE L 177 17.45 12.67 7.96
C PHE L 177 18.13 11.55 8.74
N VAL L 178 19.02 11.93 9.65
CA VAL L 178 19.83 11.01 10.43
C VAL L 178 19.04 10.54 11.65
N SER L 179 19.35 9.34 12.11
CA SER L 179 18.69 8.75 13.27
C SER L 179 19.49 9.05 14.54
N ARG L 180 18.79 9.57 15.55
CA ARG L 180 19.36 9.91 16.85
C ARG L 180 20.65 10.74 16.76
N PRO L 181 20.62 11.87 16.07
CA PRO L 181 21.86 12.68 15.98
C PRO L 181 22.35 13.21 17.31
N THR L 182 21.45 13.54 18.25
CA THR L 182 21.89 14.14 19.50
C THR L 182 22.57 13.12 20.40
N GLU L 183 22.01 11.92 20.52
CA GLU L 183 22.63 10.90 21.35
C GLU L 183 23.98 10.46 20.79
N LYS L 184 24.08 10.36 19.47
CA LYS L 184 25.35 10.00 18.85
C LYS L 184 26.41 11.07 19.08
N THR L 185 26.00 12.34 19.08
CA THR L 185 26.95 13.42 19.36
C THR L 185 27.49 13.33 20.78
N THR L 186 26.63 12.99 21.74
CA THR L 186 27.06 12.91 23.13
C THR L 186 28.11 11.84 23.34
N PHE L 187 27.90 10.66 22.74
CA PHE L 187 28.86 9.58 22.90
C PHE L 187 30.15 9.85 22.13
N THR L 188 30.07 10.63 21.04
CA THR L 188 31.28 11.01 20.33
C THR L 188 32.18 11.88 21.20
N ILE L 189 31.59 12.80 21.96
CA ILE L 189 32.37 13.66 22.85
C ILE L 189 33.03 12.83 23.94
N PHE L 190 32.33 11.81 24.45
CA PHE L 190 32.89 10.97 25.50
C PHE L 190 34.12 10.22 25.01
N MET L 191 34.03 9.58 23.85
CA MET L 191 35.15 8.80 23.35
C MET L 191 36.32 9.69 22.95
N LEU L 192 36.05 10.85 22.38
CA LEU L 192 37.12 11.77 22.02
C LEU L 192 37.83 12.29 23.26
N ALA L 193 37.08 12.61 24.31
CA ALA L 193 37.69 13.13 25.53
C ALA L 193 38.57 12.08 26.20
N VAL L 194 38.10 10.84 26.28
CA VAL L 194 38.89 9.78 26.93
C VAL L 194 40.11 9.43 26.10
N SER L 195 39.96 9.39 24.78
CA SER L 195 41.11 9.11 23.93
C SER L 195 42.17 10.19 24.05
N GLY L 196 41.75 11.45 24.15
CA GLY L 196 42.72 12.52 24.35
C GLY L 196 43.44 12.42 25.68
N ILE L 197 42.72 12.02 26.73
CA ILE L 197 43.34 11.83 28.04
C ILE L 197 44.32 10.67 27.99
N CYS L 198 44.01 9.62 27.22
CA CYS L 198 44.87 8.45 27.17
C CYS L 198 46.24 8.78 26.59
N MET L 199 46.28 9.61 25.55
CA MET L 199 47.59 10.00 25.00
C MET L 199 48.39 10.81 26.02
N MET L 200 47.73 11.72 26.73
CA MET L 200 48.44 12.55 27.69
C MET L 200 49.06 11.71 28.80
N LEU L 201 48.34 10.69 29.27
CA LEU L 201 48.91 9.76 30.24
C LEU L 201 50.05 8.96 29.62
N ASN L 202 49.88 8.51 28.37
CA ASN L 202 50.94 7.77 27.70
C ASN L 202 52.15 8.65 27.47
N LEU L 203 51.94 9.91 27.08
CA LEU L 203 53.05 10.83 26.88
C LEU L 203 53.79 11.11 28.20
N ALA L 204 53.04 11.26 29.29
CA ALA L 204 53.67 11.50 30.59
C ALA L 204 54.52 10.32 31.01
N GLU L 205 54.03 9.10 30.80
CA GLU L 205 54.80 7.91 31.17
C GLU L 205 56.07 7.80 30.34
N LEU L 206 55.99 8.14 29.05
CA LEU L 206 57.17 8.12 28.20
C LEU L 206 58.21 9.13 28.69
N CYS L 207 57.77 10.32 29.09
CA CYS L 207 58.70 11.32 29.60
C CYS L 207 59.30 10.87 30.93
N TYR L 208 58.51 10.20 31.77
CA TYR L 208 59.01 9.76 33.07
C TYR L 208 60.14 8.76 32.92
N LEU L 209 60.01 7.83 31.96
CA LEU L 209 61.06 6.83 31.78
C LEU L 209 62.30 7.41 31.15
N VAL L 210 62.13 8.35 30.20
CA VAL L 210 63.28 8.88 29.47
C VAL L 210 64.17 9.71 30.39
N ILE L 211 63.57 10.63 31.16
CA ILE L 211 64.37 11.48 32.03
C ILE L 211 65.02 10.68 33.15
N LYS L 212 64.34 9.64 33.65
CA LYS L 212 64.91 8.83 34.72
C LYS L 212 66.18 8.13 34.26
N VAL L 213 66.15 7.55 33.05
CA VAL L 213 67.34 6.87 32.55
C VAL L 213 68.40 7.88 32.13
N CYS L 214 67.99 9.05 31.65
CA CYS L 214 68.96 10.06 31.23
C CYS L 214 69.62 10.73 32.43
N LEU L 215 68.83 11.06 33.45
CA LEU L 215 69.36 11.74 34.63
C LEU L 215 69.08 10.95 35.89
#